data_4HX3
#
_entry.id   4HX3
#
_cell.length_a   116.540
_cell.length_b   121.810
_cell.length_c   130.670
_cell.angle_alpha   90.00
_cell.angle_beta   90.00
_cell.angle_gamma   90.00
#
_symmetry.space_group_name_H-M   'P 21 21 21'
#
loop_
_entity.id
_entity.type
_entity.pdbx_description
1 polymer 'Extracellular small neutral protease'
2 polymer 'Neutral proteinase inhibitor ScNPI'
3 non-polymer 'ZINC ION'
4 non-polymer GLYCEROL
5 water water
#
loop_
_entity_poly.entity_id
_entity_poly.type
_entity_poly.pdbx_seq_one_letter_code
_entity_poly.pdbx_strand_id
1 'polypeptide(L)'
;GPMVTVTYDPSNAPSFQQEIANAAQIWNSSVRNVQLRAGGNADFSYYEGNDSRGSYAQTDGHGRGYIFLDYQQNQQYDST
RVTAHETGHVLGLPDHYQGPCSELMSGGGPGPSCTNPYPNAQERSRVNALWANG
;
A,C,E,G,I,K
2 'polypeptide(L)'
;GSAHGPSAMVFTVIQGSGEPTDTVLRATTLSCAYTAEGTHPAPRAACDALNATDGELNRLLAAPDPSLVCPMYFDPVTVT
ADGVLNGRRVAWKHTFSNTCVMSANLNSNPVYAF
;
B,D,F,H,J,L
#
# COMPACT_ATOMS: atom_id res chain seq x y z
N GLY A 1 7.65 7.20 16.88
CA GLY A 1 7.31 6.01 17.64
C GLY A 1 5.81 5.84 17.91
N PRO A 2 5.33 4.58 18.16
CA PRO A 2 3.89 4.41 18.44
C PRO A 2 3.53 4.88 19.84
N MET A 3 2.29 5.27 20.01
CA MET A 3 1.81 5.64 21.33
C MET A 3 1.57 4.33 22.09
N VAL A 4 1.21 3.25 21.35
CA VAL A 4 0.92 1.91 21.88
C VAL A 4 1.47 0.81 20.95
N THR A 5 1.98 -0.28 21.56
CA THR A 5 2.41 -1.50 20.87
C THR A 5 1.45 -2.62 21.32
N VAL A 6 0.68 -3.17 20.38
CA VAL A 6 -0.30 -4.22 20.63
C VAL A 6 0.32 -5.59 20.30
N THR A 7 0.27 -6.52 21.27
CA THR A 7 0.83 -7.87 21.14
C THR A 7 -0.25 -8.81 20.60
N TYR A 8 0.13 -9.66 19.62
CA TYR A 8 -0.76 -10.65 19.04
C TYR A 8 -0.10 -12.03 19.15
N ASP A 9 -0.93 -13.07 19.33
CA ASP A 9 -0.46 -14.43 19.39
C ASP A 9 -0.93 -15.23 18.15
N PRO A 10 0.03 -15.52 17.22
CA PRO A 10 -0.34 -16.26 16.00
C PRO A 10 -0.20 -17.78 16.13
N SER A 11 0.30 -18.28 17.31
CA SER A 11 0.59 -19.70 17.55
C SER A 11 -0.60 -20.64 17.30
N ASN A 12 -1.85 -20.16 17.50
CA ASN A 12 -2.99 -21.05 17.29
C ASN A 12 -3.53 -21.02 15.87
N ALA A 13 -2.79 -20.45 14.94
CA ALA A 13 -3.14 -20.40 13.52
C ALA A 13 -1.89 -20.80 12.70
N PRO A 14 -1.44 -22.07 12.78
CA PRO A 14 -0.20 -22.48 12.08
C PRO A 14 -0.27 -22.43 10.55
N SER A 15 -1.49 -22.60 10.01
CA SER A 15 -1.72 -22.59 8.55
C SER A 15 -1.71 -21.18 7.98
N PHE A 16 -1.74 -20.12 8.83
CA PHE A 16 -1.78 -18.75 8.37
C PHE A 16 -0.65 -17.89 8.92
N GLN A 17 0.53 -18.51 9.17
CA GLN A 17 1.67 -17.78 9.70
C GLN A 17 2.11 -16.64 8.79
N GLN A 18 2.11 -16.88 7.46
CA GLN A 18 2.56 -15.90 6.50
C GLN A 18 1.57 -14.75 6.36
N GLU A 19 0.26 -15.04 6.30
CA GLU A 19 -0.74 -13.99 6.11
C GLU A 19 -0.88 -13.13 7.37
N ILE A 20 -0.63 -13.71 8.57
CA ILE A 20 -0.65 -12.99 9.85
C ILE A 20 0.53 -11.99 9.87
N ALA A 21 1.71 -12.43 9.41
CA ALA A 21 2.90 -11.58 9.32
C ALA A 21 2.69 -10.50 8.31
N ASN A 22 2.04 -10.84 7.18
CA ASN A 22 1.78 -9.90 6.11
C ASN A 22 0.89 -8.77 6.59
N ALA A 23 -0.14 -9.12 7.37
CA ALA A 23 -1.13 -8.20 7.94
C ALA A 23 -0.47 -7.20 8.85
N ALA A 24 0.44 -7.68 9.74
CA ALA A 24 1.18 -6.86 10.69
C ALA A 24 2.11 -5.92 9.98
N GLN A 25 2.73 -6.39 8.89
CA GLN A 25 3.63 -5.58 8.08
C GLN A 25 2.84 -4.45 7.35
N ILE A 26 1.66 -4.79 6.80
CA ILE A 26 0.79 -3.86 6.07
C ILE A 26 0.35 -2.74 7.03
N TRP A 27 -0.18 -3.11 8.21
CA TRP A 27 -0.64 -2.16 9.21
C TRP A 27 0.48 -1.31 9.82
N ASN A 28 1.63 -1.92 10.21
CA ASN A 28 2.75 -1.19 10.79
C ASN A 28 3.30 -0.13 9.86
N SER A 29 3.29 -0.39 8.54
CA SER A 29 3.74 0.54 7.49
C SER A 29 2.62 1.50 7.00
N SER A 30 1.39 1.32 7.50
CA SER A 30 0.26 2.18 7.14
C SER A 30 -0.10 3.21 8.25
N VAL A 31 0.07 2.85 9.54
CA VAL A 31 -0.29 3.72 10.65
C VAL A 31 0.93 3.97 11.53
N ARG A 32 0.93 5.10 12.24
CA ARG A 32 2.08 5.48 13.07
C ARG A 32 1.81 5.45 14.60
N ASN A 33 0.54 5.65 15.02
CA ASN A 33 0.17 5.78 16.43
C ASN A 33 0.07 4.44 17.18
N VAL A 34 -0.08 3.32 16.45
CA VAL A 34 -0.16 1.98 17.02
C VAL A 34 0.72 1.02 16.15
N GLN A 35 1.42 0.09 16.80
CA GLN A 35 2.25 -0.92 16.13
C GLN A 35 1.88 -2.30 16.64
N LEU A 36 1.92 -3.31 15.75
CA LEU A 36 1.64 -4.70 16.09
C LEU A 36 2.94 -5.48 16.27
N ARG A 37 2.93 -6.36 17.25
CA ARG A 37 4.12 -7.16 17.58
C ARG A 37 3.68 -8.57 17.94
N ALA A 38 4.39 -9.58 17.43
CA ALA A 38 4.10 -10.98 17.78
C ALA A 38 4.62 -11.26 19.19
N GLY A 39 3.87 -12.04 19.96
CA GLY A 39 4.26 -12.39 21.33
C GLY A 39 3.33 -13.35 22.04
N GLY A 40 3.70 -13.67 23.29
CA GLY A 40 3.03 -14.63 24.17
C GLY A 40 1.85 -14.32 25.06
N ASN A 41 1.93 -13.31 25.94
CA ASN A 41 0.81 -12.97 26.85
C ASN A 41 0.07 -11.84 26.15
N ALA A 42 -0.34 -12.16 24.89
CA ALA A 42 -0.91 -11.30 23.88
C ALA A 42 -2.22 -10.64 24.28
N ASP A 43 -2.46 -9.43 23.71
CA ASP A 43 -3.68 -8.65 23.88
C ASP A 43 -4.81 -9.34 23.10
N PHE A 44 -4.49 -9.89 21.91
CA PHE A 44 -5.42 -10.61 21.06
C PHE A 44 -4.72 -11.81 20.40
N SER A 45 -5.51 -12.82 19.96
CA SER A 45 -4.97 -14.04 19.37
C SER A 45 -5.65 -14.41 18.04
N TYR A 46 -4.92 -15.22 17.23
CA TYR A 46 -5.40 -15.76 15.95
C TYR A 46 -5.70 -17.25 16.11
N TYR A 47 -6.87 -17.67 15.61
CA TYR A 47 -7.31 -19.06 15.64
C TYR A 47 -7.68 -19.49 14.23
N GLU A 48 -7.68 -20.80 13.99
CA GLU A 48 -8.05 -21.30 12.68
C GLU A 48 -8.95 -22.53 12.82
N GLY A 49 -9.66 -22.87 11.76
CA GLY A 49 -10.51 -24.04 11.75
C GLY A 49 -11.57 -23.97 10.67
N ASN A 50 -12.72 -24.60 10.94
CA ASN A 50 -13.84 -24.56 10.03
C ASN A 50 -15.04 -23.99 10.74
N ASP A 51 -15.68 -22.99 10.09
CA ASP A 51 -16.90 -22.33 10.55
C ASP A 51 -17.72 -22.04 9.33
N SER A 52 -18.99 -22.38 9.37
CA SER A 52 -19.93 -22.17 8.28
C SER A 52 -20.10 -20.66 7.99
N ARG A 53 -19.76 -19.82 8.98
CA ARG A 53 -19.87 -18.36 8.94
C ARG A 53 -18.67 -17.73 8.27
N GLY A 54 -17.61 -18.51 8.09
CA GLY A 54 -16.36 -18.04 7.50
C GLY A 54 -15.48 -17.40 8.56
N SER A 55 -14.54 -16.55 8.11
CA SER A 55 -13.65 -15.80 8.99
C SER A 55 -14.41 -14.63 9.62
N TYR A 56 -14.02 -14.26 10.85
CA TYR A 56 -14.65 -13.23 11.66
C TYR A 56 -13.68 -12.82 12.76
N ALA A 57 -14.04 -11.78 13.52
CA ALA A 57 -13.30 -11.27 14.67
C ALA A 57 -14.29 -10.95 15.78
N GLN A 58 -13.96 -11.34 17.02
CA GLN A 58 -14.72 -11.03 18.23
C GLN A 58 -13.81 -10.14 19.09
N THR A 59 -14.06 -8.83 19.04
CA THR A 59 -13.18 -7.83 19.68
C THR A 59 -13.93 -6.63 20.29
N ASP A 60 -13.28 -5.96 21.26
CA ASP A 60 -13.73 -4.73 21.89
C ASP A 60 -13.40 -3.52 20.96
N GLY A 61 -12.56 -3.77 19.95
CA GLY A 61 -12.12 -2.77 18.99
C GLY A 61 -10.93 -1.93 19.45
N HIS A 62 -10.24 -2.36 20.52
CA HIS A 62 -9.10 -1.61 21.00
C HIS A 62 -7.99 -2.57 21.45
N GLY A 63 -7.61 -3.43 20.53
CA GLY A 63 -6.50 -4.35 20.69
C GLY A 63 -6.75 -5.68 21.38
N ARG A 64 -7.90 -5.84 22.03
CA ARG A 64 -8.24 -7.07 22.77
C ARG A 64 -9.26 -7.92 21.99
N GLY A 65 -9.23 -9.22 22.22
CA GLY A 65 -10.13 -10.16 21.55
C GLY A 65 -9.43 -11.27 20.79
N TYR A 66 -10.06 -11.73 19.70
CA TYR A 66 -9.52 -12.81 18.88
C TYR A 66 -10.06 -12.73 17.44
N ILE A 67 -9.29 -13.34 16.50
CA ILE A 67 -9.62 -13.44 15.08
C ILE A 67 -9.65 -14.92 14.70
N PHE A 68 -10.71 -15.34 14.03
CA PHE A 68 -10.86 -16.71 13.55
C PHE A 68 -10.78 -16.73 12.05
N LEU A 69 -9.86 -17.53 11.51
CA LEU A 69 -9.63 -17.65 10.08
C LEU A 69 -10.10 -19.05 9.59
N ASP A 70 -11.10 -19.06 8.70
CA ASP A 70 -11.73 -20.27 8.15
C ASP A 70 -10.94 -20.80 6.95
N TYR A 71 -10.77 -22.11 6.92
CA TYR A 71 -10.03 -22.80 5.88
C TYR A 71 -10.63 -22.59 4.47
N GLN A 72 -11.91 -22.96 4.26
CA GLN A 72 -12.58 -22.82 2.96
C GLN A 72 -12.62 -21.39 2.44
N GLN A 73 -12.96 -20.41 3.28
CA GLN A 73 -13.06 -19.02 2.86
C GLN A 73 -11.74 -18.47 2.37
N ASN A 74 -10.65 -18.82 3.06
CA ASN A 74 -9.31 -18.36 2.73
C ASN A 74 -8.72 -19.05 1.48
N GLN A 75 -9.43 -20.05 0.93
CA GLN A 75 -9.11 -20.69 -0.35
C GLN A 75 -9.88 -20.00 -1.50
N GLN A 76 -11.03 -19.34 -1.19
CA GLN A 76 -11.85 -18.66 -2.18
C GLN A 76 -11.53 -17.16 -2.25
N TYR A 77 -11.29 -16.54 -1.08
CA TYR A 77 -10.93 -15.13 -0.97
C TYR A 77 -9.42 -15.02 -0.68
N ASP A 78 -8.78 -13.87 -1.03
CA ASP A 78 -7.34 -13.63 -0.78
C ASP A 78 -7.12 -13.61 0.74
N SER A 79 -6.26 -14.56 1.23
CA SER A 79 -5.95 -14.76 2.64
C SER A 79 -5.35 -13.54 3.31
N THR A 80 -4.46 -12.80 2.63
CA THR A 80 -3.81 -11.61 3.17
C THR A 80 -4.85 -10.50 3.33
N ARG A 81 -5.75 -10.28 2.33
CA ARG A 81 -6.82 -9.29 2.49
C ARG A 81 -7.72 -9.67 3.68
N VAL A 82 -8.08 -10.98 3.80
CA VAL A 82 -8.97 -11.45 4.89
C VAL A 82 -8.32 -11.14 6.22
N THR A 83 -7.04 -11.58 6.42
CA THR A 83 -6.27 -11.40 7.67
C THR A 83 -6.05 -9.91 7.98
N ALA A 84 -5.66 -9.10 6.99
CA ALA A 84 -5.46 -7.66 7.21
C ALA A 84 -6.79 -6.97 7.62
N HIS A 85 -7.90 -7.33 6.91
CA HIS A 85 -9.25 -6.84 7.14
C HIS A 85 -9.68 -7.10 8.57
N GLU A 86 -9.56 -8.36 9.04
CA GLU A 86 -9.98 -8.73 10.38
C GLU A 86 -9.13 -8.05 11.45
N THR A 87 -7.82 -7.84 11.19
CA THR A 87 -6.87 -7.13 12.07
C THR A 87 -7.32 -5.67 12.23
N GLY A 88 -7.99 -5.14 11.19
CA GLY A 88 -8.55 -3.81 11.18
C GLY A 88 -9.64 -3.61 12.21
N HIS A 89 -10.39 -4.69 12.54
CA HIS A 89 -11.48 -4.67 13.52
C HIS A 89 -10.92 -4.57 14.93
N VAL A 90 -9.76 -5.20 15.18
CA VAL A 90 -9.09 -5.22 16.49
C VAL A 90 -8.47 -3.82 16.72
N LEU A 91 -8.13 -3.14 15.61
CA LEU A 91 -7.59 -1.77 15.64
C LEU A 91 -8.72 -0.73 15.78
N GLY A 92 -9.97 -1.19 15.69
CA GLY A 92 -11.16 -0.37 15.93
C GLY A 92 -12.02 0.03 14.74
N LEU A 93 -11.73 -0.50 13.54
CA LEU A 93 -12.51 -0.12 12.37
C LEU A 93 -13.74 -1.02 12.19
N PRO A 94 -14.88 -0.42 11.77
CA PRO A 94 -16.06 -1.26 11.49
C PRO A 94 -16.03 -1.74 10.03
N ASP A 95 -17.00 -2.55 9.63
CA ASP A 95 -17.11 -2.96 8.26
C ASP A 95 -17.85 -1.89 7.46
N HIS A 96 -17.57 -1.77 6.17
CA HIS A 96 -18.32 -0.93 5.23
C HIS A 96 -18.56 -1.78 3.97
N TYR A 97 -19.49 -2.73 4.09
CA TYR A 97 -19.83 -3.70 3.05
C TYR A 97 -20.12 -3.09 1.70
N GLN A 98 -20.72 -1.89 1.66
CA GLN A 98 -21.04 -1.18 0.41
C GLN A 98 -19.83 -0.52 -0.26
N GLY A 99 -18.71 -0.45 0.46
CA GLY A 99 -17.45 0.10 0.00
C GLY A 99 -16.82 -0.67 -1.15
N PRO A 100 -15.90 -0.03 -1.89
CA PRO A 100 -15.23 -0.75 -2.99
C PRO A 100 -14.00 -1.55 -2.54
N CYS A 101 -13.28 -2.14 -3.50
CA CYS A 101 -12.08 -2.94 -3.25
C CYS A 101 -10.96 -2.07 -2.63
N SER A 102 -10.89 -0.77 -2.99
CA SER A 102 -9.91 0.19 -2.49
C SER A 102 -10.05 0.42 -0.96
N GLU A 103 -11.23 0.05 -0.43
CA GLU A 103 -11.56 0.11 0.98
C GLU A 103 -11.36 -1.27 1.57
N LEU A 104 -10.32 -1.43 2.40
CA LEU A 104 -10.01 -2.73 3.02
C LEU A 104 -11.17 -3.19 3.88
N MET A 105 -11.84 -2.26 4.57
CA MET A 105 -12.92 -2.66 5.48
C MET A 105 -14.23 -3.00 4.78
N SER A 106 -14.25 -3.05 3.44
CA SER A 106 -15.42 -3.51 2.72
C SER A 106 -15.47 -5.03 2.70
N GLY A 107 -14.36 -5.66 3.10
CA GLY A 107 -14.20 -7.11 3.20
C GLY A 107 -14.52 -7.87 1.93
N GLY A 108 -15.46 -8.81 2.07
CA GLY A 108 -15.95 -9.66 1.00
C GLY A 108 -17.02 -9.04 0.14
N GLY A 109 -17.46 -7.83 0.50
CA GLY A 109 -18.47 -7.03 -0.20
C GLY A 109 -18.21 -6.92 -1.71
N PRO A 110 -17.03 -6.43 -2.17
CA PRO A 110 -16.76 -6.36 -3.63
C PRO A 110 -16.54 -7.74 -4.33
N GLY A 111 -16.62 -8.84 -3.58
CA GLY A 111 -16.47 -10.20 -4.13
C GLY A 111 -15.09 -10.85 -4.00
N PRO A 112 -14.96 -12.11 -4.48
CA PRO A 112 -13.66 -12.82 -4.33
C PRO A 112 -12.52 -12.32 -5.21
N SER A 113 -12.82 -11.61 -6.31
CA SER A 113 -11.84 -11.05 -7.26
C SER A 113 -10.97 -9.96 -6.63
N CYS A 114 -11.48 -9.33 -5.58
CA CYS A 114 -10.81 -8.27 -4.84
C CYS A 114 -9.61 -8.85 -4.00
N THR A 115 -8.40 -8.33 -4.27
CA THR A 115 -7.16 -8.82 -3.64
C THR A 115 -6.38 -7.73 -2.85
N ASN A 116 -6.87 -6.47 -2.84
CA ASN A 116 -6.23 -5.36 -2.15
C ASN A 116 -6.18 -5.55 -0.62
N PRO A 117 -4.96 -5.63 -0.02
CA PRO A 117 -4.86 -5.81 1.45
C PRO A 117 -4.54 -4.53 2.21
N TYR A 118 -4.40 -3.39 1.51
CA TYR A 118 -3.97 -2.14 2.13
C TYR A 118 -5.13 -1.20 2.50
N PRO A 119 -5.11 -0.63 3.74
CA PRO A 119 -6.17 0.30 4.14
C PRO A 119 -6.05 1.63 3.38
N ASN A 120 -7.18 2.28 3.00
CA ASN A 120 -7.12 3.54 2.26
C ASN A 120 -6.78 4.71 3.19
N ALA A 121 -6.73 5.94 2.64
CA ALA A 121 -6.43 7.19 3.35
C ALA A 121 -7.35 7.40 4.56
N GLN A 122 -8.66 7.31 4.37
CA GLN A 122 -9.60 7.50 5.46
C GLN A 122 -9.39 6.48 6.58
N GLU A 123 -9.14 5.21 6.22
CA GLU A 123 -8.89 4.09 7.15
C GLU A 123 -7.64 4.31 7.98
N ARG A 124 -6.58 4.75 7.34
CA ARG A 124 -5.31 5.04 8.02
C ARG A 124 -5.45 6.21 8.99
N SER A 125 -6.26 7.19 8.62
CA SER A 125 -6.55 8.38 9.41
C SER A 125 -7.41 8.03 10.64
N ARG A 126 -8.41 7.17 10.45
CA ARG A 126 -9.31 6.74 11.51
C ARG A 126 -8.56 5.95 12.61
N VAL A 127 -7.65 5.02 12.19
CA VAL A 127 -6.87 4.21 13.12
C VAL A 127 -5.91 5.12 13.91
N ASN A 128 -5.32 6.14 13.25
CA ASN A 128 -4.43 7.08 13.92
C ASN A 128 -5.18 7.90 14.95
N ALA A 129 -6.42 8.25 14.66
CA ALA A 129 -7.26 9.04 15.56
C ALA A 129 -7.62 8.22 16.79
N LEU A 130 -7.97 6.94 16.60
CA LEU A 130 -8.35 6.01 17.66
C LEU A 130 -7.20 5.67 18.62
N TRP A 131 -5.91 5.66 18.14
CA TRP A 131 -4.75 5.30 18.94
C TRP A 131 -3.89 6.46 19.26
N ALA A 132 -4.41 7.68 19.05
CA ALA A 132 -3.72 8.94 19.31
C ALA A 132 -3.33 9.11 20.78
N ASN A 133 -4.25 8.88 21.74
CA ASN A 133 -3.90 9.06 23.16
C ASN A 133 -3.87 7.70 23.90
N GLY A 134 -3.34 6.69 23.19
CA GLY A 134 -3.28 5.33 23.69
C GLY A 134 -4.59 4.60 23.36
N SER B 2 -19.80 -1.24 21.67
CA SER B 2 -18.60 -1.03 20.86
C SER B 2 -17.96 -2.38 20.48
N ALA B 3 -18.54 -3.48 21.02
CA ALA B 3 -18.10 -4.85 20.76
C ALA B 3 -18.41 -5.24 19.34
N HIS B 4 -17.47 -5.90 18.69
CA HIS B 4 -17.62 -6.35 17.31
C HIS B 4 -17.61 -7.87 17.28
N GLY B 5 -18.52 -8.43 16.49
CA GLY B 5 -18.59 -9.87 16.26
C GLY B 5 -19.40 -10.20 15.01
N PRO B 6 -19.45 -11.48 14.59
CA PRO B 6 -20.29 -11.84 13.43
C PRO B 6 -21.79 -11.88 13.80
N SER B 7 -22.67 -11.60 12.83
CA SER B 7 -24.10 -11.56 13.03
C SER B 7 -24.82 -12.48 12.07
N ALA B 8 -25.89 -13.12 12.54
CA ALA B 8 -26.76 -14.02 11.79
C ALA B 8 -28.16 -13.82 12.34
N MET B 9 -29.00 -13.08 11.60
CA MET B 9 -30.31 -12.66 12.12
C MET B 9 -31.47 -12.96 11.23
N VAL B 10 -32.66 -13.02 11.83
CA VAL B 10 -33.97 -13.10 11.18
C VAL B 10 -34.73 -11.83 11.56
N PHE B 11 -35.28 -11.13 10.55
CA PHE B 11 -36.09 -9.93 10.70
C PHE B 11 -37.49 -10.22 10.18
N THR B 12 -38.53 -9.78 10.89
CA THR B 12 -39.92 -10.03 10.46
C THR B 12 -40.77 -8.82 10.74
N VAL B 13 -41.87 -8.71 9.98
CA VAL B 13 -42.92 -7.74 10.16
C VAL B 13 -44.23 -8.54 10.34
N ILE B 14 -44.94 -8.29 11.44
CA ILE B 14 -46.14 -9.04 11.78
C ILE B 14 -47.31 -8.12 11.92
N GLN B 15 -48.43 -8.55 11.34
CA GLN B 15 -49.72 -7.87 11.35
C GLN B 15 -50.35 -8.02 12.74
N GLY B 16 -50.30 -6.93 13.51
CA GLY B 16 -50.84 -6.91 14.87
C GLY B 16 -49.82 -6.67 15.96
N SER B 17 -50.21 -7.03 17.16
CA SER B 17 -49.50 -6.89 18.43
C SER B 17 -48.28 -7.81 18.55
N GLY B 18 -48.21 -8.84 17.71
CA GLY B 18 -47.12 -9.81 17.77
C GLY B 18 -47.50 -11.06 18.56
N GLU B 19 -48.82 -11.39 18.56
CA GLU B 19 -49.42 -12.56 19.20
C GLU B 19 -49.03 -13.86 18.46
N PRO B 20 -49.15 -15.07 19.08
CA PRO B 20 -48.68 -16.29 18.39
C PRO B 20 -49.36 -16.62 17.05
N THR B 21 -50.65 -16.31 16.93
CA THR B 21 -51.47 -16.59 15.75
C THR B 21 -51.38 -15.48 14.69
N ASP B 22 -50.63 -14.40 14.97
CA ASP B 22 -50.56 -13.25 14.07
C ASP B 22 -49.81 -13.57 12.76
N THR B 23 -50.32 -12.99 11.66
CA THR B 23 -49.80 -13.16 10.31
C THR B 23 -48.47 -12.47 10.16
N VAL B 24 -47.53 -13.22 9.61
CA VAL B 24 -46.20 -12.77 9.27
C VAL B 24 -46.31 -12.28 7.84
N LEU B 25 -46.32 -10.95 7.67
CA LEU B 25 -46.47 -10.29 6.37
C LEU B 25 -45.21 -10.51 5.55
N ARG B 26 -44.06 -10.31 6.15
CA ARG B 26 -42.79 -10.52 5.47
C ARG B 26 -41.72 -10.90 6.47
N ALA B 27 -40.68 -11.62 6.02
CA ALA B 27 -39.48 -12.01 6.79
C ALA B 27 -38.30 -12.12 5.89
N THR B 28 -37.08 -12.00 6.43
CA THR B 28 -35.84 -12.20 5.69
C THR B 28 -34.72 -12.50 6.67
N THR B 29 -33.64 -13.12 6.15
CA THR B 29 -32.44 -13.52 6.87
C THR B 29 -31.28 -12.65 6.44
N LEU B 30 -30.34 -12.44 7.34
CA LEU B 30 -29.15 -11.62 7.09
C LEU B 30 -27.99 -12.14 7.87
N SER B 31 -26.85 -12.25 7.21
CA SER B 31 -25.60 -12.73 7.83
C SER B 31 -24.45 -11.79 7.49
N CYS B 32 -23.77 -11.27 8.52
CA CYS B 32 -22.61 -10.35 8.37
C CYS B 32 -21.40 -10.94 9.04
N ALA B 33 -20.34 -11.20 8.27
CA ALA B 33 -19.05 -11.71 8.74
C ALA B 33 -18.02 -11.11 7.79
N TYR B 34 -17.21 -11.91 7.09
CA TYR B 34 -16.33 -11.27 6.11
C TYR B 34 -17.17 -10.79 4.92
N THR B 35 -18.26 -11.50 4.64
CA THR B 35 -19.21 -11.25 3.56
C THR B 35 -20.58 -10.87 4.11
N ALA B 36 -21.30 -10.01 3.39
CA ALA B 36 -22.68 -9.68 3.76
C ALA B 36 -23.63 -10.52 2.87
N GLU B 37 -24.34 -11.48 3.48
CA GLU B 37 -25.26 -12.27 2.69
C GLU B 37 -26.59 -12.53 3.44
N GLY B 38 -27.43 -13.38 2.83
CA GLY B 38 -28.74 -13.76 3.36
C GLY B 38 -29.82 -13.63 2.31
N THR B 39 -31.08 -13.78 2.71
CA THR B 39 -32.18 -13.64 1.74
C THR B 39 -32.58 -12.16 1.58
N HIS B 40 -31.96 -11.26 2.36
CA HIS B 40 -32.23 -9.82 2.29
C HIS B 40 -31.96 -9.30 0.88
N PRO B 41 -32.89 -8.54 0.27
CA PRO B 41 -32.67 -8.03 -1.10
C PRO B 41 -31.42 -7.13 -1.26
N ALA B 42 -30.98 -6.41 -0.18
CA ALA B 42 -29.77 -5.56 -0.20
C ALA B 42 -28.87 -5.88 1.03
N PRO B 43 -28.09 -6.98 1.02
CA PRO B 43 -27.34 -7.37 2.23
C PRO B 43 -26.27 -6.39 2.67
N ARG B 44 -25.52 -5.79 1.71
CA ARG B 44 -24.44 -4.85 1.99
C ARG B 44 -24.97 -3.66 2.77
N ALA B 45 -25.99 -2.97 2.21
CA ALA B 45 -26.70 -1.84 2.83
C ALA B 45 -27.31 -2.22 4.22
N ALA B 46 -27.98 -3.40 4.29
CA ALA B 46 -28.63 -3.90 5.52
C ALA B 46 -27.62 -4.12 6.67
N CYS B 47 -26.50 -4.82 6.38
CA CYS B 47 -25.44 -5.11 7.33
C CYS B 47 -24.81 -3.81 7.83
N ASP B 48 -24.58 -2.81 6.93
CA ASP B 48 -24.04 -1.52 7.31
C ASP B 48 -25.00 -0.79 8.26
N ALA B 49 -26.31 -0.83 7.96
CA ALA B 49 -27.37 -0.21 8.77
C ALA B 49 -27.50 -0.90 10.14
N LEU B 50 -27.36 -2.22 10.17
CA LEU B 50 -27.39 -3.00 11.40
C LEU B 50 -26.19 -2.66 12.28
N ASN B 51 -24.99 -2.44 11.68
CA ASN B 51 -23.80 -2.17 12.49
C ASN B 51 -23.82 -0.75 13.09
N ALA B 52 -24.54 0.19 12.43
CA ALA B 52 -24.70 1.60 12.85
C ALA B 52 -25.43 1.71 14.22
N THR B 53 -26.26 0.70 14.59
CA THR B 53 -27.02 0.68 15.85
C THR B 53 -26.11 0.45 17.07
N ASP B 54 -24.91 -0.11 16.85
CA ASP B 54 -23.88 -0.40 17.86
C ASP B 54 -24.44 -1.33 18.96
N GLY B 55 -25.18 -2.34 18.53
CA GLY B 55 -25.78 -3.31 19.44
C GLY B 55 -27.17 -2.98 19.97
N GLU B 56 -27.57 -1.71 19.96
CA GLU B 56 -28.87 -1.29 20.49
C GLU B 56 -29.84 -1.21 19.35
N LEU B 57 -30.72 -2.22 19.19
CA LEU B 57 -31.64 -2.24 18.07
C LEU B 57 -32.70 -1.15 18.14
N ASN B 58 -32.91 -0.51 19.31
CA ASN B 58 -33.85 0.60 19.42
C ASN B 58 -33.37 1.81 18.61
N ARG B 59 -32.08 1.83 18.26
CA ARG B 59 -31.49 2.90 17.46
C ARG B 59 -31.95 2.79 15.99
N LEU B 60 -32.62 1.66 15.64
CA LEU B 60 -33.27 1.51 14.33
C LEU B 60 -34.48 2.46 14.26
N LEU B 61 -34.78 3.13 15.38
CA LEU B 61 -35.87 4.08 15.52
C LEU B 61 -35.37 5.48 15.96
N ALA B 62 -34.03 5.66 15.99
CA ALA B 62 -33.39 6.90 16.42
C ALA B 62 -33.56 8.04 15.40
N ALA B 63 -33.85 7.72 14.11
CA ALA B 63 -34.01 8.75 13.07
C ALA B 63 -35.43 8.74 12.42
N PRO B 64 -36.50 9.19 13.12
CA PRO B 64 -37.83 9.18 12.49
C PRO B 64 -38.01 10.30 11.45
N ASP B 65 -39.09 10.17 10.62
CA ASP B 65 -39.49 11.15 9.61
C ASP B 65 -40.16 12.28 10.39
N PRO B 66 -39.55 13.47 10.52
CA PRO B 66 -40.16 14.49 11.38
C PRO B 66 -41.38 15.19 10.77
N SER B 67 -41.49 15.19 9.41
CA SER B 67 -42.55 15.87 8.62
C SER B 67 -43.75 14.96 8.29
N LEU B 68 -43.57 13.61 8.30
CA LEU B 68 -44.67 12.69 7.97
C LEU B 68 -45.73 12.72 9.06
N VAL B 69 -46.90 13.31 8.72
CA VAL B 69 -48.00 13.42 9.67
C VAL B 69 -48.84 12.14 9.56
N CYS B 70 -48.89 11.41 10.68
CA CYS B 70 -49.59 10.14 10.74
C CYS B 70 -50.94 10.21 11.41
N PRO B 71 -51.88 9.34 10.99
CA PRO B 71 -53.16 9.29 11.68
C PRO B 71 -52.94 8.67 13.06
N MET B 72 -53.83 9.03 13.99
CA MET B 72 -53.77 8.58 15.37
C MET B 72 -54.74 7.40 15.63
N TYR B 73 -55.02 6.57 14.60
CA TYR B 73 -55.86 5.39 14.79
C TYR B 73 -54.94 4.19 15.17
N PHE B 74 -55.58 3.03 15.43
CA PHE B 74 -54.92 1.80 15.86
C PHE B 74 -55.24 0.62 14.92
N ASP B 75 -54.18 0.16 14.26
CA ASP B 75 -54.06 -0.97 13.34
C ASP B 75 -52.61 -1.46 13.54
N PRO B 76 -52.34 -2.17 14.68
CA PRO B 76 -50.95 -2.46 15.09
C PRO B 76 -50.12 -3.29 14.12
N VAL B 77 -48.82 -2.98 14.08
CA VAL B 77 -47.81 -3.66 13.27
C VAL B 77 -46.55 -3.89 14.15
N THR B 78 -45.98 -5.10 14.12
CA THR B 78 -44.79 -5.36 14.91
C THR B 78 -43.61 -5.82 14.05
N VAL B 79 -42.45 -5.24 14.32
CA VAL B 79 -41.16 -5.60 13.74
C VAL B 79 -40.39 -6.43 14.76
N THR B 80 -39.66 -7.48 14.31
CA THR B 80 -38.83 -8.31 15.20
C THR B 80 -37.46 -8.50 14.62
N ALA B 81 -36.51 -8.85 15.50
CA ALA B 81 -35.12 -9.16 15.17
C ALA B 81 -34.65 -10.20 16.17
N ASP B 82 -34.26 -11.38 15.67
CA ASP B 82 -33.81 -12.51 16.49
C ASP B 82 -32.60 -13.15 15.86
N GLY B 83 -31.67 -13.58 16.69
CA GLY B 83 -30.47 -14.23 16.21
C GLY B 83 -29.23 -13.83 16.97
N VAL B 84 -28.12 -13.77 16.24
CA VAL B 84 -26.80 -13.45 16.75
C VAL B 84 -26.45 -12.09 16.26
N LEU B 85 -26.17 -11.17 17.17
CA LEU B 85 -25.79 -9.80 16.86
C LEU B 85 -24.46 -9.52 17.56
N ASN B 86 -23.40 -9.28 16.76
CA ASN B 86 -22.06 -9.07 17.24
C ASN B 86 -21.60 -10.18 18.22
N GLY B 87 -21.87 -11.44 17.82
CA GLY B 87 -21.46 -12.66 18.50
C GLY B 87 -22.25 -13.06 19.73
N ARG B 88 -23.34 -12.32 20.01
CA ARG B 88 -24.18 -12.58 21.17
C ARG B 88 -25.62 -12.70 20.72
N ARG B 89 -26.34 -13.66 21.32
CA ARG B 89 -27.72 -14.00 21.03
C ARG B 89 -28.61 -12.87 21.50
N VAL B 90 -29.52 -12.40 20.64
CA VAL B 90 -30.43 -11.28 20.94
C VAL B 90 -31.86 -11.57 20.46
N ALA B 91 -32.82 -10.84 21.05
CA ALA B 91 -34.26 -10.88 20.73
C ALA B 91 -34.83 -9.52 21.02
N TRP B 92 -35.39 -8.92 19.97
CA TRP B 92 -35.97 -7.59 20.03
C TRP B 92 -37.23 -7.53 19.20
N LYS B 93 -38.17 -6.72 19.68
CA LYS B 93 -39.45 -6.45 19.02
C LYS B 93 -39.95 -5.08 19.37
N HIS B 94 -40.71 -4.51 18.45
CA HIS B 94 -41.31 -3.21 18.62
C HIS B 94 -42.63 -3.21 17.89
N THR B 95 -43.72 -2.83 18.59
CA THR B 95 -45.07 -2.70 18.03
C THR B 95 -45.39 -1.22 17.85
N PHE B 96 -45.79 -0.82 16.62
CA PHE B 96 -46.23 0.56 16.29
C PHE B 96 -47.77 0.67 16.25
N SER B 97 -48.33 1.86 16.53
CA SER B 97 -49.79 2.13 16.55
C SER B 97 -50.50 1.68 15.26
N ASN B 98 -49.88 1.97 14.11
CA ASN B 98 -50.34 1.66 12.75
C ASN B 98 -49.12 1.68 11.82
N THR B 99 -49.32 1.30 10.54
CA THR B 99 -48.28 1.15 9.52
C THR B 99 -47.59 2.47 9.15
N CYS B 100 -48.34 3.57 9.18
CA CYS B 100 -47.84 4.91 8.93
C CYS B 100 -46.72 5.20 9.95
N VAL B 101 -47.06 5.00 11.25
CA VAL B 101 -46.20 5.22 12.42
C VAL B 101 -44.93 4.40 12.22
N MET B 102 -45.06 3.17 11.66
CA MET B 102 -43.94 2.28 11.38
C MET B 102 -43.04 2.87 10.32
N SER B 103 -43.64 3.29 9.16
CA SER B 103 -42.96 3.93 8.00
C SER B 103 -42.13 5.13 8.43
N ALA B 104 -42.77 6.02 9.21
CA ALA B 104 -42.23 7.25 9.75
C ALA B 104 -41.09 7.02 10.72
N ASN B 105 -41.23 6.09 11.68
CA ASN B 105 -40.19 5.85 12.70
C ASN B 105 -38.94 5.17 12.16
N LEU B 106 -39.12 4.11 11.34
CA LEU B 106 -38.03 3.37 10.71
C LEU B 106 -37.35 4.20 9.60
N ASN B 107 -38.11 5.12 8.93
CA ASN B 107 -37.67 6.05 7.89
C ASN B 107 -36.72 5.37 6.87
N SER B 108 -37.24 4.30 6.22
CA SER B 108 -36.64 3.50 5.14
C SER B 108 -35.26 2.92 5.49
N ASN B 109 -35.10 2.57 6.79
CA ASN B 109 -33.85 1.98 7.27
C ASN B 109 -33.56 0.72 6.46
N PRO B 110 -32.37 0.61 5.82
CA PRO B 110 -32.10 -0.56 4.97
C PRO B 110 -32.35 -1.91 5.62
N VAL B 111 -32.29 -2.02 6.95
CA VAL B 111 -32.56 -3.32 7.63
C VAL B 111 -33.99 -3.83 7.26
N TYR B 112 -35.00 -2.96 7.28
CA TYR B 112 -36.37 -3.38 7.04
C TYR B 112 -36.85 -3.15 5.63
N ALA B 113 -35.92 -2.81 4.73
CA ALA B 113 -36.16 -2.61 3.29
C ALA B 113 -36.21 -3.98 2.57
N PHE B 114 -37.16 -4.85 2.98
CA PHE B 114 -37.36 -6.21 2.45
C PHE B 114 -38.84 -6.50 2.23
N GLY C 1 -66.85 -38.78 -11.91
CA GLY C 1 -66.36 -37.42 -11.75
C GLY C 1 -65.63 -37.16 -10.43
N PRO C 2 -65.30 -35.88 -10.09
CA PRO C 2 -64.60 -35.61 -8.82
C PRO C 2 -65.50 -35.67 -7.59
N MET C 3 -64.86 -35.75 -6.43
CA MET C 3 -65.51 -35.71 -5.13
C MET C 3 -65.79 -34.25 -4.75
N VAL C 4 -64.80 -33.36 -5.02
CA VAL C 4 -64.83 -31.94 -4.66
C VAL C 4 -64.32 -31.04 -5.81
N THR C 5 -64.95 -29.86 -5.96
CA THR C 5 -64.53 -28.83 -6.90
C THR C 5 -64.08 -27.63 -6.06
N VAL C 6 -62.79 -27.30 -6.14
CA VAL C 6 -62.17 -26.21 -5.38
C VAL C 6 -62.09 -24.95 -6.26
N THR C 7 -62.64 -23.84 -5.77
CA THR C 7 -62.66 -22.55 -6.46
C THR C 7 -61.41 -21.74 -6.13
N TYR C 8 -60.78 -21.14 -7.16
CA TYR C 8 -59.59 -20.28 -6.99
C TYR C 8 -59.86 -18.90 -7.57
N ASP C 9 -59.26 -17.86 -6.99
CA ASP C 9 -59.41 -16.50 -7.48
C ASP C 9 -58.05 -15.98 -8.01
N PRO C 10 -57.94 -15.88 -9.35
CA PRO C 10 -56.67 -15.41 -9.93
C PRO C 10 -56.59 -13.90 -10.16
N SER C 11 -57.67 -13.16 -9.80
CA SER C 11 -57.82 -11.71 -10.05
C SER C 11 -56.71 -10.85 -9.43
N ASN C 12 -56.13 -11.25 -8.28
CA ASN C 12 -55.07 -10.46 -7.66
C ASN C 12 -53.65 -10.81 -8.17
N ALA C 13 -53.56 -11.54 -9.31
CA ALA C 13 -52.32 -11.93 -9.99
C ALA C 13 -52.47 -11.73 -11.50
N PRO C 14 -52.65 -10.46 -11.99
CA PRO C 14 -52.85 -10.23 -13.43
C PRO C 14 -51.65 -10.58 -14.32
N SER C 15 -50.44 -10.53 -13.76
CA SER C 15 -49.21 -10.81 -14.49
C SER C 15 -49.01 -12.32 -14.70
N PHE C 16 -49.79 -13.17 -13.96
CA PHE C 16 -49.63 -14.62 -14.05
C PHE C 16 -50.92 -15.33 -14.47
N GLN C 17 -51.77 -14.67 -15.28
CA GLN C 17 -53.04 -15.27 -15.73
C GLN C 17 -52.81 -16.53 -16.53
N GLN C 18 -51.76 -16.54 -17.38
CA GLN C 18 -51.44 -17.68 -18.22
C GLN C 18 -50.89 -18.87 -17.40
N GLU C 19 -49.99 -18.62 -16.47
CA GLU C 19 -49.39 -19.69 -15.70
C GLU C 19 -50.37 -20.28 -14.68
N ILE C 20 -51.35 -19.47 -14.22
CA ILE C 20 -52.42 -19.90 -13.28
C ILE C 20 -53.34 -20.85 -14.06
N ALA C 21 -53.66 -20.47 -15.29
CA ALA C 21 -54.49 -21.28 -16.19
C ALA C 21 -53.78 -22.59 -16.52
N ASN C 22 -52.46 -22.56 -16.81
CA ASN C 22 -51.69 -23.76 -17.12
C ASN C 22 -51.67 -24.74 -15.94
N ALA C 23 -51.47 -24.21 -14.68
CA ALA C 23 -51.42 -24.99 -13.43
C ALA C 23 -52.71 -25.77 -13.20
N ALA C 24 -53.87 -25.09 -13.35
CA ALA C 24 -55.21 -25.65 -13.21
C ALA C 24 -55.46 -26.73 -14.26
N GLN C 25 -54.97 -26.52 -15.49
CA GLN C 25 -55.11 -27.50 -16.56
C GLN C 25 -54.22 -28.73 -16.27
N ILE C 26 -53.01 -28.50 -15.74
CA ILE C 26 -52.07 -29.58 -15.41
C ILE C 26 -52.68 -30.47 -14.31
N TRP C 27 -53.19 -29.86 -13.21
CA TRP C 27 -53.80 -30.59 -12.10
C TRP C 27 -55.13 -31.25 -12.48
N ASN C 28 -56.02 -30.55 -13.22
CA ASN C 28 -57.32 -31.11 -13.62
C ASN C 28 -57.17 -32.35 -14.51
N SER C 29 -56.11 -32.39 -15.34
CA SER C 29 -55.77 -33.51 -16.22
C SER C 29 -54.88 -34.58 -15.52
N SER C 30 -54.42 -34.31 -14.27
CA SER C 30 -53.54 -35.20 -13.50
C SER C 30 -54.27 -35.93 -12.39
N VAL C 31 -55.34 -35.34 -11.83
CA VAL C 31 -56.10 -35.96 -10.73
C VAL C 31 -57.58 -36.03 -11.08
N ARG C 32 -58.30 -37.03 -10.54
CA ARG C 32 -59.73 -37.16 -10.84
C ARG C 32 -60.65 -36.84 -9.64
N ASN C 33 -60.22 -37.10 -8.38
CA ASN C 33 -61.07 -36.86 -7.18
C ASN C 33 -61.26 -35.36 -6.82
N VAL C 34 -60.41 -34.46 -7.35
CA VAL C 34 -60.55 -33.04 -7.09
C VAL C 34 -60.31 -32.27 -8.40
N GLN C 35 -61.05 -31.14 -8.58
CA GLN C 35 -60.97 -30.27 -9.77
C GLN C 35 -60.93 -28.82 -9.36
N LEU C 36 -60.27 -27.94 -10.16
CA LEU C 36 -60.11 -26.50 -9.87
C LEU C 36 -60.96 -25.62 -10.78
N ARG C 37 -61.85 -24.82 -10.15
CA ARG C 37 -62.79 -23.91 -10.81
C ARG C 37 -62.15 -22.54 -11.06
N ALA C 38 -62.23 -22.11 -12.33
CA ALA C 38 -61.77 -20.86 -12.89
C ALA C 38 -61.89 -19.64 -11.92
N GLY C 39 -63.00 -19.50 -11.19
CA GLY C 39 -63.14 -18.39 -10.25
C GLY C 39 -64.47 -18.27 -9.53
N GLY C 40 -64.64 -17.15 -8.81
CA GLY C 40 -65.85 -16.78 -8.05
C GLY C 40 -65.58 -16.40 -6.61
N ASN C 41 -66.43 -16.86 -5.66
CA ASN C 41 -66.20 -16.64 -4.24
C ASN C 41 -65.38 -17.86 -3.78
N ALA C 42 -64.10 -17.81 -4.14
CA ALA C 42 -63.06 -18.82 -4.04
C ALA C 42 -62.68 -19.27 -2.63
N ASP C 43 -62.16 -20.51 -2.57
CA ASP C 43 -61.63 -21.22 -1.40
C ASP C 43 -60.21 -20.75 -1.14
N PHE C 44 -59.44 -20.49 -2.23
CA PHE C 44 -58.07 -20.00 -2.17
C PHE C 44 -57.83 -18.95 -3.28
N SER C 45 -56.82 -18.08 -3.09
CA SER C 45 -56.53 -17.00 -4.03
C SER C 45 -55.05 -16.92 -4.43
N TYR C 46 -54.78 -16.27 -5.60
CA TYR C 46 -53.43 -16.01 -6.11
C TYR C 46 -53.10 -14.52 -5.97
N TYR C 47 -51.92 -14.22 -5.45
CA TYR C 47 -51.42 -12.86 -5.27
C TYR C 47 -50.06 -12.74 -5.94
N GLU C 48 -49.64 -11.52 -6.25
CA GLU C 48 -48.34 -11.26 -6.85
C GLU C 48 -47.73 -10.01 -6.25
N GLY C 49 -46.41 -9.95 -6.32
CA GLY C 49 -45.66 -8.81 -5.82
C GLY C 49 -44.19 -9.11 -5.67
N ASN C 50 -43.57 -8.47 -4.70
CA ASN C 50 -42.16 -8.67 -4.40
C ASN C 50 -42.00 -9.17 -2.97
N ASP C 51 -41.34 -10.32 -2.79
CA ASP C 51 -41.02 -10.95 -1.50
C ASP C 51 -39.60 -11.54 -1.57
N SER C 52 -38.73 -11.06 -0.67
CA SER C 52 -37.34 -11.50 -0.56
C SER C 52 -37.26 -13.03 -0.45
N ARG C 53 -38.31 -13.66 0.15
CA ARG C 53 -38.46 -15.11 0.33
C ARG C 53 -38.85 -15.81 -1.00
N GLY C 54 -39.34 -15.04 -1.96
CA GLY C 54 -39.78 -15.52 -3.27
C GLY C 54 -41.21 -16.00 -3.23
N SER C 55 -41.55 -16.94 -4.12
CA SER C 55 -42.92 -17.48 -4.17
C SER C 55 -43.09 -18.50 -3.05
N TYR C 56 -44.31 -18.59 -2.52
CA TYR C 56 -44.69 -19.46 -1.42
C TYR C 56 -46.22 -19.62 -1.39
N ALA C 57 -46.72 -20.49 -0.49
CA ALA C 57 -48.14 -20.74 -0.27
C ALA C 57 -48.40 -20.84 1.22
N GLN C 58 -49.46 -20.19 1.69
CA GLN C 58 -49.94 -20.26 3.06
C GLN C 58 -51.31 -20.96 3.00
N THR C 59 -51.35 -22.24 3.37
CA THR C 59 -52.56 -23.05 3.23
C THR C 59 -52.73 -24.08 4.36
N ASP C 60 -53.98 -24.55 4.55
CA ASP C 60 -54.36 -25.60 5.50
C ASP C 60 -54.07 -26.96 4.83
N GLY C 61 -53.88 -26.91 3.51
CA GLY C 61 -53.58 -28.04 2.65
C GLY C 61 -54.81 -28.74 2.11
N HIS C 62 -56.01 -28.20 2.41
CA HIS C 62 -57.22 -28.83 1.92
C HIS C 62 -58.13 -27.83 1.18
N GLY C 63 -57.51 -27.15 0.19
CA GLY C 63 -58.15 -26.19 -0.72
C GLY C 63 -58.29 -24.75 -0.28
N ARG C 64 -58.00 -24.46 0.99
CA ARG C 64 -58.13 -23.12 1.54
C ARG C 64 -56.76 -22.45 1.70
N GLY C 65 -56.73 -21.12 1.66
CA GLY C 65 -55.50 -20.33 1.80
C GLY C 65 -55.19 -19.41 0.63
N TYR C 66 -53.90 -19.21 0.35
CA TYR C 66 -53.45 -18.35 -0.75
C TYR C 66 -52.04 -18.73 -1.25
N ILE C 67 -51.76 -18.34 -2.50
CA ILE C 67 -50.45 -18.52 -3.15
C ILE C 67 -49.91 -17.15 -3.57
N PHE C 68 -48.65 -16.87 -3.20
CA PHE C 68 -47.97 -15.62 -3.56
C PHE C 68 -46.90 -15.91 -4.59
N LEU C 69 -46.95 -15.24 -5.74
CA LEU C 69 -46.01 -15.40 -6.83
C LEU C 69 -45.11 -14.13 -6.92
N ASP C 70 -43.78 -14.30 -6.67
CA ASP C 70 -42.77 -13.23 -6.71
C ASP C 70 -42.32 -12.96 -8.14
N TYR C 71 -42.20 -11.66 -8.46
CA TYR C 71 -41.80 -11.17 -9.77
C TYR C 71 -40.39 -11.65 -10.20
N GLN C 72 -39.35 -11.34 -9.39
CA GLN C 72 -37.98 -11.71 -9.70
C GLN C 72 -37.77 -13.23 -9.85
N GLN C 73 -38.31 -14.03 -8.93
CA GLN C 73 -38.15 -15.48 -8.93
C GLN C 73 -38.74 -16.10 -10.19
N ASN C 74 -39.93 -15.63 -10.61
CA ASN C 74 -40.62 -16.14 -11.78
C ASN C 74 -39.95 -15.73 -13.12
N GLN C 75 -38.93 -14.86 -13.05
CA GLN C 75 -38.11 -14.48 -14.20
C GLN C 75 -36.87 -15.39 -14.27
N GLN C 76 -36.44 -15.98 -13.12
CA GLN C 76 -35.26 -16.84 -13.05
C GLN C 76 -35.65 -18.33 -13.14
N TYR C 77 -36.77 -18.69 -12.50
CA TYR C 77 -37.32 -20.05 -12.49
C TYR C 77 -38.53 -20.11 -13.43
N ASP C 78 -38.88 -21.32 -13.97
CA ASP C 78 -40.01 -21.48 -14.87
C ASP C 78 -41.31 -21.18 -14.08
N SER C 79 -42.06 -20.15 -14.54
CA SER C 79 -43.29 -19.66 -13.93
C SER C 79 -44.39 -20.71 -13.81
N THR C 80 -44.53 -21.57 -14.82
CA THR C 80 -45.55 -22.63 -14.82
C THR C 80 -45.18 -23.68 -13.76
N ARG C 81 -43.89 -24.09 -13.67
CA ARG C 81 -43.48 -25.03 -12.62
C ARG C 81 -43.72 -24.43 -11.22
N VAL C 82 -43.39 -23.12 -11.02
CA VAL C 82 -43.59 -22.43 -9.76
C VAL C 82 -45.06 -22.47 -9.37
N THR C 83 -45.96 -22.02 -10.28
CA THR C 83 -47.41 -21.97 -10.07
C THR C 83 -48.01 -23.35 -9.84
N ALA C 84 -47.65 -24.35 -10.66
CA ALA C 84 -48.17 -25.72 -10.50
C ALA C 84 -47.72 -26.33 -9.15
N HIS C 85 -46.42 -26.10 -8.78
CA HIS C 85 -45.80 -26.55 -7.54
C HIS C 85 -46.58 -26.04 -6.34
N GLU C 86 -46.83 -24.73 -6.29
CA GLU C 86 -47.49 -24.10 -5.16
C GLU C 86 -48.96 -24.55 -5.06
N THR C 87 -49.61 -24.79 -6.20
CA THR C 87 -51.00 -25.28 -6.30
C THR C 87 -51.07 -26.67 -5.65
N GLY C 88 -49.95 -27.41 -5.72
CA GLY C 88 -49.78 -28.72 -5.11
C GLY C 88 -49.87 -28.71 -3.59
N HIS C 89 -49.49 -27.59 -2.97
CA HIS C 89 -49.53 -27.41 -1.51
C HIS C 89 -50.95 -27.22 -1.02
N VAL C 90 -51.79 -26.54 -1.83
CA VAL C 90 -53.20 -26.28 -1.52
C VAL C 90 -53.99 -27.60 -1.66
N LEU C 91 -53.44 -28.52 -2.52
CA LEU C 91 -53.96 -29.86 -2.77
C LEU C 91 -53.46 -30.84 -1.71
N GLY C 92 -52.63 -30.34 -0.79
CA GLY C 92 -52.15 -31.12 0.35
C GLY C 92 -50.80 -31.80 0.27
N LEU C 93 -50.01 -31.50 -0.77
CA LEU C 93 -48.68 -32.10 -0.89
C LEU C 93 -47.60 -31.27 -0.17
N PRO C 94 -46.63 -31.94 0.48
CA PRO C 94 -45.53 -31.18 1.11
C PRO C 94 -44.38 -30.96 0.12
N ASP C 95 -43.34 -30.23 0.54
CA ASP C 95 -42.15 -30.06 -0.27
C ASP C 95 -41.23 -31.26 -0.08
N HIS C 96 -40.45 -31.63 -1.11
CA HIS C 96 -39.38 -32.62 -1.00
C HIS C 96 -38.16 -32.02 -1.71
N TYR C 97 -37.52 -31.03 -1.08
CA TYR C 97 -36.40 -30.26 -1.61
C TYR C 97 -35.27 -31.11 -2.17
N GLN C 98 -35.00 -32.27 -1.57
CA GLN C 98 -33.93 -33.17 -2.02
C GLN C 98 -34.29 -33.97 -3.29
N GLY C 99 -35.58 -33.95 -3.65
CA GLY C 99 -36.12 -34.64 -4.83
C GLY C 99 -35.59 -34.13 -6.16
N PRO C 100 -35.76 -34.93 -7.25
CA PRO C 100 -35.28 -34.49 -8.56
C PRO C 100 -36.29 -33.64 -9.31
N CYS C 101 -35.95 -33.24 -10.54
CA CYS C 101 -36.81 -32.44 -11.41
C CYS C 101 -38.12 -33.18 -11.77
N SER C 102 -38.08 -34.54 -11.87
CA SER C 102 -39.25 -35.39 -12.15
C SER C 102 -40.32 -35.29 -11.04
N GLU C 103 -39.90 -34.82 -9.87
CA GLU C 103 -40.74 -34.57 -8.70
C GLU C 103 -41.13 -33.10 -8.69
N LEU C 104 -42.41 -32.80 -8.99
CA LEU C 104 -42.86 -31.42 -9.00
C LEU C 104 -42.69 -30.77 -7.63
N MET C 105 -42.93 -31.53 -6.56
CA MET C 105 -42.85 -30.99 -5.20
C MET C 105 -41.43 -30.79 -4.69
N SER C 106 -40.40 -30.98 -5.53
CA SER C 106 -39.02 -30.65 -5.15
C SER C 106 -38.76 -29.15 -5.33
N GLY C 107 -39.69 -28.47 -5.99
CA GLY C 107 -39.65 -27.04 -6.26
C GLY C 107 -38.38 -26.55 -6.91
N GLY C 108 -37.74 -25.57 -6.27
CA GLY C 108 -36.50 -24.95 -6.72
C GLY C 108 -35.24 -25.72 -6.35
N GLY C 109 -35.43 -26.83 -5.62
CA GLY C 109 -34.37 -27.75 -5.18
C GLY C 109 -33.43 -28.16 -6.31
N PRO C 110 -33.92 -28.75 -7.44
CA PRO C 110 -32.99 -29.12 -8.54
C PRO C 110 -32.37 -27.93 -9.31
N GLY C 111 -32.74 -26.70 -8.97
CA GLY C 111 -32.19 -25.50 -9.59
C GLY C 111 -33.05 -24.84 -10.67
N PRO C 112 -32.56 -23.71 -11.27
CA PRO C 112 -33.38 -22.98 -12.25
C PRO C 112 -33.53 -23.66 -13.60
N SER C 113 -32.63 -24.60 -13.96
CA SER C 113 -32.64 -25.36 -15.22
C SER C 113 -33.88 -26.28 -15.34
N CYS C 114 -34.42 -26.68 -14.21
CA CYS C 114 -35.58 -27.54 -14.12
C CYS C 114 -36.88 -26.79 -14.58
N THR C 115 -37.54 -27.33 -15.61
CA THR C 115 -38.73 -26.72 -16.20
C THR C 115 -39.98 -27.65 -16.14
N ASN C 116 -39.87 -28.89 -15.61
CA ASN C 116 -40.98 -29.83 -15.52
C ASN C 116 -42.14 -29.31 -14.63
N PRO C 117 -43.36 -29.09 -15.20
CA PRO C 117 -44.48 -28.60 -14.36
C PRO C 117 -45.48 -29.71 -13.95
N TYR C 118 -45.25 -30.97 -14.38
CA TYR C 118 -46.17 -32.08 -14.17
C TYR C 118 -45.82 -32.95 -12.95
N PRO C 119 -46.82 -33.26 -12.11
CA PRO C 119 -46.55 -34.12 -10.94
C PRO C 119 -46.39 -35.58 -11.38
N ASN C 120 -45.43 -36.32 -10.80
CA ASN C 120 -45.26 -37.73 -11.17
C ASN C 120 -46.43 -38.54 -10.59
N ALA C 121 -46.57 -39.82 -11.01
CA ALA C 121 -47.67 -40.69 -10.61
C ALA C 121 -47.81 -40.83 -9.09
N GLN C 122 -46.71 -40.75 -8.34
CA GLN C 122 -46.82 -40.85 -6.89
C GLN C 122 -47.48 -39.62 -6.28
N GLU C 123 -47.11 -38.42 -6.77
CA GLU C 123 -47.71 -37.14 -6.33
C GLU C 123 -49.21 -37.12 -6.66
N ARG C 124 -49.57 -37.46 -7.92
CA ARG C 124 -50.93 -37.52 -8.47
C ARG C 124 -51.86 -38.41 -7.62
N SER C 125 -51.33 -39.56 -7.13
CA SER C 125 -52.07 -40.56 -6.38
C SER C 125 -52.33 -40.12 -4.94
N ARG C 126 -51.33 -39.47 -4.26
CA ARG C 126 -51.46 -38.92 -2.91
C ARG C 126 -52.58 -37.86 -2.91
N VAL C 127 -52.59 -36.99 -3.94
CA VAL C 127 -53.60 -35.94 -4.12
C VAL C 127 -55.00 -36.58 -4.32
N ASN C 128 -55.10 -37.63 -5.14
CA ASN C 128 -56.35 -38.37 -5.38
C ASN C 128 -56.81 -38.99 -4.08
N ALA C 129 -55.86 -39.50 -3.28
CA ALA C 129 -56.09 -40.13 -1.98
C ALA C 129 -56.57 -39.12 -0.94
N LEU C 130 -55.96 -37.92 -0.88
CA LEU C 130 -56.31 -36.89 0.11
C LEU C 130 -57.71 -36.28 -0.11
N TRP C 131 -58.28 -36.44 -1.33
CA TRP C 131 -59.56 -35.86 -1.72
C TRP C 131 -60.61 -36.93 -2.01
N ALA C 132 -60.25 -38.20 -1.74
CA ALA C 132 -61.10 -39.40 -1.90
C ALA C 132 -62.36 -39.31 -1.05
N ASN C 133 -62.22 -39.08 0.28
CA ASN C 133 -63.32 -38.93 1.23
C ASN C 133 -63.39 -37.47 1.69
N GLY C 134 -62.24 -36.77 1.62
CA GLY C 134 -62.08 -35.35 1.96
C GLY C 134 -62.73 -34.41 0.92
N SER D 2 -50.55 -30.62 9.34
CA SER D 2 -51.11 -29.47 10.05
C SER D 2 -51.36 -28.27 9.09
N ALA D 3 -50.51 -27.20 9.17
CA ALA D 3 -50.51 -25.97 8.37
C ALA D 3 -49.15 -25.78 7.67
N HIS D 4 -49.21 -25.30 6.43
CA HIS D 4 -48.05 -25.09 5.58
C HIS D 4 -47.83 -23.59 5.32
N GLY D 5 -46.57 -23.18 5.42
CA GLY D 5 -46.17 -21.81 5.13
C GLY D 5 -44.69 -21.68 4.87
N PRO D 6 -44.17 -20.48 4.46
CA PRO D 6 -42.72 -20.31 4.28
C PRO D 6 -41.99 -20.21 5.63
N SER D 7 -40.72 -20.62 5.65
CA SER D 7 -39.91 -20.59 6.85
C SER D 7 -38.62 -19.80 6.61
N ALA D 8 -38.17 -19.06 7.62
CA ALA D 8 -36.96 -18.25 7.64
C ALA D 8 -36.43 -18.29 9.04
N MET D 9 -35.38 -19.09 9.26
CA MET D 9 -34.85 -19.37 10.59
C MET D 9 -33.40 -19.06 10.77
N VAL D 10 -33.03 -18.83 12.05
CA VAL D 10 -31.66 -18.71 12.53
C VAL D 10 -31.46 -19.80 13.59
N PHE D 11 -30.46 -20.67 13.38
CA PHE D 11 -30.11 -21.76 14.29
C PHE D 11 -28.78 -21.46 14.92
N THR D 12 -28.63 -21.74 16.21
CA THR D 12 -27.37 -21.50 16.94
C THR D 12 -27.01 -22.66 17.90
N VAL D 13 -25.73 -22.72 18.29
CA VAL D 13 -25.11 -23.62 19.27
C VAL D 13 -24.28 -22.71 20.19
N ILE D 14 -24.68 -22.63 21.45
CA ILE D 14 -24.07 -21.71 22.38
C ILE D 14 -23.35 -22.45 23.49
N GLN D 15 -22.18 -21.92 23.89
CA GLN D 15 -21.39 -22.45 24.99
C GLN D 15 -22.13 -22.09 26.30
N GLY D 16 -22.67 -23.08 27.02
CA GLY D 16 -23.41 -22.85 28.25
C GLY D 16 -24.93 -23.02 28.22
N SER D 17 -25.60 -22.36 29.16
CA SER D 17 -27.04 -22.39 29.40
C SER D 17 -27.86 -21.59 28.39
N GLY D 18 -27.21 -20.70 27.65
CA GLY D 18 -27.90 -19.84 26.68
C GLY D 18 -28.19 -18.47 27.23
N GLU D 19 -27.32 -18.00 28.13
CA GLU D 19 -27.37 -16.69 28.79
C GLU D 19 -26.94 -15.56 27.80
N PRO D 20 -27.22 -14.26 28.05
CA PRO D 20 -26.86 -13.22 27.07
C PRO D 20 -25.35 -13.04 26.80
N THR D 21 -24.51 -13.27 27.82
CA THR D 21 -23.04 -13.13 27.75
C THR D 21 -22.35 -14.40 27.21
N ASP D 22 -23.13 -15.46 26.92
CA ASP D 22 -22.59 -16.74 26.46
C ASP D 22 -22.08 -16.66 25.01
N THR D 23 -20.94 -17.30 24.77
CA THR D 23 -20.24 -17.37 23.50
C THR D 23 -21.02 -18.23 22.52
N VAL D 24 -21.17 -17.74 21.28
CA VAL D 24 -21.87 -18.46 20.22
C VAL D 24 -20.79 -19.29 19.53
N LEU D 25 -20.95 -20.62 19.59
CA LEU D 25 -20.01 -21.57 19.00
C LEU D 25 -20.22 -21.67 17.49
N ARG D 26 -21.49 -21.71 17.04
CA ARG D 26 -21.82 -21.73 15.61
C ARG D 26 -23.21 -21.22 15.41
N ALA D 27 -23.47 -20.63 14.25
CA ALA D 27 -24.78 -20.12 13.85
C ALA D 27 -24.91 -20.11 12.32
N THR D 28 -26.15 -20.25 11.84
CA THR D 28 -26.45 -20.26 10.40
C THR D 28 -27.88 -19.80 10.18
N THR D 29 -28.18 -19.42 8.94
CA THR D 29 -29.51 -19.01 8.50
C THR D 29 -30.05 -20.04 7.50
N LEU D 30 -31.38 -20.21 7.50
CA LEU D 30 -32.07 -21.11 6.59
C LEU D 30 -33.40 -20.51 6.14
N SER D 31 -33.70 -20.62 4.85
CA SER D 31 -34.95 -20.12 4.28
C SER D 31 -35.58 -21.18 3.37
N CYS D 32 -36.85 -21.54 3.60
CA CYS D 32 -37.58 -22.57 2.82
C CYS D 32 -38.87 -21.95 2.29
N ALA D 33 -39.01 -21.94 0.96
CA ALA D 33 -40.19 -21.45 0.24
C ALA D 33 -40.22 -22.22 -1.07
N TYR D 34 -40.17 -21.59 -2.27
CA TYR D 34 -40.10 -22.41 -3.47
C TYR D 34 -38.69 -23.03 -3.55
N THR D 35 -37.71 -22.33 -2.99
CA THR D 35 -36.31 -22.71 -2.96
C THR D 35 -35.82 -22.84 -1.55
N ALA D 36 -34.89 -23.77 -1.33
CA ALA D 36 -34.25 -23.95 -0.05
C ALA D 36 -32.91 -23.22 -0.09
N GLU D 37 -32.79 -22.13 0.68
CA GLU D 37 -31.51 -21.42 0.70
C GLU D 37 -31.14 -20.96 2.12
N GLY D 38 -30.07 -20.17 2.21
CA GLY D 38 -29.54 -19.62 3.45
C GLY D 38 -28.04 -19.79 3.53
N THR D 39 -27.45 -19.54 4.69
CA THR D 39 -26.00 -19.71 4.86
C THR D 39 -25.70 -21.16 5.30
N HIS D 40 -26.76 -21.98 5.44
CA HIS D 40 -26.63 -23.39 5.83
C HIS D 40 -25.88 -24.15 4.75
N PRO D 41 -24.84 -24.95 5.14
CA PRO D 41 -24.07 -25.71 4.13
C PRO D 41 -24.89 -26.71 3.30
N ALA D 42 -26.02 -27.25 3.83
CA ALA D 42 -26.91 -28.18 3.11
C ALA D 42 -28.37 -27.74 3.25
N PRO D 43 -28.81 -26.71 2.49
CA PRO D 43 -30.19 -26.18 2.68
C PRO D 43 -31.31 -27.14 2.37
N ARG D 44 -31.18 -27.93 1.28
CA ARG D 44 -32.20 -28.87 0.83
C ARG D 44 -32.50 -29.90 1.93
N ALA D 45 -31.46 -30.56 2.45
CA ALA D 45 -31.52 -31.54 3.51
C ALA D 45 -32.06 -30.91 4.80
N ALA D 46 -31.58 -29.70 5.16
CA ALA D 46 -31.95 -28.91 6.32
C ALA D 46 -33.43 -28.61 6.37
N CYS D 47 -33.97 -28.06 5.24
CA CYS D 47 -35.36 -27.68 5.05
C CYS D 47 -36.26 -28.90 5.15
N ASP D 48 -35.87 -30.05 4.54
CA ASP D 48 -36.67 -31.27 4.62
C ASP D 48 -36.65 -31.78 6.07
N ALA D 49 -35.52 -31.68 6.78
CA ALA D 49 -35.44 -32.12 8.17
C ALA D 49 -36.30 -31.22 9.09
N LEU D 50 -36.32 -29.93 8.81
CA LEU D 50 -37.13 -28.97 9.53
C LEU D 50 -38.63 -29.22 9.30
N ASN D 51 -39.03 -29.59 8.08
CA ASN D 51 -40.45 -29.79 7.79
C ASN D 51 -40.96 -31.10 8.41
N ALA D 52 -40.07 -32.08 8.62
CA ALA D 52 -40.39 -33.40 9.19
C ALA D 52 -40.90 -33.29 10.64
N THR D 53 -40.53 -32.23 11.36
CA THR D 53 -40.91 -31.99 12.74
C THR D 53 -42.38 -31.63 12.88
N ASP D 54 -43.02 -31.15 11.78
CA ASP D 54 -44.42 -30.74 11.68
C ASP D 54 -44.76 -29.65 12.71
N GLY D 55 -43.88 -28.69 12.85
CA GLY D 55 -44.09 -27.57 13.75
C GLY D 55 -43.50 -27.74 15.13
N GLU D 56 -43.32 -28.98 15.60
CA GLU D 56 -42.78 -29.23 16.93
C GLU D 56 -41.27 -29.44 16.84
N LEU D 57 -40.48 -28.41 17.20
CA LEU D 57 -39.03 -28.50 17.11
C LEU D 57 -38.43 -29.51 18.09
N ASN D 58 -39.20 -29.94 19.14
CA ASN D 58 -38.71 -30.96 20.07
C ASN D 58 -38.55 -32.31 19.36
N ARG D 59 -39.16 -32.47 18.17
CA ARG D 59 -39.06 -33.69 17.37
C ARG D 59 -37.66 -33.79 16.71
N LEU D 60 -36.82 -32.73 16.81
CA LEU D 60 -35.43 -32.75 16.30
C LEU D 60 -34.57 -33.69 17.15
N LEU D 61 -34.98 -33.91 18.42
CA LEU D 61 -34.34 -34.79 19.39
C LEU D 61 -34.91 -36.21 19.30
N ALA D 62 -34.19 -37.11 18.65
CA ALA D 62 -34.64 -38.50 18.58
C ALA D 62 -33.55 -39.48 19.12
N ALA D 63 -33.62 -39.92 20.41
CA ALA D 63 -32.61 -40.86 20.92
C ALA D 63 -32.87 -42.30 20.46
N LEU D 68 -23.08 -43.77 20.64
CA LEU D 68 -22.65 -44.68 21.72
C LEU D 68 -22.87 -44.06 23.13
N VAL D 69 -22.41 -44.77 24.18
CA VAL D 69 -22.46 -44.43 25.61
C VAL D 69 -21.64 -43.16 25.85
N CYS D 70 -22.26 -42.18 26.51
CA CYS D 70 -21.60 -40.90 26.76
C CYS D 70 -21.08 -40.80 28.20
N PRO D 71 -19.85 -40.28 28.37
CA PRO D 71 -19.31 -40.08 29.74
C PRO D 71 -20.10 -39.00 30.51
N MET D 72 -20.12 -39.07 31.87
CA MET D 72 -20.87 -38.09 32.65
C MET D 72 -19.95 -37.00 33.19
N TYR D 73 -19.78 -35.96 32.37
CA TYR D 73 -19.05 -34.75 32.69
C TYR D 73 -20.01 -33.57 32.45
N PHE D 74 -19.85 -32.50 33.22
CA PHE D 74 -20.70 -31.33 33.12
C PHE D 74 -19.98 -30.21 32.37
N ASP D 75 -20.51 -29.85 31.19
CA ASP D 75 -20.04 -28.79 30.29
C ASP D 75 -21.25 -28.45 29.36
N PRO D 76 -22.26 -27.72 29.93
CA PRO D 76 -23.49 -27.43 29.20
C PRO D 76 -23.31 -26.71 27.87
N VAL D 77 -24.29 -26.95 26.98
CA VAL D 77 -24.33 -26.45 25.63
C VAL D 77 -25.80 -26.42 25.20
N THR D 78 -26.19 -25.35 24.50
CA THR D 78 -27.57 -25.14 24.09
C THR D 78 -27.66 -25.09 22.53
N VAL D 79 -28.79 -25.55 22.02
CA VAL D 79 -29.21 -25.47 20.62
C VAL D 79 -30.45 -24.60 20.61
N THR D 80 -30.46 -23.56 19.76
CA THR D 80 -31.60 -22.63 19.63
C THR D 80 -32.09 -22.57 18.18
N ALA D 81 -33.34 -22.10 18.01
CA ALA D 81 -34.02 -21.92 16.72
C ALA D 81 -35.01 -20.77 16.86
N ASP D 82 -34.84 -19.74 16.05
CA ASP D 82 -35.67 -18.53 16.10
C ASP D 82 -36.03 -18.09 14.70
N GLY D 83 -37.23 -17.57 14.54
CA GLY D 83 -37.68 -17.08 13.24
C GLY D 83 -39.09 -17.47 12.90
N VAL D 84 -39.31 -17.70 11.61
CA VAL D 84 -40.61 -18.03 11.04
C VAL D 84 -40.61 -19.47 10.65
N LEU D 85 -41.55 -20.22 11.21
CA LEU D 85 -41.75 -21.64 10.92
C LEU D 85 -43.19 -21.85 10.43
N ASN D 86 -43.34 -22.22 9.14
CA ASN D 86 -44.61 -22.40 8.45
C ASN D 86 -45.53 -21.17 8.63
N GLY D 87 -44.94 -19.99 8.42
CA GLY D 87 -45.64 -18.70 8.47
C GLY D 87 -45.99 -18.16 9.84
N ARG D 88 -45.49 -18.79 10.91
CA ARG D 88 -45.73 -18.37 12.28
C ARG D 88 -44.38 -18.19 12.99
N ARG D 89 -44.27 -17.11 13.77
CA ARG D 89 -43.09 -16.75 14.51
C ARG D 89 -42.90 -17.74 15.66
N VAL D 90 -41.67 -18.29 15.80
CA VAL D 90 -41.33 -19.29 16.84
C VAL D 90 -39.97 -18.97 17.49
N ALA D 91 -39.79 -19.48 18.72
CA ALA D 91 -38.58 -19.38 19.53
C ALA D 91 -38.46 -20.66 20.35
N TRP D 92 -37.37 -21.38 20.15
CA TRP D 92 -37.10 -22.64 20.79
C TRP D 92 -35.65 -22.77 21.19
N LYS D 93 -35.40 -23.43 22.30
CA LYS D 93 -34.07 -23.74 22.85
C LYS D 93 -34.14 -25.03 23.68
N HIS D 94 -32.99 -25.70 23.81
CA HIS D 94 -32.89 -26.92 24.59
C HIS D 94 -31.50 -26.97 25.19
N THR D 95 -31.38 -27.25 26.51
CA THR D 95 -30.05 -27.30 27.06
C THR D 95 -29.65 -28.73 27.37
N PHE D 96 -28.47 -29.17 26.88
CA PHE D 96 -27.85 -30.47 27.15
C PHE D 96 -26.74 -30.32 28.18
N SER D 97 -26.49 -31.36 28.95
CA SER D 97 -25.49 -31.39 30.00
C SER D 97 -24.08 -31.28 29.43
N ASN D 98 -23.88 -31.81 28.20
CA ASN D 98 -22.61 -31.77 27.48
C ASN D 98 -22.81 -32.09 26.01
N THR D 99 -21.75 -31.87 25.24
CA THR D 99 -21.69 -32.01 23.78
C THR D 99 -21.97 -33.43 23.30
N CYS D 100 -21.49 -34.46 24.03
CA CYS D 100 -21.69 -35.87 23.69
C CYS D 100 -23.20 -36.19 23.71
N VAL D 101 -23.88 -35.74 24.77
CA VAL D 101 -25.32 -35.86 25.01
C VAL D 101 -26.08 -35.10 23.91
N MET D 102 -25.56 -33.94 23.44
CA MET D 102 -26.14 -33.17 22.33
C MET D 102 -26.09 -33.98 21.03
N SER D 103 -24.93 -34.55 20.67
CA SER D 103 -24.73 -35.35 19.47
C SER D 103 -25.59 -36.59 19.49
N ALA D 104 -25.72 -37.24 20.68
CA ALA D 104 -26.53 -38.45 20.88
C ALA D 104 -28.02 -38.19 20.60
N ASN D 105 -28.56 -37.06 21.13
CA ASN D 105 -29.95 -36.69 20.98
C ASN D 105 -30.30 -36.25 19.57
N LEU D 106 -29.43 -35.44 18.92
CA LEU D 106 -29.66 -34.92 17.57
C LEU D 106 -29.46 -35.96 16.47
N ASN D 107 -28.50 -36.90 16.70
CA ASN D 107 -28.02 -38.00 15.83
C ASN D 107 -27.99 -37.59 14.31
N SER D 108 -27.17 -36.55 14.05
CA SER D 108 -26.81 -36.01 12.75
C SER D 108 -28.01 -35.46 11.94
N ASN D 109 -29.00 -34.89 12.68
CA ASN D 109 -30.13 -34.20 12.09
C ASN D 109 -29.56 -33.14 11.17
N PRO D 110 -29.93 -33.14 9.86
CA PRO D 110 -29.40 -32.12 8.94
C PRO D 110 -29.59 -30.67 9.39
N VAL D 111 -30.59 -30.35 10.20
CA VAL D 111 -30.78 -28.97 10.69
C VAL D 111 -29.50 -28.48 11.44
N TYR D 112 -28.89 -29.30 12.31
CA TYR D 112 -27.70 -28.86 13.05
C TYR D 112 -26.38 -29.33 12.43
N ALA D 113 -26.43 -29.75 11.17
CA ALA D 113 -25.26 -30.15 10.42
C ALA D 113 -24.61 -28.91 9.77
N PHE D 114 -24.18 -27.94 10.63
CA PHE D 114 -23.55 -26.71 10.18
C PHE D 114 -22.31 -26.41 11.04
N MET E 3 35.98 31.77 -4.44
CA MET E 3 36.47 33.02 -3.86
C MET E 3 35.71 33.30 -2.56
N VAL E 4 34.36 33.41 -2.62
CA VAL E 4 33.49 33.68 -1.47
C VAL E 4 33.05 32.33 -0.87
N THR E 5 33.00 32.24 0.48
CA THR E 5 32.61 31.01 1.16
C THR E 5 31.38 31.31 2.04
N VAL E 6 30.26 30.65 1.72
CA VAL E 6 28.99 30.81 2.42
C VAL E 6 28.85 29.68 3.45
N THR E 7 28.60 30.06 4.73
CA THR E 7 28.45 29.12 5.85
C THR E 7 26.97 28.71 5.99
N TYR E 8 26.71 27.40 6.15
CA TYR E 8 25.37 26.87 6.35
C TYR E 8 25.33 26.06 7.65
N ASP E 9 24.16 26.06 8.31
CA ASP E 9 23.97 25.31 9.53
C ASP E 9 22.96 24.17 9.30
N PRO E 10 23.46 22.90 9.23
CA PRO E 10 22.56 21.76 9.01
C PRO E 10 22.05 21.10 10.29
N SER E 11 22.43 21.62 11.46
CA SER E 11 22.10 21.06 12.77
C SER E 11 20.58 20.93 13.04
N ASN E 12 19.76 21.83 12.48
CA ASN E 12 18.31 21.75 12.71
C ASN E 12 17.58 20.85 11.67
N ALA E 13 18.33 20.03 10.92
CA ALA E 13 17.81 19.07 9.96
C ALA E 13 18.57 17.72 10.10
N PRO E 14 18.45 17.01 11.27
CA PRO E 14 19.20 15.76 11.45
C PRO E 14 18.80 14.60 10.52
N SER E 15 17.53 14.62 10.05
CA SER E 15 17.02 13.59 9.16
C SER E 15 17.54 13.74 7.71
N PHE E 16 18.13 14.92 7.38
CA PHE E 16 18.60 15.19 6.03
C PHE E 16 20.09 15.52 5.97
N GLN E 17 20.90 14.95 6.89
CA GLN E 17 22.33 15.21 6.93
C GLN E 17 23.02 14.77 5.65
N GLN E 18 22.60 13.63 5.07
CA GLN E 18 23.20 13.10 3.86
C GLN E 18 22.86 13.95 2.64
N GLU E 19 21.59 14.32 2.48
CA GLU E 19 21.11 15.12 1.36
C GLU E 19 21.73 16.54 1.39
N ILE E 20 21.89 17.14 2.60
CA ILE E 20 22.49 18.48 2.80
C ILE E 20 23.96 18.41 2.35
N ALA E 21 24.67 17.34 2.75
CA ALA E 21 26.05 17.07 2.38
C ALA E 21 26.17 16.88 0.86
N ASN E 22 25.23 16.12 0.22
CA ASN E 22 25.20 15.90 -1.23
C ASN E 22 25.00 17.20 -1.98
N ALA E 23 24.05 18.08 -1.51
CA ALA E 23 23.74 19.40 -2.10
C ALA E 23 24.98 20.30 -2.12
N ALA E 24 25.67 20.40 -0.95
CA ALA E 24 26.90 21.16 -0.77
C ALA E 24 27.97 20.68 -1.74
N GLN E 25 28.14 19.32 -1.91
CA GLN E 25 29.11 18.66 -2.81
C GLN E 25 28.76 18.89 -4.29
N ILE E 26 27.44 18.84 -4.65
CA ILE E 26 26.94 19.06 -6.00
C ILE E 26 27.30 20.49 -6.42
N TRP E 27 26.96 21.49 -5.58
CA TRP E 27 27.20 22.89 -5.86
C TRP E 27 28.68 23.26 -5.85
N ASN E 28 29.47 22.80 -4.87
CA ASN E 28 30.91 23.11 -4.79
C ASN E 28 31.68 22.61 -6.01
N SER E 29 31.25 21.45 -6.60
CA SER E 29 31.86 20.85 -7.79
C SER E 29 31.24 21.41 -9.08
N SER E 30 30.17 22.24 -9.00
CA SER E 30 29.48 22.83 -10.14
C SER E 30 29.84 24.31 -10.38
N VAL E 31 30.12 25.08 -9.30
CA VAL E 31 30.46 26.51 -9.42
C VAL E 31 31.84 26.79 -8.79
N ARG E 32 32.53 27.83 -9.29
CA ARG E 32 33.87 28.22 -8.85
C ARG E 32 33.93 29.53 -8.06
N ASN E 33 32.94 30.43 -8.25
CA ASN E 33 32.97 31.74 -7.60
C ASN E 33 32.42 31.75 -6.16
N VAL E 34 31.65 30.73 -5.75
CA VAL E 34 31.10 30.60 -4.40
C VAL E 34 31.23 29.13 -3.94
N GLN E 35 31.58 28.92 -2.67
CA GLN E 35 31.71 27.60 -2.05
C GLN E 35 30.89 27.55 -0.78
N LEU E 36 30.32 26.36 -0.48
CA LEU E 36 29.51 26.14 0.71
C LEU E 36 30.32 25.39 1.75
N ARG E 37 30.15 25.79 3.01
CA ARG E 37 30.86 25.21 4.14
C ARG E 37 29.92 25.05 5.32
N ALA E 38 29.94 23.88 5.97
CA ALA E 38 29.13 23.65 7.15
C ALA E 38 29.74 24.39 8.35
N GLY E 39 28.90 24.95 9.22
CA GLY E 39 29.35 25.67 10.41
C GLY E 39 28.29 26.36 11.25
N GLY E 40 28.74 26.99 12.33
CA GLY E 40 27.95 27.77 13.28
C GLY E 40 28.03 29.24 12.92
N ASN E 41 27.12 30.10 13.47
CA ASN E 41 27.02 31.53 13.13
C ASN E 41 26.89 31.66 11.59
N ALA E 42 26.14 30.70 11.00
CA ALA E 42 25.91 30.49 9.58
C ALA E 42 25.14 31.63 8.94
N ASP E 43 25.39 31.82 7.63
CA ASP E 43 24.73 32.82 6.80
C ASP E 43 23.27 32.38 6.57
N PHE E 44 23.06 31.06 6.41
CA PHE E 44 21.76 30.44 6.21
C PHE E 44 21.68 29.08 6.93
N SER E 45 20.47 28.61 7.25
CA SER E 45 20.26 27.37 7.99
C SER E 45 19.24 26.42 7.35
N TYR E 46 19.33 25.11 7.69
CA TYR E 46 18.40 24.07 7.24
C TYR E 46 17.51 23.63 8.39
N TYR E 47 16.19 23.54 8.13
CA TYR E 47 15.19 23.11 9.10
C TYR E 47 14.39 21.99 8.51
N GLU E 48 13.73 21.21 9.37
CA GLU E 48 12.90 20.09 8.95
C GLU E 48 11.63 19.99 9.79
N GLY E 49 10.61 19.40 9.22
CA GLY E 49 9.34 19.20 9.91
C GLY E 49 8.23 18.85 8.96
N ASN E 50 7.02 19.27 9.31
CA ASN E 50 5.84 19.02 8.50
C ASN E 50 5.19 20.36 8.10
N ASP E 51 4.94 20.55 6.79
CA ASP E 51 4.24 21.73 6.28
C ASP E 51 3.41 21.32 5.09
N SER E 52 2.11 21.70 5.13
CA SER E 52 1.15 21.44 4.05
C SER E 52 1.67 21.99 2.71
N ARG E 53 2.60 22.97 2.78
CA ARG E 53 3.22 23.61 1.62
C ARG E 53 4.36 22.79 1.05
N GLY E 54 4.95 21.95 1.89
CA GLY E 54 6.07 21.11 1.53
C GLY E 54 7.40 21.80 1.80
N SER E 55 8.42 21.46 0.99
CA SER E 55 9.73 22.10 1.11
C SER E 55 9.73 23.45 0.39
N TYR E 56 10.49 24.42 0.93
CA TYR E 56 10.59 25.79 0.44
C TYR E 56 11.86 26.43 1.01
N ALA E 57 12.15 27.66 0.56
CA ALA E 57 13.26 28.48 1.03
C ALA E 57 12.79 29.93 1.21
N GLN E 58 13.16 30.56 2.31
CA GLN E 58 12.91 31.97 2.59
C GLN E 58 14.29 32.65 2.60
N THR E 59 14.63 33.34 1.50
CA THR E 59 15.97 33.90 1.31
C THR E 59 15.97 35.23 0.54
N ASP E 60 17.07 35.99 0.70
CA ASP E 60 17.35 37.24 0.00
C ASP E 60 17.95 36.92 -1.40
N GLY E 61 18.38 35.66 -1.57
CA GLY E 61 19.01 35.17 -2.79
C GLY E 61 20.51 35.42 -2.86
N HIS E 62 21.15 35.75 -1.72
CA HIS E 62 22.58 35.99 -1.71
C HIS E 62 23.20 35.45 -0.43
N GLY E 63 22.99 34.16 -0.22
CA GLY E 63 23.57 33.42 0.89
C GLY E 63 22.89 33.47 2.25
N ARG E 64 21.94 34.41 2.46
CA ARG E 64 21.24 34.59 3.73
C ARG E 64 19.83 34.01 3.68
N GLY E 65 19.32 33.60 4.85
CA GLY E 65 17.98 33.04 4.99
C GLY E 65 17.93 31.64 5.57
N TYR E 66 16.94 30.82 5.13
CA TYR E 66 16.76 29.44 5.59
C TYR E 66 16.03 28.57 4.57
N ILE E 67 16.23 27.24 4.69
CA ILE E 67 15.59 26.22 3.86
C ILE E 67 14.83 25.25 4.78
N PHE E 68 13.57 24.98 4.44
CA PHE E 68 12.73 24.05 5.18
C PHE E 68 12.47 22.83 4.34
N LEU E 69 12.78 21.64 4.88
CA LEU E 69 12.61 20.37 4.22
C LEU E 69 11.47 19.56 4.88
N ASP E 70 10.38 19.30 4.12
CA ASP E 70 9.19 18.59 4.59
C ASP E 70 9.38 17.06 4.52
N TYR E 71 8.95 16.37 5.57
CA TYR E 71 9.06 14.93 5.70
C TYR E 71 8.30 14.15 4.59
N GLN E 72 6.99 14.37 4.44
CA GLN E 72 6.17 13.68 3.42
C GLN E 72 6.63 13.94 1.98
N GLN E 73 6.91 15.21 1.62
CA GLN E 73 7.34 15.56 0.27
C GLN E 73 8.65 14.87 -0.10
N ASN E 74 9.62 14.80 0.84
CA ASN E 74 10.92 14.18 0.61
C ASN E 74 10.86 12.64 0.53
N GLN E 75 9.68 12.06 0.80
CA GLN E 75 9.43 10.63 0.63
C GLN E 75 8.83 10.36 -0.77
N GLN E 76 8.15 11.39 -1.36
CA GLN E 76 7.52 11.29 -2.67
C GLN E 76 8.46 11.79 -3.77
N TYR E 77 9.20 12.88 -3.51
CA TYR E 77 10.16 13.49 -4.44
C TYR E 77 11.57 13.14 -4.00
N ASP E 78 12.56 13.13 -4.92
CA ASP E 78 13.95 12.79 -4.56
C ASP E 78 14.51 13.87 -3.62
N SER E 79 14.90 13.47 -2.41
CA SER E 79 15.43 14.34 -1.33
C SER E 79 16.67 15.15 -1.72
N THR E 80 17.59 14.56 -2.48
CA THR E 80 18.81 15.23 -2.91
C THR E 80 18.44 16.31 -3.93
N ARG E 81 17.53 16.03 -4.91
CA ARG E 81 17.10 17.04 -5.86
C ARG E 81 16.40 18.20 -5.13
N VAL E 82 15.53 17.89 -4.15
CA VAL E 82 14.81 18.89 -3.36
C VAL E 82 15.82 19.81 -2.66
N THR E 83 16.77 19.23 -1.87
CA THR E 83 17.79 19.95 -1.12
C THR E 83 18.71 20.77 -2.04
N ALA E 84 19.21 20.18 -3.14
CA ALA E 84 20.08 20.89 -4.07
C ALA E 84 19.33 22.08 -4.74
N HIS E 85 18.04 21.85 -5.13
CA HIS E 85 17.14 22.83 -5.74
C HIS E 85 16.96 24.03 -4.83
N GLU E 86 16.61 23.80 -3.56
CA GLU E 86 16.36 24.88 -2.61
C GLU E 86 17.64 25.66 -2.29
N THR E 87 18.81 24.98 -2.25
CA THR E 87 20.13 25.56 -2.04
C THR E 87 20.44 26.53 -3.20
N GLY E 88 19.88 26.25 -4.38
CA GLY E 88 19.99 27.07 -5.56
C GLY E 88 19.34 28.43 -5.43
N HIS E 89 18.29 28.53 -4.58
CA HIS E 89 17.57 29.78 -4.31
C HIS E 89 18.38 30.70 -3.43
N VAL E 90 19.15 30.11 -2.48
CA VAL E 90 20.00 30.84 -1.55
C VAL E 90 21.21 31.39 -2.34
N LEU E 91 21.60 30.67 -3.41
CA LEU E 91 22.70 31.08 -4.30
C LEU E 91 22.21 32.12 -5.33
N GLY E 92 20.90 32.39 -5.34
CA GLY E 92 20.31 33.43 -6.17
C GLY E 92 19.53 33.04 -7.41
N LEU E 93 19.26 31.75 -7.61
CA LEU E 93 18.52 31.31 -8.78
C LEU E 93 17.01 31.29 -8.53
N PRO E 94 16.19 31.71 -9.53
CA PRO E 94 14.74 31.64 -9.37
C PRO E 94 14.19 30.26 -9.79
N ASP E 95 12.87 30.04 -9.65
CA ASP E 95 12.27 28.81 -10.13
C ASP E 95 11.94 28.94 -11.60
N HIS E 96 11.97 27.84 -12.38
CA HIS E 96 11.49 27.80 -13.76
C HIS E 96 10.63 26.52 -13.89
N TYR E 97 9.44 26.56 -13.29
CA TYR E 97 8.50 25.47 -13.21
C TYR E 97 8.22 24.77 -14.54
N GLN E 98 8.22 25.51 -15.65
CA GLN E 98 7.96 24.96 -16.99
C GLN E 98 9.18 24.20 -17.58
N GLY E 99 10.33 24.36 -16.94
CA GLY E 99 11.58 23.71 -17.31
C GLY E 99 11.56 22.20 -17.19
N PRO E 100 12.49 21.51 -17.89
CA PRO E 100 12.51 20.03 -17.81
C PRO E 100 13.32 19.53 -16.61
N CYS E 101 13.47 18.22 -16.50
CA CYS E 101 14.22 17.55 -15.45
C CYS E 101 15.74 17.96 -15.50
N SER E 102 16.28 18.22 -16.71
CA SER E 102 17.68 18.64 -16.91
C SER E 102 17.99 20.01 -16.22
N GLU E 103 16.92 20.77 -15.96
CA GLU E 103 16.96 22.05 -15.27
C GLU E 103 16.65 21.81 -13.80
N LEU E 104 17.66 21.95 -12.94
CA LEU E 104 17.46 21.73 -11.50
C LEU E 104 16.44 22.72 -10.94
N MET E 105 16.41 23.96 -11.44
CA MET E 105 15.51 24.96 -10.90
C MET E 105 14.07 24.82 -11.37
N SER E 106 13.74 23.72 -12.08
CA SER E 106 12.34 23.45 -12.45
C SER E 106 11.63 22.77 -11.28
N GLY E 107 12.41 22.34 -10.27
CA GLY E 107 11.93 21.71 -9.05
C GLY E 107 11.03 20.53 -9.25
N GLY E 108 9.84 20.60 -8.65
CA GLY E 108 8.78 19.60 -8.71
C GLY E 108 7.91 19.67 -9.96
N GLY E 109 8.18 20.67 -10.81
CA GLY E 109 7.52 20.90 -12.10
C GLY E 109 7.43 19.67 -12.98
N PRO E 110 8.59 19.01 -13.34
CA PRO E 110 8.53 17.79 -14.16
C PRO E 110 7.87 16.55 -13.45
N GLY E 111 7.49 16.69 -12.17
CA GLY E 111 6.87 15.61 -11.41
C GLY E 111 7.79 14.81 -10.50
N PRO E 112 7.24 13.80 -9.79
CA PRO E 112 8.04 13.02 -8.82
C PRO E 112 9.06 12.08 -9.44
N SER E 113 8.89 11.69 -10.73
CA SER E 113 9.77 10.76 -11.45
C SER E 113 11.19 11.36 -11.67
N CYS E 114 11.27 12.67 -11.66
CA CYS E 114 12.50 13.40 -11.89
C CYS E 114 13.46 13.26 -10.67
N THR E 115 14.70 12.75 -10.93
CA THR E 115 15.70 12.50 -9.87
C THR E 115 17.03 13.28 -10.07
N ASN E 116 17.18 14.05 -11.15
CA ASN E 116 18.40 14.83 -11.42
C ASN E 116 18.69 15.91 -10.37
N PRO E 117 19.82 15.84 -9.62
CA PRO E 117 20.12 16.88 -8.62
C PRO E 117 21.15 17.92 -9.08
N TYR E 118 21.67 17.79 -10.32
CA TYR E 118 22.75 18.64 -10.83
C TYR E 118 22.27 19.85 -11.66
N PRO E 119 22.85 21.07 -11.40
CA PRO E 119 22.45 22.24 -12.18
C PRO E 119 23.00 22.18 -13.61
N ASN E 120 22.24 22.65 -14.62
CA ASN E 120 22.69 22.63 -16.01
C ASN E 120 23.72 23.75 -16.26
N ALA E 121 24.18 23.87 -17.52
CA ALA E 121 25.16 24.87 -17.96
C ALA E 121 24.73 26.30 -17.66
N GLN E 122 23.51 26.69 -18.05
CA GLN E 122 23.01 28.05 -17.82
C GLN E 122 22.92 28.38 -16.32
N GLU E 123 22.44 27.42 -15.50
CA GLU E 123 22.30 27.56 -14.04
C GLU E 123 23.67 27.77 -13.39
N ARG E 124 24.69 27.00 -13.81
CA ARG E 124 26.07 27.10 -13.30
C ARG E 124 26.69 28.45 -13.67
N SER E 125 26.40 28.94 -14.89
CA SER E 125 26.86 30.22 -15.43
C SER E 125 26.28 31.38 -14.66
N ARG E 126 24.96 31.31 -14.38
CA ARG E 126 24.24 32.37 -13.67
C ARG E 126 24.75 32.53 -12.23
N VAL E 127 25.00 31.41 -11.52
CA VAL E 127 25.50 31.43 -10.15
C VAL E 127 26.93 32.03 -10.12
N ASN E 128 27.80 31.64 -11.08
CA ASN E 128 29.17 32.20 -11.15
C ASN E 128 29.16 33.71 -11.51
N ALA E 129 28.12 34.18 -12.22
CA ALA E 129 27.96 35.60 -12.56
C ALA E 129 27.53 36.41 -11.33
N LEU E 130 26.58 35.84 -10.54
CA LEU E 130 26.03 36.47 -9.32
C LEU E 130 27.06 36.59 -8.18
N TRP E 131 28.04 35.65 -8.11
CA TRP E 131 29.04 35.62 -7.04
C TRP E 131 30.43 36.02 -7.54
N ALA E 132 30.50 36.60 -8.76
CA ALA E 132 31.73 37.04 -9.40
C ALA E 132 32.48 38.12 -8.56
N ASN E 133 31.73 38.97 -7.84
CA ASN E 133 32.25 40.00 -6.95
C ASN E 133 31.33 40.24 -5.74
N GLY E 134 30.04 39.95 -5.89
CA GLY E 134 29.04 40.14 -4.86
C GLY E 134 27.81 40.85 -5.43
N ALA F 3 12.85 39.61 -2.72
CA ALA F 3 12.55 38.59 -1.72
C ALA F 3 11.80 37.37 -2.31
N HIS F 4 12.27 36.18 -1.90
CA HIS F 4 11.73 34.90 -2.34
C HIS F 4 11.05 34.19 -1.19
N GLY F 5 9.88 33.62 -1.47
CA GLY F 5 9.13 32.84 -0.51
C GLY F 5 8.10 31.97 -1.18
N PRO F 6 7.44 31.04 -0.42
CA PRO F 6 6.37 30.23 -1.03
C PRO F 6 5.07 31.02 -1.19
N SER F 7 4.26 30.67 -2.20
CA SER F 7 3.03 31.37 -2.51
C SER F 7 1.85 30.42 -2.51
N ALA F 8 0.68 30.92 -2.05
CA ALA F 8 -0.61 30.22 -1.95
C ALA F 8 -1.69 31.27 -2.17
N MET F 9 -2.24 31.30 -3.39
CA MET F 9 -3.15 32.37 -3.80
C MET F 9 -4.44 31.88 -4.34
N VAL F 10 -5.43 32.75 -4.30
CA VAL F 10 -6.75 32.60 -4.91
C VAL F 10 -6.93 33.76 -5.92
N PHE F 11 -7.26 33.40 -7.16
CA PHE F 11 -7.49 34.36 -8.26
C PHE F 11 -8.91 34.29 -8.66
N THR F 12 -9.55 35.41 -8.87
CA THR F 12 -10.96 35.40 -9.27
C THR F 12 -11.24 36.42 -10.36
N VAL F 13 -12.39 36.21 -10.99
CA VAL F 13 -12.96 37.09 -11.99
C VAL F 13 -14.38 37.38 -11.50
N ILE F 14 -14.69 38.67 -11.26
CA ILE F 14 -15.98 39.09 -10.71
C ILE F 14 -16.72 39.96 -11.67
N GLN F 15 -18.04 39.78 -11.68
CA GLN F 15 -18.98 40.54 -12.46
C GLN F 15 -19.19 41.89 -11.75
N GLY F 16 -18.76 42.99 -12.37
CA GLY F 16 -18.90 44.34 -11.83
C GLY F 16 -17.63 44.91 -11.24
N SER F 17 -17.79 45.92 -10.35
CA SER F 17 -16.75 46.68 -9.68
C SER F 17 -15.92 45.90 -8.63
N GLY F 18 -16.44 44.76 -8.17
CA GLY F 18 -15.79 43.94 -7.14
C GLY F 18 -16.32 44.23 -5.75
N GLU F 19 -17.62 44.61 -5.69
CA GLU F 19 -18.39 44.92 -4.46
C GLU F 19 -18.70 43.63 -3.69
N PRO F 20 -19.09 43.67 -2.40
CA PRO F 20 -19.28 42.42 -1.64
C PRO F 20 -20.34 41.45 -2.19
N THR F 21 -21.43 42.00 -2.75
CA THR F 21 -22.58 41.26 -3.28
C THR F 21 -22.37 40.82 -4.73
N ASP F 22 -21.25 41.20 -5.35
CA ASP F 22 -21.00 40.90 -6.75
C ASP F 22 -20.72 39.40 -6.99
N THR F 23 -21.24 38.90 -8.12
CA THR F 23 -21.16 37.51 -8.56
C THR F 23 -19.76 37.16 -8.98
N VAL F 24 -19.27 36.00 -8.53
CA VAL F 24 -17.95 35.47 -8.88
C VAL F 24 -18.13 34.65 -10.16
N LEU F 25 -17.57 35.10 -11.28
CA LEU F 25 -17.70 34.43 -12.57
C LEU F 25 -16.78 33.18 -12.64
N ARG F 26 -15.49 33.36 -12.33
CA ARG F 26 -14.56 32.25 -12.28
C ARG F 26 -13.59 32.47 -11.10
N ALA F 27 -13.05 31.37 -10.57
CA ALA F 27 -12.07 31.39 -9.48
C ALA F 27 -11.25 30.13 -9.48
N THR F 28 -9.97 30.26 -9.15
CA THR F 28 -9.02 29.14 -9.04
C THR F 28 -8.04 29.42 -7.89
N THR F 29 -7.32 28.35 -7.46
CA THR F 29 -6.27 28.36 -6.42
C THR F 29 -4.95 27.97 -7.07
N LEU F 30 -3.86 28.47 -6.52
CA LEU F 30 -2.50 28.23 -7.01
C LEU F 30 -1.55 28.24 -5.87
N SER F 31 -0.67 27.25 -5.85
CA SER F 31 0.36 27.12 -4.82
C SER F 31 1.74 26.88 -5.47
N CYS F 32 2.74 27.72 -5.16
CA CYS F 32 4.11 27.59 -5.67
C CYS F 32 5.11 27.45 -4.52
N ALA F 33 5.83 26.34 -4.48
CA ALA F 33 6.89 26.02 -3.52
C ALA F 33 7.90 25.14 -4.27
N TYR F 34 8.21 23.90 -3.80
CA TYR F 34 9.05 23.04 -4.64
C TYR F 34 8.25 22.61 -5.87
N THR F 35 6.91 22.48 -5.69
CA THR F 35 5.96 22.05 -6.70
C THR F 35 4.99 23.13 -7.00
N ALA F 36 4.53 23.20 -8.26
CA ALA F 36 3.50 24.15 -8.67
C ALA F 36 2.21 23.37 -8.73
N GLU F 37 1.27 23.67 -7.83
CA GLU F 37 0.00 22.97 -7.86
C GLU F 37 -1.17 23.94 -7.58
N GLY F 38 -2.35 23.37 -7.40
CA GLY F 38 -3.61 24.06 -7.10
C GLY F 38 -4.68 23.60 -8.05
N THR F 39 -5.82 24.28 -8.07
CA THR F 39 -6.91 23.92 -9.00
C THR F 39 -6.72 24.60 -10.37
N HIS F 40 -5.66 25.42 -10.54
CA HIS F 40 -5.32 26.09 -11.79
C HIS F 40 -5.08 25.05 -12.88
N PRO F 41 -5.69 25.22 -14.07
CA PRO F 41 -5.50 24.22 -15.14
C PRO F 41 -4.05 24.08 -15.66
N ALA F 42 -3.21 25.13 -15.52
CA ALA F 42 -1.77 25.14 -15.91
C ALA F 42 -0.91 25.72 -14.76
N PRO F 43 -0.65 24.97 -13.68
CA PRO F 43 0.06 25.55 -12.52
C PRO F 43 1.49 25.97 -12.80
N ARG F 44 2.27 25.20 -13.59
CA ARG F 44 3.67 25.49 -13.90
C ARG F 44 3.79 26.84 -14.57
N ALA F 45 3.03 27.04 -15.67
CA ALA F 45 2.97 28.28 -16.44
C ALA F 45 2.47 29.46 -15.58
N ALA F 46 1.42 29.24 -14.75
CA ALA F 46 0.81 30.24 -13.87
C ALA F 46 1.79 30.73 -12.82
N CYS F 47 2.51 29.82 -12.15
CA CYS F 47 3.48 30.11 -11.12
C CYS F 47 4.66 30.90 -11.72
N ASP F 48 5.12 30.50 -12.92
CA ASP F 48 6.19 31.21 -13.61
C ASP F 48 5.74 32.65 -13.94
N ALA F 49 4.52 32.84 -14.47
CA ALA F 49 3.94 34.15 -14.82
C ALA F 49 3.76 35.02 -13.58
N LEU F 50 3.30 34.40 -12.48
CA LEU F 50 3.10 35.06 -11.21
C LEU F 50 4.44 35.62 -10.69
N ASN F 51 5.50 34.78 -10.68
CA ASN F 51 6.81 35.16 -10.17
C ASN F 51 7.51 36.22 -11.01
N ALA F 52 7.20 36.33 -12.31
CA ALA F 52 7.78 37.31 -13.21
C ALA F 52 7.41 38.77 -12.85
N THR F 53 6.26 38.98 -12.16
CA THR F 53 5.76 40.28 -11.73
C THR F 53 6.62 40.90 -10.63
N ASP F 54 7.41 40.06 -9.92
CA ASP F 54 8.33 40.42 -8.82
C ASP F 54 7.56 41.16 -7.71
N GLY F 55 6.38 40.66 -7.38
CA GLY F 55 5.56 41.20 -6.31
C GLY F 55 4.58 42.28 -6.70
N GLU F 56 4.78 42.95 -7.86
CA GLU F 56 3.87 44.00 -8.35
C GLU F 56 2.86 43.35 -9.29
N LEU F 57 1.66 43.05 -8.80
CA LEU F 57 0.66 42.38 -9.60
C LEU F 57 0.14 43.25 -10.77
N ASN F 58 0.37 44.57 -10.75
CA ASN F 58 -0.04 45.42 -11.86
C ASN F 58 0.77 45.12 -13.15
N ARG F 59 1.95 44.41 -13.04
CA ARG F 59 2.79 43.97 -14.17
C ARG F 59 2.12 42.78 -14.92
N LEU F 60 0.95 42.31 -14.45
CA LEU F 60 0.19 41.28 -15.15
C LEU F 60 -0.49 41.86 -16.41
N LEU F 61 -0.71 43.18 -16.39
CA LEU F 61 -1.31 43.96 -17.48
C LEU F 61 -0.23 44.58 -18.39
N ALA F 62 1.05 44.10 -18.28
CA ALA F 62 2.29 44.60 -18.95
C ALA F 62 2.44 44.31 -20.47
N ALA F 63 1.89 43.19 -21.01
CA ALA F 63 1.97 42.87 -22.45
C ALA F 63 0.55 42.91 -23.10
N PRO F 64 -0.02 44.11 -23.43
CA PRO F 64 -1.37 44.14 -24.03
C PRO F 64 -1.38 43.55 -25.46
N ASP F 65 -2.50 42.88 -25.84
CA ASP F 65 -2.64 42.29 -27.17
C ASP F 65 -2.75 43.38 -28.23
N PRO F 66 -1.80 43.36 -29.22
CA PRO F 66 -1.78 44.42 -30.25
C PRO F 66 -2.99 44.38 -31.21
N SER F 67 -3.21 43.23 -31.88
CA SER F 67 -4.30 43.03 -32.83
C SER F 67 -5.58 42.51 -32.13
N LEU F 68 -6.32 43.45 -31.48
CA LEU F 68 -7.62 43.30 -30.83
C LEU F 68 -8.14 44.70 -30.42
N VAL F 69 -8.78 45.39 -31.39
CA VAL F 69 -9.44 46.70 -31.19
C VAL F 69 -10.72 46.41 -30.42
N CYS F 70 -10.88 47.06 -29.26
CA CYS F 70 -12.05 46.81 -28.44
C CYS F 70 -13.09 47.91 -28.56
N PRO F 71 -14.38 47.51 -28.71
CA PRO F 71 -15.46 48.50 -28.70
C PRO F 71 -15.65 49.10 -27.30
N MET F 72 -16.19 50.32 -27.21
CA MET F 72 -16.40 51.00 -25.93
C MET F 72 -17.83 50.86 -25.49
N TYR F 73 -18.11 49.73 -24.82
CA TYR F 73 -19.39 49.42 -24.21
C TYR F 73 -19.12 49.23 -22.73
N PHE F 74 -20.09 49.58 -21.89
CA PHE F 74 -19.95 49.45 -20.44
C PHE F 74 -20.55 48.13 -19.92
N ASP F 75 -19.70 47.24 -19.39
CA ASP F 75 -20.03 45.95 -18.75
C ASP F 75 -18.81 45.56 -17.89
N PRO F 76 -18.59 46.27 -16.75
CA PRO F 76 -17.35 46.08 -15.97
C PRO F 76 -17.13 44.69 -15.43
N VAL F 77 -15.85 44.34 -15.34
CA VAL F 77 -15.34 43.04 -14.86
C VAL F 77 -14.07 43.31 -14.00
N THR F 78 -13.97 42.66 -12.85
CA THR F 78 -12.89 42.85 -11.91
C THR F 78 -12.13 41.54 -11.72
N VAL F 79 -10.80 41.65 -11.75
CA VAL F 79 -9.87 40.56 -11.48
C VAL F 79 -9.32 40.77 -10.08
N THR F 80 -9.22 39.69 -9.30
CA THR F 80 -8.68 39.75 -7.96
C THR F 80 -7.60 38.71 -7.75
N ALA F 81 -6.73 38.98 -6.77
CA ALA F 81 -5.65 38.11 -6.30
C ALA F 81 -5.52 38.32 -4.81
N ASP F 82 -5.70 37.24 -4.02
CA ASP F 82 -5.63 37.27 -2.55
C ASP F 82 -4.87 36.06 -2.05
N GLY F 83 -4.09 36.22 -0.99
CA GLY F 83 -3.35 35.11 -0.38
C GLY F 83 -1.92 35.46 0.00
N VAL F 84 -1.04 34.47 -0.03
CA VAL F 84 0.38 34.61 0.32
C VAL F 84 1.22 34.62 -0.98
N LEU F 85 1.97 35.71 -1.19
CA LEU F 85 2.84 35.93 -2.36
C LEU F 85 4.25 36.15 -1.85
N ASN F 86 5.16 35.21 -2.18
CA ASN F 86 6.55 35.21 -1.68
C ASN F 86 6.62 35.38 -0.14
N GLY F 87 5.79 34.61 0.58
CA GLY F 87 5.72 34.56 2.04
C GLY F 87 5.09 35.75 2.74
N ARG F 88 4.48 36.67 1.98
CA ARG F 88 3.79 37.84 2.52
C ARG F 88 2.36 37.88 2.00
N ARG F 89 1.43 38.16 2.92
CA ARG F 89 0.01 38.20 2.66
C ARG F 89 -0.34 39.47 1.82
N VAL F 90 -1.07 39.29 0.71
CA VAL F 90 -1.40 40.35 -0.25
C VAL F 90 -2.88 40.31 -0.68
N ALA F 91 -3.36 41.45 -1.21
CA ALA F 91 -4.72 41.65 -1.75
C ALA F 91 -4.67 42.69 -2.88
N TRP F 92 -5.08 42.28 -4.06
CA TRP F 92 -5.04 43.10 -5.26
C TRP F 92 -6.30 42.88 -6.08
N LYS F 93 -6.76 43.94 -6.77
CA LYS F 93 -7.90 43.92 -7.69
C LYS F 93 -7.74 45.01 -8.74
N HIS F 94 -8.36 44.77 -9.89
CA HIS F 94 -8.31 45.72 -11.01
C HIS F 94 -9.62 45.64 -11.73
N THR F 95 -10.19 46.80 -12.06
CA THR F 95 -11.46 46.84 -12.75
C THR F 95 -11.25 47.32 -14.18
N PHE F 96 -11.76 46.52 -15.13
CA PHE F 96 -11.77 46.81 -16.57
C PHE F 96 -13.12 47.38 -16.91
N SER F 97 -13.27 48.08 -18.04
CA SER F 97 -14.58 48.65 -18.40
C SER F 97 -15.52 47.63 -19.02
N ASN F 98 -14.93 46.59 -19.61
CA ASN F 98 -15.63 45.46 -20.23
C ASN F 98 -14.65 44.29 -20.36
N THR F 99 -15.15 43.13 -20.81
CA THR F 99 -14.44 41.87 -20.94
C THR F 99 -13.42 41.88 -22.09
N CYS F 100 -13.71 42.59 -23.18
CA CYS F 100 -12.80 42.69 -24.31
C CYS F 100 -11.48 43.35 -23.85
N VAL F 101 -11.60 44.37 -23.00
CA VAL F 101 -10.51 45.16 -22.42
C VAL F 101 -9.74 44.26 -21.47
N MET F 102 -10.45 43.38 -20.78
CA MET F 102 -9.79 42.46 -19.89
C MET F 102 -8.90 41.52 -20.69
N SER F 103 -9.41 40.90 -21.76
CA SER F 103 -8.72 39.97 -22.64
C SER F 103 -7.53 40.62 -23.35
N ALA F 104 -7.67 41.90 -23.71
CA ALA F 104 -6.64 42.68 -24.37
C ALA F 104 -5.47 43.01 -23.42
N ASN F 105 -5.77 43.43 -22.17
CA ASN F 105 -4.76 43.80 -21.18
C ASN F 105 -3.94 42.61 -20.73
N LEU F 106 -4.62 41.49 -20.43
CA LEU F 106 -4.00 40.21 -20.10
C LEU F 106 -3.87 39.47 -21.43
N ASN F 107 -2.85 39.76 -22.24
CA ASN F 107 -2.73 39.09 -23.54
C ASN F 107 -2.35 37.59 -23.32
N SER F 108 -3.34 36.81 -22.84
CA SER F 108 -3.30 35.38 -22.51
C SER F 108 -2.31 35.06 -21.34
N ASN F 109 -2.09 36.03 -20.40
CA ASN F 109 -1.25 35.84 -19.23
C ASN F 109 -1.66 34.57 -18.53
N PRO F 110 -0.72 33.59 -18.39
CA PRO F 110 -1.07 32.28 -17.78
C PRO F 110 -1.76 32.36 -16.42
N VAL F 111 -1.54 33.41 -15.61
CA VAL F 111 -2.19 33.53 -14.30
C VAL F 111 -3.73 33.49 -14.45
N TYR F 112 -4.33 34.24 -15.37
CA TYR F 112 -5.79 34.25 -15.54
C TYR F 112 -6.28 33.32 -16.70
N ALA F 113 -5.46 32.37 -17.09
CA ALA F 113 -5.83 31.38 -18.10
C ALA F 113 -6.53 30.21 -17.41
N PHE F 114 -7.67 30.53 -16.75
CA PHE F 114 -8.52 29.59 -16.03
C PHE F 114 -10.03 29.85 -16.32
N PRO G 2 -47.97 17.46 -4.45
CA PRO G 2 -46.94 18.10 -3.61
C PRO G 2 -47.42 19.44 -3.05
N MET G 3 -46.79 19.90 -1.94
CA MET G 3 -47.17 21.20 -1.36
C MET G 3 -46.70 22.28 -2.35
N VAL G 4 -45.40 22.24 -2.73
CA VAL G 4 -44.80 23.18 -3.68
C VAL G 4 -44.28 22.45 -4.94
N THR G 5 -44.46 23.08 -6.12
CA THR G 5 -43.92 22.64 -7.40
C THR G 5 -42.91 23.71 -7.84
N VAL G 6 -41.63 23.32 -7.93
CA VAL G 6 -40.52 24.21 -8.30
C VAL G 6 -40.23 24.05 -9.80
N THR G 7 -40.22 25.18 -10.53
CA THR G 7 -39.98 25.24 -11.97
C THR G 7 -38.46 25.40 -12.24
N TYR G 8 -37.94 24.60 -13.21
CA TYR G 8 -36.53 24.68 -13.61
C TYR G 8 -36.45 24.93 -15.12
N ASP G 9 -35.40 25.66 -15.55
CA ASP G 9 -35.19 25.96 -16.96
C ASP G 9 -33.91 25.24 -17.43
N PRO G 10 -34.09 24.17 -18.23
CA PRO G 10 -32.91 23.43 -18.73
C PRO G 10 -32.41 23.93 -20.10
N SER G 11 -33.04 24.96 -20.68
CA SER G 11 -32.75 25.49 -22.02
C SER G 11 -31.29 25.93 -22.23
N ASN G 12 -30.60 26.44 -21.17
CA ASN G 12 -29.21 26.90 -21.29
C ASN G 12 -28.18 25.77 -21.06
N ALA G 13 -28.64 24.49 -21.06
CA ALA G 13 -27.82 23.28 -20.90
C ALA G 13 -28.27 22.22 -21.92
N PRO G 14 -28.10 22.48 -23.25
CA PRO G 14 -28.56 21.51 -24.27
C PRO G 14 -27.82 20.18 -24.28
N SER G 15 -26.56 20.17 -23.80
CA SER G 15 -25.75 18.96 -23.76
C SER G 15 -26.16 18.02 -22.61
N PHE G 16 -26.96 18.51 -21.65
CA PHE G 16 -27.33 17.74 -20.47
C PHE G 16 -28.86 17.57 -20.32
N GLN G 17 -29.59 17.55 -21.44
CA GLN G 17 -31.05 17.41 -21.39
C GLN G 17 -31.49 16.09 -20.74
N GLN G 18 -30.74 15.00 -21.00
CA GLN G 18 -31.07 13.68 -20.46
C GLN G 18 -30.78 13.59 -18.98
N GLU G 19 -29.62 14.10 -18.53
CA GLU G 19 -29.23 14.01 -17.10
C GLU G 19 -30.06 14.95 -16.22
N ILE G 20 -30.54 16.08 -16.80
CA ILE G 20 -31.44 17.03 -16.12
C ILE G 20 -32.79 16.32 -15.91
N ALA G 21 -33.27 15.59 -16.95
CA ALA G 21 -34.50 14.84 -16.90
C ALA G 21 -34.43 13.70 -15.88
N ASN G 22 -33.30 12.96 -15.81
CA ASN G 22 -33.16 11.87 -14.82
C ASN G 22 -33.08 12.45 -13.39
N ALA G 23 -32.43 13.61 -13.18
CA ALA G 23 -32.34 14.27 -11.86
C ALA G 23 -33.75 14.63 -11.32
N ALA G 24 -34.61 15.23 -12.17
CA ALA G 24 -36.00 15.57 -11.85
C ALA G 24 -36.85 14.30 -11.56
N GLN G 25 -36.64 13.24 -12.35
CA GLN G 25 -37.33 11.96 -12.20
C GLN G 25 -36.86 11.23 -10.91
N ILE G 26 -35.55 11.36 -10.51
CA ILE G 26 -34.95 10.78 -9.30
C ILE G 26 -35.57 11.47 -8.07
N TRP G 27 -35.58 12.81 -8.05
CA TRP G 27 -36.09 13.59 -6.94
C TRP G 27 -37.62 13.50 -6.81
N ASN G 28 -38.38 13.61 -7.92
CA ASN G 28 -39.84 13.53 -7.85
C ASN G 28 -40.33 12.20 -7.29
N SER G 29 -39.61 11.09 -7.58
CA SER G 29 -39.91 9.75 -7.07
C SER G 29 -39.28 9.48 -5.67
N SER G 30 -38.43 10.39 -5.16
CA SER G 30 -37.78 10.26 -3.85
C SER G 30 -38.45 11.13 -2.75
N VAL G 31 -39.08 12.29 -3.12
CA VAL G 31 -39.71 13.19 -2.13
C VAL G 31 -41.22 13.46 -2.45
N ARG G 32 -41.98 13.85 -1.42
CA ARG G 32 -43.42 14.04 -1.50
C ARG G 32 -43.89 15.46 -1.27
N ASN G 33 -43.08 16.26 -0.58
CA ASN G 33 -43.45 17.60 -0.19
C ASN G 33 -43.12 18.67 -1.25
N VAL G 34 -42.18 18.36 -2.18
CA VAL G 34 -41.75 19.23 -3.30
C VAL G 34 -41.63 18.39 -4.63
N GLN G 35 -41.95 19.00 -5.78
CA GLN G 35 -41.90 18.38 -7.10
C GLN G 35 -41.27 19.33 -8.11
N LEU G 36 -40.45 18.79 -9.02
CA LEU G 36 -39.77 19.58 -10.05
C LEU G 36 -40.50 19.47 -11.40
N ARG G 37 -40.61 20.59 -12.13
CA ARG G 37 -41.23 20.58 -13.46
C ARG G 37 -40.49 21.56 -14.37
N ALA G 38 -40.20 21.12 -15.60
CA ALA G 38 -39.50 21.93 -16.58
C ALA G 38 -40.41 23.08 -17.05
N GLY G 39 -39.83 24.25 -17.28
CA GLY G 39 -40.56 25.42 -17.74
C GLY G 39 -39.76 26.69 -17.93
N GLY G 40 -40.43 27.73 -18.40
CA GLY G 40 -39.91 29.09 -18.61
C GLY G 40 -40.22 29.94 -17.40
N ASN G 41 -39.55 31.11 -17.24
CA ASN G 41 -39.68 32.01 -16.07
C ASN G 41 -39.56 31.18 -14.77
N ALA G 42 -38.61 30.23 -14.83
CA ALA G 42 -38.27 29.25 -13.83
C ALA G 42 -37.73 29.86 -12.55
N ASP G 43 -37.88 29.12 -11.43
CA ASP G 43 -37.37 29.49 -10.11
C ASP G 43 -35.84 29.37 -10.11
N PHE G 44 -35.31 28.35 -10.81
CA PHE G 44 -33.88 28.11 -10.96
C PHE G 44 -33.58 27.59 -12.39
N SER G 45 -32.34 27.78 -12.85
CA SER G 45 -31.93 27.41 -14.20
C SER G 45 -30.64 26.54 -14.24
N TYR G 46 -30.47 25.79 -15.35
CA TYR G 46 -29.27 24.98 -15.62
C TYR G 46 -28.44 25.65 -16.73
N TYR G 47 -27.14 25.74 -16.49
CA TYR G 47 -26.16 26.29 -17.41
C TYR G 47 -25.05 25.25 -17.61
N GLU G 48 -24.31 25.40 -18.71
CA GLU G 48 -23.22 24.49 -19.03
C GLU G 48 -22.06 25.27 -19.61
N GLY G 49 -20.87 24.70 -19.46
CA GLY G 49 -19.67 25.33 -19.98
C GLY G 49 -18.42 24.74 -19.38
N ASN G 50 -17.38 25.56 -19.27
CA ASN G 50 -16.13 25.15 -18.67
C ASN G 50 -15.79 26.03 -17.47
N ASP G 51 -15.47 25.39 -16.34
CA ASP G 51 -15.05 26.05 -15.12
C ASP G 51 -13.98 25.17 -14.49
N SER G 52 -12.84 25.76 -14.09
CA SER G 52 -11.72 25.08 -13.47
C SER G 52 -12.14 24.47 -12.14
N ARG G 53 -13.24 25.01 -11.54
CA ARG G 53 -13.83 24.55 -10.27
C ARG G 53 -14.70 23.30 -10.47
N GLY G 54 -15.11 23.04 -11.71
CA GLY G 54 -16.02 21.95 -12.05
C GLY G 54 -17.46 22.39 -11.90
N SER G 55 -18.37 21.42 -11.73
CA SER G 55 -19.80 21.69 -11.54
C SER G 55 -20.02 22.25 -10.12
N TYR G 56 -21.04 23.09 -9.97
CA TYR G 56 -21.44 23.74 -8.72
C TYR G 56 -22.88 24.25 -8.83
N ALA G 57 -23.41 24.79 -7.72
CA ALA G 57 -24.72 25.42 -7.65
C ALA G 57 -24.63 26.71 -6.81
N GLN G 58 -25.24 27.80 -7.32
CA GLN G 58 -25.36 29.06 -6.60
C GLN G 58 -26.86 29.23 -6.28
N THR G 59 -27.24 28.96 -5.02
CA THR G 59 -28.64 28.93 -4.60
C THR G 59 -28.86 29.42 -3.15
N ASP G 60 -30.09 29.86 -2.88
CA ASP G 60 -30.59 30.26 -1.55
C ASP G 60 -30.98 28.99 -0.72
N GLY G 61 -31.01 27.84 -1.39
CA GLY G 61 -31.36 26.56 -0.80
C GLY G 61 -32.85 26.28 -0.73
N HIS G 62 -33.67 27.10 -1.42
CA HIS G 62 -35.12 26.93 -1.39
C HIS G 62 -35.72 27.21 -2.76
N GLY G 63 -35.21 26.45 -3.74
CA GLY G 63 -35.70 26.43 -5.13
C GLY G 63 -35.23 27.50 -6.07
N ARG G 64 -34.58 28.55 -5.57
CA ARG G 64 -34.10 29.68 -6.39
C ARG G 64 -32.59 29.59 -6.62
N GLY G 65 -32.13 30.16 -7.73
CA GLY G 65 -30.72 30.15 -8.10
C GLY G 65 -30.40 29.53 -9.45
N TYR G 66 -29.22 28.89 -9.56
CA TYR G 66 -28.78 28.26 -10.79
C TYR G 66 -27.77 27.14 -10.52
N ILE G 67 -27.68 26.19 -11.47
CA ILE G 67 -26.74 25.06 -11.44
C ILE G 67 -25.87 25.15 -12.70
N PHE G 68 -24.56 25.02 -12.52
CA PHE G 68 -23.60 25.01 -13.60
C PHE G 68 -22.99 23.63 -13.72
N LEU G 69 -23.10 23.04 -14.92
CA LEU G 69 -22.55 21.72 -15.23
C LEU G 69 -21.33 21.84 -16.14
N ASP G 70 -20.15 21.41 -15.63
CA ASP G 70 -18.86 21.49 -16.35
C ASP G 70 -18.68 20.30 -17.28
N TYR G 71 -18.18 20.58 -18.49
CA TYR G 71 -17.98 19.59 -19.54
C TYR G 71 -16.97 18.48 -19.15
N GLN G 72 -15.67 18.82 -18.81
CA GLN G 72 -14.60 17.86 -18.42
C GLN G 72 -15.06 16.99 -17.20
N GLN G 73 -15.67 17.61 -16.16
CA GLN G 73 -16.06 16.89 -14.95
C GLN G 73 -17.10 15.85 -15.21
N ASN G 74 -18.08 16.18 -16.05
CA ASN G 74 -19.17 15.28 -16.40
C ASN G 74 -18.74 14.14 -17.33
N GLN G 75 -17.49 14.18 -17.84
CA GLN G 75 -16.92 13.08 -18.63
C GLN G 75 -16.09 12.14 -17.73
N GLN G 76 -15.63 12.65 -16.57
CA GLN G 76 -14.83 11.89 -15.59
C GLN G 76 -15.71 11.31 -14.49
N TYR G 77 -16.71 12.08 -14.02
CA TYR G 77 -17.67 11.66 -13.02
C TYR G 77 -19.03 11.34 -13.70
N ASP G 78 -19.89 10.51 -13.08
CA ASP G 78 -21.20 10.17 -13.64
C ASP G 78 -22.06 11.43 -13.67
N SER G 79 -22.51 11.82 -14.90
CA SER G 79 -23.31 13.03 -15.19
C SER G 79 -24.63 13.10 -14.42
N THR G 80 -25.31 11.97 -14.30
CA THR G 80 -26.59 11.89 -13.60
C THR G 80 -26.35 12.11 -12.09
N ARG G 81 -25.31 11.49 -11.49
CA ARG G 81 -25.00 11.72 -10.08
C ARG G 81 -24.70 13.20 -9.85
N VAL G 82 -23.88 13.82 -10.76
CA VAL G 82 -23.48 15.22 -10.64
C VAL G 82 -24.74 16.10 -10.65
N THR G 83 -25.63 15.95 -11.69
CA THR G 83 -26.84 16.74 -11.86
C THR G 83 -27.83 16.52 -10.70
N ALA G 84 -28.07 15.26 -10.27
CA ALA G 84 -28.96 14.96 -9.12
C ALA G 84 -28.41 15.60 -7.81
N HIS G 85 -27.07 15.48 -7.59
CA HIS G 85 -26.34 16.04 -6.45
C HIS G 85 -26.55 17.54 -6.35
N GLU G 86 -26.31 18.26 -7.45
CA GLU G 86 -26.42 19.72 -7.45
C GLU G 86 -27.87 20.16 -7.26
N THR G 87 -28.85 19.40 -7.81
CA THR G 87 -30.29 19.65 -7.67
C THR G 87 -30.68 19.55 -6.17
N GLY G 88 -29.93 18.72 -5.44
CA GLY G 88 -30.07 18.53 -4.01
C GLY G 88 -29.76 19.77 -3.19
N HIS G 89 -28.86 20.64 -3.71
CA HIS G 89 -28.49 21.91 -3.08
C HIS G 89 -29.59 22.94 -3.22
N VAL G 90 -30.29 22.92 -4.36
CA VAL G 90 -31.41 23.83 -4.68
C VAL G 90 -32.59 23.49 -3.75
N LEU G 91 -32.70 22.18 -3.42
CA LEU G 91 -33.74 21.64 -2.55
C LEU G 91 -33.37 21.88 -1.07
N GLY G 92 -32.16 22.38 -0.82
CA GLY G 92 -31.71 22.77 0.51
C GLY G 92 -30.72 21.90 1.24
N LEU G 93 -30.20 20.86 0.60
CA LEU G 93 -29.23 19.98 1.26
C LEU G 93 -27.78 20.50 1.15
N PRO G 94 -26.97 20.34 2.23
CA PRO G 94 -25.55 20.70 2.14
C PRO G 94 -24.69 19.55 1.61
N ASP G 95 -23.41 19.80 1.40
CA ASP G 95 -22.50 18.72 1.03
C ASP G 95 -22.04 17.96 2.29
N HIS G 96 -21.73 16.66 2.15
CA HIS G 96 -21.09 15.86 3.19
C HIS G 96 -19.94 15.08 2.53
N TYR G 97 -18.86 15.80 2.20
CA TYR G 97 -17.70 15.28 1.48
C TYR G 97 -17.11 14.01 2.06
N GLN G 98 -17.15 13.83 3.38
CA GLN G 98 -16.63 12.65 4.07
C GLN G 98 -17.55 11.42 3.93
N GLY G 99 -18.78 11.64 3.44
CA GLY G 99 -19.79 10.61 3.26
C GLY G 99 -19.44 9.57 2.22
N PRO G 100 -20.11 8.40 2.24
CA PRO G 100 -19.85 7.39 1.22
C PRO G 100 -20.67 7.61 -0.07
N CYS G 101 -20.53 6.67 -1.02
CA CYS G 101 -21.22 6.69 -2.29
C CYS G 101 -22.77 6.57 -2.09
N SER G 102 -23.23 5.87 -1.04
CA SER G 102 -24.67 5.69 -0.71
C SER G 102 -25.34 7.05 -0.36
N GLU G 103 -24.51 8.03 -0.01
CA GLU G 103 -24.87 9.40 0.29
C GLU G 103 -24.69 10.25 -0.96
N LEU G 104 -25.81 10.66 -1.60
CA LEU G 104 -25.73 11.46 -2.82
C LEU G 104 -25.03 12.78 -2.56
N MET G 105 -25.22 13.37 -1.37
CA MET G 105 -24.64 14.67 -1.06
C MET G 105 -23.16 14.61 -0.71
N SER G 106 -22.52 13.43 -0.81
CA SER G 106 -21.06 13.35 -0.64
C SER G 106 -20.36 13.81 -1.92
N GLY G 107 -21.11 13.95 -3.00
CA GLY G 107 -20.63 14.40 -4.32
C GLY G 107 -19.47 13.59 -4.86
N GLY G 108 -18.42 14.31 -5.20
CA GLY G 108 -17.15 13.79 -5.72
C GLY G 108 -16.19 13.25 -4.67
N GLY G 109 -16.57 13.39 -3.40
CA GLY G 109 -15.83 12.88 -2.23
C GLY G 109 -15.38 11.43 -2.36
N PRO G 110 -16.32 10.45 -2.57
CA PRO G 110 -15.90 9.05 -2.73
C PRO G 110 -15.13 8.72 -4.04
N GLY G 111 -14.94 9.72 -4.91
CA GLY G 111 -14.19 9.55 -6.15
C GLY G 111 -15.00 9.32 -7.42
N PRO G 112 -14.33 9.16 -8.58
CA PRO G 112 -15.04 9.01 -9.86
C PRO G 112 -15.75 7.68 -10.07
N SER G 113 -15.34 6.63 -9.36
CA SER G 113 -15.91 5.28 -9.46
C SER G 113 -17.39 5.23 -8.98
N CYS G 114 -17.76 6.18 -8.12
CA CYS G 114 -19.08 6.32 -7.54
C CYS G 114 -20.11 6.76 -8.61
N THR G 115 -21.16 5.92 -8.82
CA THR G 115 -22.19 6.19 -9.84
C THR G 115 -23.63 6.31 -9.28
N ASN G 116 -23.83 6.15 -7.97
CA ASN G 116 -25.15 6.23 -7.34
C ASN G 116 -25.77 7.64 -7.47
N PRO G 117 -26.95 7.77 -8.15
CA PRO G 117 -27.58 9.10 -8.27
C PRO G 117 -28.77 9.33 -7.32
N TYR G 118 -29.09 8.32 -6.48
CA TYR G 118 -30.28 8.37 -5.61
C TYR G 118 -29.98 8.84 -4.18
N PRO G 119 -30.82 9.78 -3.65
CA PRO G 119 -30.62 10.24 -2.27
C PRO G 119 -30.98 9.16 -1.25
N ASN G 120 -30.22 9.06 -0.14
CA ASN G 120 -30.50 8.03 0.89
C ASN G 120 -31.72 8.45 1.74
N ALA G 121 -32.07 7.63 2.73
CA ALA G 121 -33.17 7.86 3.66
C ALA G 121 -33.07 9.20 4.39
N GLN G 122 -31.93 9.52 4.97
CA GLN G 122 -31.72 10.75 5.73
C GLN G 122 -31.89 11.98 4.83
N GLU G 123 -31.33 11.92 3.60
CA GLU G 123 -31.38 12.99 2.59
C GLU G 123 -32.83 13.27 2.16
N ARG G 124 -33.61 12.20 1.90
CA ARG G 124 -35.04 12.27 1.51
C ARG G 124 -35.87 12.85 2.64
N SER G 125 -35.55 12.50 3.89
CA SER G 125 -36.23 12.96 5.10
C SER G 125 -36.00 14.43 5.32
N ARG G 126 -34.74 14.89 5.12
CA ARG G 126 -34.39 16.29 5.32
C ARG G 126 -35.09 17.19 4.30
N VAL G 127 -35.14 16.77 3.03
CA VAL G 127 -35.81 17.55 1.97
C VAL G 127 -37.32 17.65 2.27
N ASN G 128 -37.94 16.56 2.73
CA ASN G 128 -39.37 16.56 3.07
C ASN G 128 -39.61 17.53 4.24
N ALA G 129 -38.69 17.58 5.23
CA ALA G 129 -38.79 18.47 6.40
C ALA G 129 -38.73 19.90 5.97
N LEU G 130 -37.78 20.25 5.07
CA LEU G 130 -37.56 21.60 4.57
C LEU G 130 -38.72 22.14 3.70
N TRP G 131 -39.45 21.26 2.99
CA TRP G 131 -40.54 21.68 2.11
C TRP G 131 -41.91 21.33 2.69
N ALA G 132 -41.95 20.97 3.98
CA ALA G 132 -43.17 20.57 4.69
C ALA G 132 -44.20 21.71 4.74
N ASN G 133 -43.80 22.89 5.26
CA ASN G 133 -44.70 24.05 5.36
C ASN G 133 -44.52 24.94 4.11
N GLY G 134 -44.09 24.32 3.02
CA GLY G 134 -43.80 24.97 1.74
C GLY G 134 -42.33 25.46 1.75
N GLY H 1 -31.25 25.21 3.71
CA GLY H 1 -30.10 25.97 4.20
C GLY H 1 -30.05 27.44 3.82
N SER H 2 -28.94 28.14 4.20
CA SER H 2 -28.62 29.56 3.89
C SER H 2 -28.00 29.66 2.45
N ALA H 3 -27.35 30.79 2.05
CA ALA H 3 -26.80 30.89 0.69
C ALA H 3 -25.73 29.82 0.42
N HIS H 4 -25.89 29.07 -0.65
CA HIS H 4 -24.97 28.03 -1.04
C HIS H 4 -24.27 28.41 -2.35
N GLY H 5 -22.97 28.17 -2.40
CA GLY H 5 -22.16 28.40 -3.59
C GLY H 5 -20.83 27.69 -3.50
N PRO H 6 -20.03 27.66 -4.60
CA PRO H 6 -18.66 27.07 -4.51
C PRO H 6 -17.69 27.97 -3.73
N SER H 7 -16.69 27.36 -3.09
CA SER H 7 -15.70 28.07 -2.30
C SER H 7 -14.29 27.74 -2.74
N ALA H 8 -13.41 28.73 -2.70
CA ALA H 8 -12.00 28.66 -3.09
C ALA H 8 -11.25 29.62 -2.18
N MET H 9 -10.61 29.08 -1.16
CA MET H 9 -10.03 29.90 -0.12
C MET H 9 -8.59 29.63 0.15
N VAL H 10 -7.93 30.65 0.73
CA VAL H 10 -6.57 30.60 1.28
C VAL H 10 -6.71 30.81 2.82
N PHE H 11 -6.13 29.91 3.61
CA PHE H 11 -6.10 30.00 5.06
C PHE H 11 -4.68 30.18 5.49
N THR H 12 -4.42 31.07 6.45
CA THR H 12 -3.06 31.25 6.95
C THR H 12 -3.05 31.29 8.47
N VAL H 13 -1.86 31.14 9.01
CA VAL H 13 -1.56 31.34 10.41
C VAL H 13 -0.40 32.33 10.38
N ILE H 14 -0.65 33.50 10.99
CA ILE H 14 0.22 34.68 11.00
C ILE H 14 0.82 34.96 12.36
N GLN H 15 2.13 35.28 12.38
CA GLN H 15 2.81 35.67 13.59
C GLN H 15 2.44 37.13 13.87
N GLY H 16 1.80 37.40 15.01
CA GLY H 16 1.43 38.76 15.38
C GLY H 16 -0.03 39.15 15.19
N SER H 17 -0.24 40.47 15.06
CA SER H 17 -1.52 41.17 14.94
C SER H 17 -2.20 40.97 13.58
N GLY H 18 -1.45 40.54 12.57
CA GLY H 18 -1.95 40.32 11.22
C GLY H 18 -1.70 41.50 10.31
N GLU H 19 -0.60 42.25 10.59
CA GLU H 19 -0.13 43.43 9.87
C GLU H 19 0.47 43.04 8.51
N PRO H 20 0.60 43.95 7.52
CA PRO H 20 1.10 43.54 6.18
C PRO H 20 2.53 42.96 6.16
N THR H 21 3.39 43.43 7.04
CA THR H 21 4.79 43.00 7.11
C THR H 21 4.98 41.73 7.99
N ASP H 22 3.89 41.22 8.61
CA ASP H 22 3.94 40.08 9.53
C ASP H 22 4.27 38.77 8.80
N THR H 23 5.04 37.92 9.49
CA THR H 23 5.55 36.64 9.02
C THR H 23 4.43 35.62 8.96
N VAL H 24 4.35 34.88 7.83
CA VAL H 24 3.36 33.82 7.63
C VAL H 24 3.98 32.55 8.17
N LEU H 25 3.37 31.98 9.23
CA LEU H 25 3.86 30.77 9.86
C LEU H 25 3.47 29.54 9.04
N ARG H 26 2.23 29.50 8.52
CA ARG H 26 1.71 28.39 7.69
C ARG H 26 0.57 28.87 6.83
N ALA H 27 0.35 28.21 5.70
CA ALA H 27 -0.72 28.56 4.76
C ALA H 27 -1.16 27.37 3.91
N THR H 28 -2.42 27.34 3.50
CA THR H 28 -2.96 26.26 2.69
C THR H 28 -4.09 26.80 1.77
N THR H 29 -4.42 26.05 0.70
CA THR H 29 -5.52 26.36 -0.22
C THR H 29 -6.56 25.25 -0.11
N LEU H 30 -7.82 25.62 -0.30
CA LEU H 30 -8.95 24.69 -0.23
C LEU H 30 -10.00 25.09 -1.24
N SER H 31 -10.52 24.12 -1.97
CA SER H 31 -11.57 24.34 -2.97
C SER H 31 -12.71 23.34 -2.78
N CYS H 32 -13.95 23.84 -2.58
CA CYS H 32 -15.15 23.01 -2.39
C CYS H 32 -16.18 23.33 -3.45
N ALA H 33 -16.55 22.32 -4.23
CA ALA H 33 -17.58 22.40 -5.28
C ALA H 33 -18.19 21.01 -5.38
N TYR H 34 -18.16 20.31 -6.53
CA TYR H 34 -18.66 18.95 -6.56
C TYR H 34 -17.65 18.06 -5.82
N THR H 35 -16.36 18.47 -5.86
CA THR H 35 -15.22 17.79 -5.24
C THR H 35 -14.53 18.68 -4.23
N ALA H 36 -13.97 18.07 -3.18
CA ALA H 36 -13.19 18.80 -2.20
C ALA H 36 -11.71 18.60 -2.52
N GLU H 37 -11.03 19.67 -2.90
CA GLU H 37 -9.60 19.55 -3.16
C GLU H 37 -8.82 20.79 -2.62
N GLY H 38 -7.54 20.87 -2.97
CA GLY H 38 -6.63 21.94 -2.59
C GLY H 38 -5.32 21.38 -2.04
N THR H 39 -4.46 22.27 -1.49
CA THR H 39 -3.19 21.82 -0.88
C THR H 39 -3.40 21.39 0.58
N HIS H 40 -4.64 21.51 1.09
CA HIS H 40 -5.03 21.13 2.45
C HIS H 40 -4.81 19.63 2.63
N PRO H 41 -4.12 19.20 3.72
CA PRO H 41 -3.87 17.76 3.93
C PRO H 41 -5.14 16.88 4.06
N ALA H 42 -6.28 17.43 4.52
CA ALA H 42 -7.59 16.72 4.64
C ALA H 42 -8.71 17.57 4.00
N PRO H 43 -8.83 17.63 2.67
CA PRO H 43 -9.83 18.51 2.05
C PRO H 43 -11.29 18.19 2.36
N ARG H 44 -11.66 16.90 2.40
CA ARG H 44 -13.04 16.43 2.66
C ARG H 44 -13.52 16.96 4.01
N ALA H 45 -12.74 16.70 5.07
CA ALA H 45 -13.00 17.14 6.44
C ALA H 45 -13.00 18.68 6.53
N ALA H 46 -12.03 19.35 5.89
CA ALA H 46 -11.90 20.81 5.92
C ALA H 46 -13.11 21.51 5.28
N CYS H 47 -13.54 21.04 4.10
CA CYS H 47 -14.70 21.55 3.37
C CYS H 47 -15.97 21.36 4.17
N ASP H 48 -16.14 20.18 4.79
CA ASP H 48 -17.30 19.92 5.65
C ASP H 48 -17.32 20.87 6.86
N ALA H 49 -16.15 21.13 7.50
CA ALA H 49 -16.00 22.05 8.64
C ALA H 49 -16.27 23.51 8.22
N LEU H 50 -15.83 23.87 7.02
CA LEU H 50 -16.07 25.20 6.45
C LEU H 50 -17.55 25.43 6.19
N ASN H 51 -18.26 24.40 5.71
CA ASN H 51 -19.69 24.55 5.38
C ASN H 51 -20.55 24.62 6.63
N ALA H 52 -20.09 24.03 7.74
CA ALA H 52 -20.79 24.01 9.02
C ALA H 52 -20.99 25.43 9.61
N THR H 53 -20.09 26.38 9.26
CA THR H 53 -20.12 27.77 9.73
C THR H 53 -21.30 28.57 9.16
N ASP H 54 -21.86 28.12 8.03
CA ASP H 54 -22.97 28.72 7.30
C ASP H 54 -22.68 30.18 6.92
N GLY H 55 -21.45 30.42 6.46
CA GLY H 55 -21.01 31.74 6.03
C GLY H 55 -20.37 32.61 7.08
N GLU H 56 -20.64 32.33 8.38
CA GLU H 56 -20.09 33.12 9.49
C GLU H 56 -18.83 32.46 9.97
N LEU H 57 -17.65 32.95 9.55
CA LEU H 57 -16.39 32.30 9.93
C LEU H 57 -16.08 32.40 11.43
N ASN H 58 -16.75 33.31 12.17
CA ASN H 58 -16.58 33.38 13.63
C ASN H 58 -17.13 32.12 14.34
N ARG H 59 -17.93 31.32 13.63
CA ARG H 59 -18.46 30.06 14.13
C ARG H 59 -17.36 28.97 14.15
N LEU H 60 -16.15 29.24 13.57
CA LEU H 60 -15.00 28.32 13.62
C LEU H 60 -14.43 28.23 15.04
N LEU H 61 -14.72 29.26 15.87
CA LEU H 61 -14.28 29.38 17.26
C LEU H 61 -15.31 28.78 18.21
N LEU H 68 -9.81 22.67 31.73
CA LEU H 68 -9.40 22.87 30.34
C LEU H 68 -8.72 24.28 30.14
N VAL H 69 -8.15 24.84 31.23
CA VAL H 69 -7.51 26.15 31.30
C VAL H 69 -6.18 26.22 30.49
N CYS H 70 -5.72 27.45 30.23
CA CYS H 70 -4.58 27.82 29.40
C CYS H 70 -3.78 28.99 30.05
N PRO H 71 -2.42 29.06 30.02
CA PRO H 71 -1.74 30.19 30.70
C PRO H 71 -1.97 31.53 30.02
N MET H 72 -2.04 32.63 30.78
CA MET H 72 -2.31 33.93 30.18
C MET H 72 -1.04 34.75 30.03
N TYR H 73 -0.37 34.51 28.90
CA TYR H 73 0.84 35.21 28.45
C TYR H 73 0.51 35.86 27.12
N PHE H 74 1.15 36.98 26.81
CA PHE H 74 0.88 37.69 25.56
C PHE H 74 1.98 37.41 24.52
N ASP H 75 1.60 36.79 23.39
CA ASP H 75 2.42 36.44 22.23
C ASP H 75 1.44 36.17 21.08
N PRO H 76 0.87 37.27 20.50
CA PRO H 76 -0.21 37.11 19.52
C PRO H 76 0.11 36.29 18.27
N VAL H 77 -0.97 35.63 17.77
CA VAL H 77 -0.98 34.79 16.57
C VAL H 77 -2.36 34.95 15.87
N THR H 78 -2.34 35.21 14.55
CA THR H 78 -3.57 35.49 13.80
C THR H 78 -3.88 34.40 12.80
N VAL H 79 -5.18 34.04 12.70
CA VAL H 79 -5.73 33.13 11.69
C VAL H 79 -6.48 33.98 10.69
N THR H 80 -6.28 33.71 9.39
CA THR H 80 -6.95 34.42 8.30
C THR H 80 -7.60 33.46 7.31
N ALA H 81 -8.61 33.97 6.63
CA ALA H 81 -9.36 33.28 5.57
C ALA H 81 -9.69 34.31 4.52
N ASP H 82 -9.25 34.07 3.29
CA ASP H 82 -9.43 35.01 2.16
C ASP H 82 -9.77 34.22 0.94
N GLY H 83 -10.64 34.76 0.09
CA GLY H 83 -11.08 34.05 -1.11
C GLY H 83 -12.56 34.11 -1.38
N VAL H 84 -13.10 33.03 -1.95
CA VAL H 84 -14.49 32.90 -2.32
C VAL H 84 -15.13 31.96 -1.35
N LEU H 85 -16.17 32.43 -0.67
CA LEU H 85 -16.94 31.66 0.27
C LEU H 85 -18.41 31.69 -0.16
N ASN H 86 -18.96 30.52 -0.57
CA ASN H 86 -20.31 30.36 -1.07
C ASN H 86 -20.63 31.37 -2.19
N GLY H 87 -19.68 31.47 -3.13
CA GLY H 87 -19.79 32.30 -4.33
C GLY H 87 -19.59 33.80 -4.17
N ARG H 88 -19.18 34.24 -2.97
CA ARG H 88 -18.95 35.65 -2.69
C ARG H 88 -17.54 35.81 -2.11
N ARG H 89 -16.84 36.84 -2.56
CA ARG H 89 -15.48 37.16 -2.13
C ARG H 89 -15.50 37.64 -0.64
N VAL H 90 -14.64 37.05 0.21
CA VAL H 90 -14.57 37.40 1.63
C VAL H 90 -13.11 37.61 2.12
N ALA H 91 -12.97 38.26 3.31
CA ALA H 91 -11.70 38.49 4.04
C ALA H 91 -12.00 38.51 5.54
N TRP H 92 -11.44 37.54 6.29
CA TRP H 92 -11.66 37.37 7.71
C TRP H 92 -10.36 37.08 8.39
N LYS H 93 -10.24 37.59 9.64
CA LYS H 93 -9.09 37.37 10.51
C LYS H 93 -9.51 37.45 11.96
N HIS H 94 -8.78 36.73 12.80
CA HIS H 94 -8.97 36.68 14.22
C HIS H 94 -7.62 36.51 14.85
N THR H 95 -7.27 37.40 15.79
CA THR H 95 -6.02 37.39 16.55
C THR H 95 -6.31 36.80 17.95
N PHE H 96 -5.45 35.86 18.40
CA PHE H 96 -5.56 35.21 19.73
C PHE H 96 -4.46 35.72 20.61
N SER H 97 -4.69 35.76 21.94
CA SER H 97 -3.69 36.22 22.92
C SER H 97 -2.32 35.53 22.75
N ASN H 98 -2.34 34.22 22.49
CA ASN H 98 -1.16 33.39 22.26
C ASN H 98 -1.57 32.13 21.49
N THR H 99 -0.62 31.18 21.27
CA THR H 99 -0.86 29.92 20.54
C THR H 99 -1.75 28.93 21.30
N CYS H 100 -1.65 28.91 22.63
CA CYS H 100 -2.44 27.98 23.42
C CYS H 100 -3.93 28.35 23.37
N VAL H 101 -4.24 29.66 23.51
CA VAL H 101 -5.61 30.15 23.43
C VAL H 101 -6.20 29.78 22.07
N MET H 102 -5.37 29.89 20.99
CA MET H 102 -5.76 29.58 19.62
C MET H 102 -6.21 28.13 19.48
N SER H 103 -5.37 27.18 19.95
CA SER H 103 -5.60 25.73 19.94
C SER H 103 -6.87 25.40 20.71
N ALA H 104 -7.06 26.08 21.87
CA ALA H 104 -8.23 25.96 22.75
C ALA H 104 -9.52 26.38 22.05
N ASN H 105 -9.48 27.48 21.27
CA ASN H 105 -10.62 28.02 20.54
C ASN H 105 -10.89 27.17 19.31
N LEU H 106 -9.82 26.90 18.52
CA LEU H 106 -9.91 26.01 17.36
C LEU H 106 -9.73 24.58 17.90
N ASN H 107 -10.87 24.02 18.37
CA ASN H 107 -10.95 22.70 18.99
C ASN H 107 -10.68 21.63 17.93
N SER H 108 -9.40 21.63 17.43
CA SER H 108 -8.87 20.78 16.37
C SER H 108 -9.80 20.85 15.11
N ASN H 109 -10.37 22.06 14.86
CA ASN H 109 -11.26 22.31 13.73
C ASN H 109 -10.50 21.92 12.46
N PRO H 110 -11.08 21.00 11.65
CA PRO H 110 -10.37 20.53 10.45
C PRO H 110 -9.89 21.65 9.51
N VAL H 111 -10.54 22.83 9.50
CA VAL H 111 -10.10 23.92 8.62
C VAL H 111 -8.62 24.31 8.90
N TYR H 112 -8.26 24.51 10.19
CA TYR H 112 -6.91 24.93 10.60
C TYR H 112 -6.00 23.72 11.02
N ALA H 113 -6.33 22.50 10.50
CA ALA H 113 -5.57 21.28 10.69
C ALA H 113 -4.61 21.05 9.49
N PHE H 114 -3.72 22.03 9.26
CA PHE H 114 -2.71 21.98 8.20
C PHE H 114 -1.30 22.34 8.76
N GLY I 1 -5.75 3.44 -12.18
CA GLY I 1 -5.17 3.00 -13.45
C GLY I 1 -3.67 3.22 -13.54
N PRO I 2 -2.83 2.24 -14.00
CA PRO I 2 -1.37 2.47 -14.02
C PRO I 2 -0.96 3.44 -15.11
N MET I 3 0.13 4.13 -14.88
CA MET I 3 0.69 5.03 -15.87
C MET I 3 1.30 4.16 -17.00
N VAL I 4 1.81 2.97 -16.61
CA VAL I 4 2.49 1.97 -17.44
C VAL I 4 2.17 0.54 -16.94
N THR I 5 2.06 -0.42 -17.87
CA THR I 5 1.93 -1.85 -17.59
C THR I 5 3.22 -2.50 -18.13
N VAL I 6 4.01 -3.10 -17.24
CA VAL I 6 5.31 -3.71 -17.56
C VAL I 6 5.10 -5.22 -17.76
N THR I 7 5.55 -5.75 -18.89
CA THR I 7 5.45 -7.17 -19.24
C THR I 7 6.70 -7.93 -18.74
N TYR I 8 6.48 -9.10 -18.11
CA TYR I 8 7.56 -9.96 -17.65
C TYR I 8 7.40 -11.34 -18.26
N ASP I 9 8.53 -12.03 -18.51
CA ASP I 9 8.51 -13.38 -19.06
C ASP I 9 9.04 -14.37 -18.02
N PRO I 10 8.14 -15.18 -17.42
CA PRO I 10 8.58 -16.14 -16.40
C PRO I 10 8.90 -17.53 -16.97
N SER I 11 8.80 -17.72 -18.30
CA SER I 11 8.98 -19.00 -18.99
C SER I 11 10.37 -19.65 -18.78
N ASN I 12 11.44 -18.84 -18.64
CA ASN I 12 12.78 -19.39 -18.44
C ASN I 12 13.12 -19.67 -16.95
N ALA I 13 12.12 -19.59 -16.06
CA ALA I 13 12.25 -19.89 -14.64
C ALA I 13 11.06 -20.73 -14.20
N PRO I 14 10.88 -21.96 -14.76
CA PRO I 14 9.71 -22.80 -14.41
C PRO I 14 9.64 -23.33 -12.95
N SER I 15 10.80 -23.41 -12.25
CA SER I 15 10.86 -23.85 -10.84
C SER I 15 10.34 -22.78 -9.90
N PHE I 16 10.16 -21.54 -10.39
CA PHE I 16 9.72 -20.44 -9.55
C PHE I 16 8.44 -19.77 -10.06
N GLN I 17 7.54 -20.53 -10.69
CA GLN I 17 6.30 -20.00 -11.25
C GLN I 17 5.41 -19.39 -10.18
N GLN I 18 5.36 -20.03 -8.99
CA GLN I 18 4.53 -19.56 -7.88
C GLN I 18 5.08 -18.28 -7.24
N GLU I 19 6.39 -18.19 -7.00
CA GLU I 19 6.98 -17.03 -6.32
C GLU I 19 7.04 -15.83 -7.26
N ILE I 20 7.13 -16.09 -8.61
CA ILE I 20 7.09 -15.03 -9.63
C ILE I 20 5.66 -14.42 -9.60
N ALA I 21 4.64 -15.29 -9.54
CA ALA I 21 3.24 -14.90 -9.49
C ALA I 21 2.93 -14.13 -8.21
N ASN I 22 3.49 -14.59 -7.05
CA ASN I 22 3.31 -13.93 -5.74
C ASN I 22 3.90 -12.50 -5.76
N ALA I 23 5.12 -12.33 -6.31
CA ALA I 23 5.84 -11.06 -6.44
C ALA I 23 5.01 -10.02 -7.19
N ALA I 24 4.43 -10.45 -8.34
CA ALA I 24 3.59 -9.61 -9.22
C ALA I 24 2.35 -9.17 -8.50
N GLN I 25 1.75 -10.07 -7.71
CA GLN I 25 0.55 -9.76 -6.93
C GLN I 25 0.88 -8.80 -5.75
N ILE I 26 2.02 -9.02 -5.08
CA ILE I 26 2.50 -8.18 -3.97
C ILE I 26 2.70 -6.74 -4.49
N TRP I 27 3.46 -6.58 -5.58
CA TRP I 27 3.77 -5.28 -6.18
C TRP I 27 2.54 -4.59 -6.81
N ASN I 28 1.69 -5.32 -7.58
CA ASN I 28 0.49 -4.74 -8.18
C ASN I 28 -0.47 -4.16 -7.15
N SER I 29 -0.56 -4.79 -5.95
CA SER I 29 -1.40 -4.35 -4.84
C SER I 29 -0.68 -3.32 -3.94
N SER I 30 0.61 -3.07 -4.16
CA SER I 30 1.39 -2.15 -3.33
C SER I 30 1.58 -0.77 -3.97
N VAL I 31 1.65 -0.72 -5.32
CA VAL I 31 1.83 0.53 -6.05
C VAL I 31 0.70 0.76 -7.03
N ARG I 32 0.46 2.01 -7.43
CA ARG I 32 -0.62 2.31 -8.39
C ARG I 32 -0.11 2.83 -9.76
N ASN I 33 1.08 3.48 -9.81
CA ASN I 33 1.56 4.10 -11.05
C ASN I 33 2.13 3.12 -12.09
N VAL I 34 2.49 1.91 -11.64
CA VAL I 34 2.95 0.81 -12.50
C VAL I 34 2.19 -0.51 -12.10
N GLN I 35 2.03 -1.44 -13.06
CA GLN I 35 1.45 -2.79 -12.88
C GLN I 35 2.26 -3.80 -13.68
N LEU I 36 2.39 -5.02 -13.17
CA LEU I 36 3.12 -6.10 -13.83
C LEU I 36 2.17 -7.08 -14.47
N ARG I 37 2.47 -7.50 -15.69
CA ARG I 37 1.65 -8.48 -16.42
C ARG I 37 2.56 -9.56 -17.04
N ALA I 38 2.19 -10.85 -16.91
CA ALA I 38 2.96 -11.93 -17.55
C ALA I 38 2.72 -11.87 -19.05
N GLY I 39 3.75 -12.19 -19.82
CA GLY I 39 3.65 -12.21 -21.28
C GLY I 39 4.91 -12.53 -22.03
N GLY I 40 4.78 -12.58 -23.36
CA GLY I 40 5.86 -12.80 -24.32
C GLY I 40 6.33 -11.47 -24.84
N ASN I 41 7.52 -11.42 -25.47
CA ASN I 41 8.15 -10.18 -25.97
C ASN I 41 8.16 -9.13 -24.84
N ALA I 42 8.48 -9.65 -23.63
CA ALA I 42 8.50 -8.98 -22.35
C ALA I 42 9.57 -7.90 -22.26
N ASP I 43 9.34 -6.93 -21.33
CA ASP I 43 10.27 -5.84 -21.05
C ASP I 43 11.45 -6.38 -20.26
N PHE I 44 11.18 -7.37 -19.38
CA PHE I 44 12.18 -8.06 -18.57
C PHE I 44 11.82 -9.54 -18.41
N SER I 45 12.83 -10.38 -18.12
CA SER I 45 12.62 -11.83 -18.01
C SER I 45 13.20 -12.43 -16.72
N TYR I 46 12.67 -13.60 -16.32
CA TYR I 46 13.15 -14.37 -15.18
C TYR I 46 13.91 -15.61 -15.68
N TYR I 47 15.07 -15.85 -15.08
CA TYR I 47 15.92 -17.00 -15.39
C TYR I 47 16.23 -17.72 -14.09
N GLU I 48 16.63 -18.98 -14.20
CA GLU I 48 16.99 -19.79 -13.05
C GLU I 48 18.18 -20.65 -13.38
N GLY I 49 18.92 -21.04 -12.35
CA GLY I 49 20.08 -21.89 -12.51
C GLY I 49 20.92 -21.88 -11.27
N ASN I 50 22.22 -22.04 -11.44
CA ASN I 50 23.15 -22.00 -10.32
C ASN I 50 24.18 -20.91 -10.57
N ASP I 51 24.38 -20.04 -9.56
CA ASP I 51 25.41 -18.98 -9.58
C ASP I 51 25.98 -18.90 -8.19
N SER I 52 27.32 -18.93 -8.08
CA SER I 52 28.06 -18.83 -6.83
C SER I 52 27.73 -17.49 -6.09
N ARG I 53 27.27 -16.48 -6.83
CA ARG I 53 26.87 -15.16 -6.31
C ARG I 53 25.44 -15.17 -5.70
N GLY I 54 24.66 -16.18 -6.04
CA GLY I 54 23.26 -16.28 -5.62
C GLY I 54 22.36 -15.58 -6.61
N SER I 55 21.15 -15.21 -6.14
CA SER I 55 20.18 -14.48 -6.95
C SER I 55 20.60 -13.01 -7.07
N TYR I 56 20.25 -12.40 -8.21
CA TYR I 56 20.59 -11.01 -8.56
C TYR I 56 19.67 -10.53 -9.69
N ALA I 57 19.80 -9.24 -10.05
CA ALA I 57 19.06 -8.62 -11.14
C ALA I 57 19.99 -7.69 -11.91
N GLN I 58 19.96 -7.77 -13.24
CA GLN I 58 20.70 -6.90 -14.14
C GLN I 58 19.65 -6.07 -14.89
N THR I 59 19.50 -4.80 -14.48
CA THR I 59 18.45 -3.91 -14.99
C THR I 59 18.87 -2.45 -15.09
N ASP I 60 18.13 -1.69 -15.92
CA ASP I 60 18.25 -0.24 -16.08
C ASP I 60 17.47 0.48 -14.93
N GLY I 61 16.67 -0.30 -14.19
CA GLY I 61 15.84 0.18 -13.10
C GLY I 61 14.51 0.77 -13.52
N HIS I 62 14.10 0.53 -14.79
CA HIS I 62 12.84 1.06 -15.30
C HIS I 62 12.13 0.02 -16.19
N GLY I 63 11.93 -1.15 -15.61
CA GLY I 63 11.19 -2.22 -16.23
C GLY I 63 11.92 -3.13 -17.20
N ARG I 64 13.15 -2.76 -17.63
CA ARG I 64 13.92 -3.54 -18.59
C ARG I 64 15.05 -4.30 -17.90
N GLY I 65 15.47 -5.40 -18.50
CA GLY I 65 16.54 -6.25 -17.99
C GLY I 65 16.13 -7.69 -17.70
N TYR I 66 16.75 -8.30 -16.68
CA TYR I 66 16.47 -9.68 -16.29
C TYR I 66 16.78 -9.93 -14.80
N ILE I 67 16.11 -10.97 -14.23
CA ILE I 67 16.29 -11.42 -12.86
C ILE I 67 16.74 -12.90 -12.90
N PHE I 68 17.78 -13.22 -12.16
CA PHE I 68 18.30 -14.57 -12.06
C PHE I 68 18.04 -15.10 -10.65
N LEU I 69 17.37 -16.25 -10.56
CA LEU I 69 17.04 -16.88 -9.30
C LEU I 69 17.88 -18.17 -9.12
N ASP I 70 18.74 -18.19 -8.07
CA ASP I 70 19.63 -19.29 -7.71
C ASP I 70 18.91 -20.38 -6.96
N TYR I 71 19.16 -21.63 -7.38
CA TYR I 71 18.57 -22.81 -6.77
C TYR I 71 18.91 -22.92 -5.29
N GLN I 72 20.23 -23.00 -4.92
CA GLN I 72 20.66 -23.16 -3.52
C GLN I 72 20.22 -22.02 -2.60
N GLN I 73 20.37 -20.77 -3.02
CA GLN I 73 19.98 -19.62 -2.22
C GLN I 73 18.47 -19.60 -1.91
N ASN I 74 17.64 -19.95 -2.88
CA ASN I 74 16.19 -19.94 -2.72
C ASN I 74 15.69 -21.10 -1.86
N GLN I 75 16.60 -22.03 -1.48
CA GLN I 75 16.33 -23.14 -0.54
C GLN I 75 16.73 -22.75 0.88
N GLN I 76 17.66 -21.78 1.02
CA GLN I 76 18.13 -21.29 2.32
C GLN I 76 17.33 -20.04 2.77
N TYR I 77 17.04 -19.13 1.82
CA TYR I 77 16.27 -17.91 2.03
C TYR I 77 14.84 -18.08 1.48
N ASP I 78 13.86 -17.28 1.97
CA ASP I 78 12.47 -17.38 1.51
C ASP I 78 12.41 -16.92 0.06
N SER I 79 11.94 -17.83 -0.82
CA SER I 79 11.86 -17.68 -2.27
C SER I 79 11.02 -16.49 -2.71
N THR I 80 9.89 -16.26 -2.02
CA THR I 80 8.96 -15.18 -2.34
C THR I 80 9.62 -13.86 -2.00
N ARG I 81 10.27 -13.75 -0.82
CA ARG I 81 11.00 -12.51 -0.47
C ARG I 81 12.10 -12.24 -1.50
N VAL I 82 12.89 -13.28 -1.88
CA VAL I 82 13.96 -13.17 -2.87
C VAL I 82 13.41 -12.60 -4.19
N THR I 83 12.35 -13.26 -4.76
CA THR I 83 11.71 -12.87 -6.02
C THR I 83 11.09 -11.47 -5.95
N ALA I 84 10.36 -11.14 -4.87
CA ALA I 84 9.76 -9.82 -4.71
C ALA I 84 10.86 -8.72 -4.61
N HIS I 85 11.92 -9.01 -3.83
CA HIS I 85 13.08 -8.14 -3.64
C HIS I 85 13.74 -7.79 -4.95
N GLU I 86 14.06 -8.80 -5.79
CA GLU I 86 14.72 -8.58 -7.07
C GLU I 86 13.82 -7.85 -8.06
N THR I 87 12.50 -8.08 -8.01
CA THR I 87 11.47 -7.39 -8.82
C THR I 87 11.48 -5.88 -8.45
N GLY I 88 11.85 -5.58 -7.20
CA GLY I 88 11.99 -4.23 -6.72
C GLY I 88 13.09 -3.43 -7.41
N HIS I 89 14.16 -4.13 -7.87
CA HIS I 89 15.27 -3.52 -8.59
C HIS I 89 14.86 -3.13 -10.00
N VAL I 90 13.99 -3.93 -10.65
CA VAL I 90 13.49 -3.68 -12.01
C VAL I 90 12.50 -2.49 -11.97
N LEU I 91 11.84 -2.30 -10.81
CA LEU I 91 10.93 -1.20 -10.56
C LEU I 91 11.71 0.07 -10.16
N GLY I 92 13.04 -0.07 -9.97
CA GLY I 92 13.94 1.06 -9.70
C GLY I 92 14.49 1.29 -8.30
N LEU I 93 14.28 0.35 -7.40
CA LEU I 93 14.76 0.51 -6.02
C LEU I 93 16.15 -0.05 -5.83
N PRO I 94 16.98 0.62 -5.01
CA PRO I 94 18.31 0.07 -4.69
C PRO I 94 18.29 -0.85 -3.47
N ASP I 95 19.43 -1.47 -3.15
CA ASP I 95 19.51 -2.28 -1.93
C ASP I 95 19.79 -1.38 -0.72
N HIS I 96 19.31 -1.78 0.47
CA HIS I 96 19.65 -1.15 1.76
C HIS I 96 19.99 -2.27 2.75
N TYR I 97 21.16 -2.89 2.56
CA TYR I 97 21.66 -4.04 3.30
C TYR I 97 21.59 -3.87 4.81
N GLN I 98 21.76 -2.65 5.33
CA GLN I 98 21.71 -2.37 6.77
C GLN I 98 20.28 -2.32 7.32
N GLY I 99 19.30 -2.32 6.42
CA GLY I 99 17.89 -2.24 6.75
C GLY I 99 17.35 -3.45 7.46
N PRO I 100 16.18 -3.33 8.13
CA PRO I 100 15.60 -4.49 8.83
C PRO I 100 14.74 -5.36 7.90
N CYS I 101 14.11 -6.40 8.47
CA CYS I 101 13.23 -7.32 7.77
C CYS I 101 11.97 -6.58 7.19
N SER I 102 11.48 -5.52 7.88
CA SER I 102 10.33 -4.72 7.46
C SER I 102 10.60 -4.00 6.12
N GLU I 103 11.88 -3.86 5.76
CA GLU I 103 12.38 -3.26 4.53
C GLU I 103 12.68 -4.36 3.54
N LEU I 104 11.86 -4.46 2.50
CA LEU I 104 12.03 -5.52 1.50
C LEU I 104 13.38 -5.40 0.79
N MET I 105 13.85 -4.17 0.57
CA MET I 105 15.09 -3.94 -0.15
C MET I 105 16.32 -4.15 0.69
N SER I 106 16.18 -4.64 1.94
CA SER I 106 17.34 -5.01 2.73
C SER I 106 17.84 -6.40 2.32
N GLY I 107 17.03 -7.12 1.52
CA GLY I 107 17.30 -8.45 0.99
C GLY I 107 17.70 -9.45 2.04
N GLY I 108 18.87 -10.04 1.85
CA GLY I 108 19.42 -11.04 2.74
C GLY I 108 20.15 -10.50 3.94
N GLY I 109 20.25 -9.18 4.02
CA GLY I 109 20.86 -8.44 5.13
C GLY I 109 20.42 -8.91 6.51
N PRO I 110 19.09 -8.89 6.84
CA PRO I 110 18.64 -9.39 8.16
C PRO I 110 18.79 -10.92 8.37
N GLY I 111 19.26 -11.66 7.36
CA GLY I 111 19.49 -13.09 7.49
C GLY I 111 18.43 -14.00 6.89
N PRO I 112 18.65 -15.34 6.99
CA PRO I 112 17.70 -16.28 6.39
C PRO I 112 16.35 -16.39 7.10
N SER I 113 16.28 -16.01 8.39
CA SER I 113 15.04 -16.07 9.21
C SER I 113 13.94 -15.12 8.69
N CYS I 114 14.35 -14.05 7.99
CA CYS I 114 13.47 -13.03 7.48
C CYS I 114 12.62 -13.56 6.31
N THR I 115 11.26 -13.49 6.45
CA THR I 115 10.31 -14.01 5.48
C THR I 115 9.35 -12.95 4.89
N ASN I 116 9.48 -11.67 5.28
CA ASN I 116 8.62 -10.58 4.79
C ASN I 116 8.81 -10.31 3.30
N PRO I 117 7.76 -10.50 2.42
CA PRO I 117 7.93 -10.21 0.99
C PRO I 117 7.32 -8.87 0.56
N TYR I 118 6.69 -8.11 1.49
CA TYR I 118 5.98 -6.86 1.22
C TYR I 118 6.83 -5.59 1.40
N PRO I 119 6.76 -4.63 0.43
CA PRO I 119 7.54 -3.39 0.56
C PRO I 119 6.98 -2.47 1.65
N ASN I 120 7.83 -1.68 2.32
CA ASN I 120 7.34 -0.73 3.34
C ASN I 120 6.85 0.57 2.69
N ALA I 121 6.44 1.55 3.52
CA ALA I 121 5.91 2.84 3.07
C ALA I 121 6.86 3.62 2.17
N GLN I 122 8.13 3.84 2.57
CA GLN I 122 9.14 4.53 1.76
C GLN I 122 9.24 3.87 0.41
N GLU I 123 9.44 2.53 0.40
CA GLU I 123 9.63 1.71 -0.79
C GLU I 123 8.48 1.88 -1.78
N ARG I 124 7.23 1.82 -1.30
CA ARG I 124 6.01 1.97 -2.09
C ARG I 124 5.88 3.38 -2.68
N SER I 125 6.27 4.39 -1.91
CA SER I 125 6.26 5.80 -2.32
C SER I 125 7.30 6.06 -3.40
N ARG I 126 8.50 5.48 -3.26
CA ARG I 126 9.58 5.68 -4.20
C ARG I 126 9.24 5.08 -5.58
N VAL I 127 8.65 3.88 -5.60
CA VAL I 127 8.22 3.22 -6.85
C VAL I 127 7.10 4.05 -7.54
N ASN I 128 6.06 4.45 -6.79
CA ASN I 128 5.01 5.31 -7.37
C ASN I 128 5.56 6.61 -7.91
N ALA I 129 6.62 7.16 -7.30
CA ALA I 129 7.25 8.41 -7.74
C ALA I 129 8.01 8.18 -9.06
N LEU I 130 8.85 7.13 -9.11
CA LEU I 130 9.64 6.77 -10.29
C LEU I 130 8.76 6.47 -11.54
N TRP I 131 7.52 6.01 -11.36
CA TRP I 131 6.64 5.63 -12.47
C TRP I 131 5.53 6.64 -12.70
N ALA I 132 5.62 7.81 -12.05
CA ALA I 132 4.63 8.89 -12.08
C ALA I 132 4.40 9.44 -13.49
N ASN I 133 5.42 9.38 -14.36
CA ASN I 133 5.30 9.82 -15.75
C ASN I 133 5.73 8.68 -16.71
N GLY I 134 5.19 7.48 -16.48
CA GLY I 134 5.54 6.30 -17.26
C GLY I 134 7.01 5.79 -17.04
N SER J 2 19.74 4.91 -13.03
CA SER J 2 21.06 4.27 -13.12
C SER J 2 20.94 2.72 -13.02
N ALA J 3 21.81 2.04 -13.82
CA ALA J 3 21.90 0.60 -13.98
C ALA J 3 22.26 -0.12 -12.66
N HIS J 4 21.53 -1.20 -12.40
CA HIS J 4 21.71 -2.04 -11.26
C HIS J 4 22.17 -3.43 -11.70
N GLY J 5 23.14 -3.96 -10.99
CA GLY J 5 23.65 -5.31 -11.20
C GLY J 5 24.42 -5.79 -9.98
N PRO J 6 24.83 -7.09 -9.92
CA PRO J 6 25.66 -7.54 -8.77
C PRO J 6 27.11 -7.03 -8.87
N SER J 7 27.77 -6.84 -7.73
CA SER J 7 29.13 -6.36 -7.68
C SER J 7 30.03 -7.29 -6.93
N ALA J 8 31.29 -7.44 -7.39
CA ALA J 8 32.37 -8.24 -6.78
C ALA J 8 33.66 -7.47 -6.99
N MET J 9 34.10 -6.75 -5.95
CA MET J 9 35.20 -5.80 -6.03
C MET J 9 36.39 -6.08 -5.11
N VAL J 10 37.57 -5.51 -5.48
CA VAL J 10 38.81 -5.50 -4.69
C VAL J 10 39.16 -4.02 -4.58
N PHE J 11 39.33 -3.52 -3.31
CA PHE J 11 39.77 -2.14 -3.02
C PHE J 11 41.13 -2.16 -2.36
N THR J 12 42.06 -1.31 -2.83
CA THR J 12 43.39 -1.31 -2.23
C THR J 12 43.80 0.10 -1.82
N VAL J 13 44.78 0.19 -0.93
CA VAL J 13 45.45 1.43 -0.54
C VAL J 13 46.89 1.16 -0.85
N ILE J 14 47.45 1.88 -1.81
CA ILE J 14 48.80 1.66 -2.29
C ILE J 14 49.74 2.83 -1.92
N GLN J 15 50.96 2.46 -1.50
CA GLN J 15 52.04 3.38 -1.16
C GLN J 15 52.67 3.91 -2.46
N GLY J 16 52.48 5.20 -2.72
CA GLY J 16 53.02 5.83 -3.91
C GLY J 16 52.01 6.22 -4.95
N SER J 17 52.50 6.37 -6.19
CA SER J 17 51.78 6.83 -7.38
C SER J 17 50.80 5.80 -7.94
N GLY J 18 50.99 4.53 -7.58
CA GLY J 18 50.16 3.45 -8.08
C GLY J 18 50.79 2.72 -9.25
N GLU J 19 52.14 2.72 -9.29
CA GLU J 19 53.01 2.08 -10.27
C GLU J 19 52.97 0.54 -10.11
N PRO J 20 53.41 -0.26 -11.10
CA PRO J 20 53.28 -1.73 -10.97
C PRO J 20 54.01 -2.36 -9.77
N THR J 21 55.19 -1.82 -9.43
CA THR J 21 56.07 -2.31 -8.36
C THR J 21 55.72 -1.74 -6.99
N ASP J 22 54.69 -0.86 -6.91
CA ASP J 22 54.30 -0.22 -5.64
C ASP J 22 53.65 -1.20 -4.66
N THR J 23 53.96 -1.02 -3.37
CA THR J 23 53.52 -1.86 -2.24
C THR J 23 52.08 -1.61 -1.96
N VAL J 24 51.34 -2.68 -1.75
CA VAL J 24 49.93 -2.63 -1.39
C VAL J 24 49.93 -2.55 0.12
N LEU J 25 49.45 -1.46 0.69
CA LEU J 25 49.41 -1.29 2.16
C LEU J 25 48.27 -2.11 2.78
N ARG J 26 47.09 -2.05 2.17
CA ARG J 26 45.91 -2.80 2.62
C ARG J 26 45.02 -3.05 1.42
N ALA J 27 44.29 -4.14 1.46
CA ALA J 27 43.32 -4.52 0.44
C ALA J 27 42.32 -5.45 1.04
N THR J 28 41.12 -5.39 0.50
CA THR J 28 40.00 -6.22 0.93
C THR J 28 39.10 -6.55 -0.28
N THR J 29 38.19 -7.51 -0.11
CA THR J 29 37.20 -7.92 -1.12
C THR J 29 35.80 -7.60 -0.62
N LEU J 30 34.92 -7.31 -1.54
CA LEU J 30 33.51 -7.00 -1.27
C LEU J 30 32.65 -7.55 -2.36
N SER J 31 31.57 -8.22 -1.97
CA SER J 31 30.58 -8.78 -2.89
C SER J 31 29.16 -8.34 -2.48
N CYS J 32 28.42 -7.69 -3.40
CA CYS J 32 27.05 -7.25 -3.16
C CYS J 32 26.12 -7.89 -4.16
N ALA J 33 25.15 -8.67 -3.63
CA ALA J 33 24.13 -9.38 -4.44
C ALA J 33 22.91 -9.44 -3.56
N TYR J 34 22.36 -10.64 -3.27
CA TYR J 34 21.22 -10.67 -2.38
C TYR J 34 21.70 -10.34 -0.96
N THR J 35 22.97 -10.73 -0.69
CA THR J 35 23.69 -10.53 0.58
C THR J 35 24.96 -9.72 0.36
N ALA J 36 25.35 -9.00 1.41
CA ALA J 36 26.58 -8.24 1.37
C ALA J 36 27.66 -9.04 2.08
N GLU J 37 28.66 -9.49 1.33
CA GLU J 37 29.75 -10.25 1.97
C GLU J 37 31.12 -9.85 1.41
N GLY J 38 32.15 -10.58 1.82
CA GLY J 38 33.54 -10.35 1.43
C GLY J 38 34.44 -10.33 2.65
N THR J 39 35.70 -9.97 2.47
CA THR J 39 36.64 -9.89 3.59
C THR J 39 36.56 -8.51 4.27
N HIS J 40 35.71 -7.61 3.73
CA HIS J 40 35.50 -6.29 4.27
C HIS J 40 34.97 -6.38 5.72
N PRO J 41 35.56 -5.63 6.68
CA PRO J 41 35.11 -5.73 8.07
C PRO J 41 33.63 -5.31 8.27
N ALA J 42 33.06 -4.40 7.41
CA ALA J 42 31.66 -3.95 7.48
C ALA J 42 31.00 -4.05 6.07
N PRO J 43 30.60 -5.27 5.61
CA PRO J 43 30.12 -5.39 4.21
C PRO J 43 28.82 -4.66 3.94
N ARG J 44 27.86 -4.68 4.89
CA ARG J 44 26.54 -4.04 4.73
C ARG J 44 26.73 -2.56 4.46
N ALA J 45 27.46 -1.86 5.36
CA ALA J 45 27.77 -0.45 5.23
C ALA J 45 28.57 -0.13 3.93
N ALA J 46 29.59 -0.97 3.59
CA ALA J 46 30.46 -0.81 2.41
C ALA J 46 29.67 -0.90 1.11
N CYS J 47 28.80 -1.91 0.99
CA CYS J 47 27.95 -2.15 -0.16
C CYS J 47 26.98 -0.99 -0.36
N ASP J 48 26.38 -0.51 0.75
CA ASP J 48 25.48 0.63 0.71
C ASP J 48 26.23 1.89 0.23
N ALA J 49 27.46 2.13 0.73
CA ALA J 49 28.31 3.28 0.34
C ALA J 49 28.74 3.18 -1.13
N LEU J 50 29.05 1.98 -1.60
CA LEU J 50 29.39 1.70 -2.99
C LEU J 50 28.19 1.97 -3.93
N ASN J 51 26.96 1.63 -3.50
CA ASN J 51 25.81 1.84 -4.36
C ASN J 51 25.39 3.31 -4.45
N ALA J 52 25.69 4.08 -3.43
CA ALA J 52 25.41 5.53 -3.35
C ALA J 52 26.13 6.33 -4.45
N THR J 53 27.29 5.83 -4.95
CA THR J 53 28.09 6.48 -6.00
C THR J 53 27.40 6.48 -7.38
N ASP J 54 26.41 5.56 -7.55
CA ASP J 54 25.62 5.37 -8.77
C ASP J 54 26.54 5.08 -9.99
N GLY J 55 27.55 4.24 -9.77
CA GLY J 55 28.49 3.83 -10.80
C GLY J 55 29.73 4.71 -10.95
N GLU J 56 29.69 5.96 -10.48
CA GLU J 56 30.82 6.90 -10.60
C GLU J 56 31.63 6.83 -9.33
N LEU J 57 32.77 6.12 -9.34
CA LEU J 57 33.58 5.95 -8.13
C LEU J 57 34.25 7.24 -7.67
N ASN J 58 34.33 8.28 -8.53
CA ASN J 58 34.88 9.56 -8.12
C ASN J 58 33.96 10.24 -7.08
N ARG J 59 32.70 9.78 -6.96
CA ARG J 59 31.73 10.30 -5.99
C ARG J 59 32.08 9.83 -4.56
N LEU J 60 33.07 8.91 -4.40
CA LEU J 60 33.55 8.44 -3.08
C LEU J 60 34.27 9.60 -2.35
N LEU J 61 34.84 10.53 -3.16
CA LEU J 61 35.58 11.68 -2.72
C LEU J 61 34.66 12.85 -2.41
N ALA J 62 34.58 13.12 -1.08
CA ALA J 62 33.81 14.17 -0.41
C ALA J 62 34.50 15.54 -0.49
N ALA J 63 34.12 16.44 0.41
CA ALA J 63 34.66 17.78 0.42
C ALA J 63 35.51 18.04 1.65
N PRO J 64 36.81 18.37 1.43
CA PRO J 64 37.67 18.75 2.56
C PRO J 64 37.32 20.16 3.10
N ASP J 65 37.43 20.36 4.43
CA ASP J 65 37.12 21.64 5.08
C ASP J 65 38.28 22.67 4.91
N PRO J 66 38.08 23.78 4.14
CA PRO J 66 39.17 24.75 3.97
C PRO J 66 39.20 25.81 5.07
N VAL J 69 41.50 21.56 6.67
CA VAL J 69 42.77 22.07 6.12
C VAL J 69 43.88 21.02 6.38
N CYS J 70 44.85 20.92 5.44
CA CYS J 70 45.93 19.97 5.52
C CYS J 70 47.27 20.60 5.13
N PRO J 71 48.38 20.24 5.86
CA PRO J 71 49.71 20.77 5.53
C PRO J 71 50.19 20.37 4.13
N MET J 72 51.14 21.15 3.59
CA MET J 72 51.72 20.97 2.28
C MET J 72 53.01 20.13 2.28
N TYR J 73 52.83 18.81 2.28
CA TYR J 73 53.93 17.85 2.22
C TYR J 73 53.62 16.82 1.13
N PHE J 74 54.65 16.32 0.49
CA PHE J 74 54.51 15.33 -0.56
C PHE J 74 54.93 13.94 -0.05
N ASP J 75 53.98 13.01 -0.02
CA ASP J 75 54.12 11.60 0.40
C ASP J 75 52.92 10.85 -0.21
N PRO J 76 52.93 10.64 -1.54
CA PRO J 76 51.74 10.08 -2.22
C PRO J 76 51.24 8.71 -1.74
N VAL J 77 49.89 8.55 -1.80
CA VAL J 77 49.04 7.38 -1.50
C VAL J 77 48.00 7.27 -2.61
N THR J 78 47.63 6.03 -3.00
CA THR J 78 46.67 5.78 -4.06
C THR J 78 45.66 4.75 -3.60
N VAL J 79 44.37 5.05 -3.87
CA VAL J 79 43.26 4.16 -3.61
C VAL J 79 42.90 3.57 -4.94
N THR J 80 42.56 2.27 -4.96
CA THR J 80 42.16 1.57 -6.19
C THR J 80 40.86 0.85 -5.99
N ALA J 81 40.18 0.48 -7.08
CA ALA J 81 38.95 -0.30 -7.12
C ALA J 81 38.90 -1.03 -8.45
N ASP J 82 38.85 -2.36 -8.40
CA ASP J 82 38.87 -3.24 -9.57
C ASP J 82 37.87 -4.35 -9.37
N GLY J 83 37.25 -4.81 -10.44
CA GLY J 83 36.29 -5.90 -10.39
C GLY J 83 35.01 -5.63 -11.17
N VAL J 84 33.90 -6.17 -10.66
CA VAL J 84 32.58 -6.06 -11.24
C VAL J 84 31.77 -5.10 -10.44
N LEU J 85 31.31 -4.03 -11.07
CA LEU J 85 30.47 -3.00 -10.47
C LEU J 85 29.19 -2.91 -11.29
N ASN J 86 28.07 -3.27 -10.66
CA ASN J 86 26.73 -3.29 -11.27
C ASN J 86 26.73 -4.08 -12.58
N GLY J 87 27.34 -5.27 -12.53
CA GLY J 87 27.41 -6.22 -13.65
C GLY J 87 28.36 -5.89 -14.80
N ARG J 88 29.20 -4.87 -14.63
CA ARG J 88 30.17 -4.46 -15.63
C ARG J 88 31.54 -4.36 -14.99
N ARG J 89 32.55 -4.87 -15.69
CA ARG J 89 33.95 -4.88 -15.27
C ARG J 89 34.50 -3.43 -15.27
N VAL J 90 35.11 -3.00 -14.15
CA VAL J 90 35.64 -1.63 -13.96
C VAL J 90 37.07 -1.65 -13.39
N ALA J 91 37.80 -0.53 -13.55
CA ALA J 91 39.15 -0.26 -13.02
C ALA J 91 39.28 1.24 -12.76
N TRP J 92 39.52 1.61 -11.48
CA TRP J 92 39.59 2.99 -11.02
C TRP J 92 40.70 3.12 -10.01
N LYS J 93 41.36 4.28 -10.01
CA LYS J 93 42.39 4.62 -9.07
C LYS J 93 42.43 6.15 -8.86
N HIS J 94 42.86 6.59 -7.64
CA HIS J 94 43.02 7.99 -7.32
C HIS J 94 44.24 8.17 -6.43
N THR J 95 45.21 8.94 -6.93
CA THR J 95 46.42 9.27 -6.20
C THR J 95 46.20 10.57 -5.44
N PHE J 96 46.55 10.57 -4.14
CA PHE J 96 46.49 11.70 -3.24
C PHE J 96 47.91 12.07 -2.92
N SER J 97 48.23 13.41 -2.89
CA SER J 97 49.57 13.92 -2.58
C SER J 97 50.09 13.39 -1.25
N ASN J 98 49.16 13.14 -0.29
CA ASN J 98 49.51 12.60 1.02
C ASN J 98 48.29 12.01 1.70
N THR J 99 48.53 11.23 2.76
CA THR J 99 47.59 10.47 3.59
C THR J 99 46.55 11.37 4.24
N CYS J 100 46.97 12.54 4.68
CA CYS J 100 46.09 13.49 5.34
C CYS J 100 45.08 14.06 4.31
N VAL J 101 45.55 14.34 3.08
CA VAL J 101 44.70 14.83 2.00
C VAL J 101 43.74 13.68 1.60
N MET J 102 44.19 12.41 1.69
CA MET J 102 43.36 11.25 1.40
C MET J 102 42.19 11.14 2.42
N SER J 103 42.49 11.31 3.72
CA SER J 103 41.51 11.24 4.78
C SER J 103 40.47 12.32 4.60
N ALA J 104 40.91 13.52 4.19
CA ALA J 104 40.07 14.68 3.94
C ALA J 104 38.97 14.42 2.91
N ASN J 105 39.27 13.69 1.82
CA ASN J 105 38.27 13.41 0.79
C ASN J 105 37.49 12.14 1.12
N LEU J 106 38.16 11.09 1.58
CA LEU J 106 37.49 9.85 1.98
C LEU J 106 37.07 9.93 3.44
N ASN J 107 36.26 10.96 3.82
CA ASN J 107 35.83 11.20 5.20
C ASN J 107 35.06 9.99 5.75
N SER J 108 35.84 9.01 6.25
CA SER J 108 35.41 7.74 6.84
C SER J 108 34.39 6.98 5.95
N ASN J 109 34.50 7.14 4.60
CA ASN J 109 33.63 6.44 3.66
C ASN J 109 33.73 4.94 3.94
N PRO J 110 32.59 4.27 4.24
CA PRO J 110 32.65 2.85 4.60
C PRO J 110 33.38 1.96 3.59
N VAL J 111 33.43 2.31 2.29
CA VAL J 111 34.15 1.50 1.31
C VAL J 111 35.66 1.33 1.74
N TYR J 112 36.35 2.43 2.16
CA TYR J 112 37.78 2.40 2.53
C TYR J 112 38.00 2.32 4.04
N ALA J 113 37.00 1.81 4.76
CA ALA J 113 37.06 1.57 6.20
C ALA J 113 37.47 0.11 6.45
N PHE J 114 38.63 -0.30 5.91
CA PHE J 114 39.18 -1.66 6.09
C PHE J 114 40.67 -1.61 6.60
N PRO K 2 77.96 -24.37 2.27
CA PRO K 2 76.51 -24.62 2.30
C PRO K 2 75.87 -24.13 3.60
N MET K 3 76.28 -22.93 4.08
CA MET K 3 75.79 -22.36 5.32
C MET K 3 75.56 -20.83 5.22
N VAL K 4 74.31 -20.39 5.49
CA VAL K 4 73.90 -18.98 5.53
C VAL K 4 73.20 -18.68 6.86
N THR K 5 73.45 -17.51 7.45
CA THR K 5 72.78 -17.04 8.66
C THR K 5 71.96 -15.80 8.25
N VAL K 6 70.62 -15.91 8.38
CA VAL K 6 69.68 -14.85 8.00
C VAL K 6 69.29 -14.04 9.26
N THR K 7 69.45 -12.70 9.20
CA THR K 7 69.15 -11.77 10.29
C THR K 7 67.69 -11.31 10.22
N TYR K 8 66.99 -11.31 11.36
CA TYR K 8 65.61 -10.84 11.46
C TYR K 8 65.50 -9.74 12.52
N ASP K 9 64.58 -8.80 12.31
CA ASP K 9 64.35 -7.71 13.26
C ASP K 9 62.95 -7.84 13.87
N PRO K 10 62.89 -8.25 15.16
CA PRO K 10 61.59 -8.43 15.82
C PRO K 10 61.08 -7.18 16.56
N SER K 11 61.85 -6.08 16.54
CA SER K 11 61.58 -4.84 17.27
C SER K 11 60.21 -4.20 16.95
N ASN K 12 59.71 -4.33 15.71
CA ASN K 12 58.44 -3.72 15.34
C ASN K 12 57.20 -4.63 15.63
N ALA K 13 57.41 -5.70 16.44
CA ALA K 13 56.39 -6.66 16.88
C ALA K 13 56.56 -6.97 18.36
N PRO K 14 56.37 -5.97 19.26
CA PRO K 14 56.57 -6.21 20.71
C PRO K 14 55.59 -7.19 21.35
N SER K 15 54.39 -7.31 20.80
CA SER K 15 53.35 -8.20 21.32
C SER K 15 53.64 -9.67 20.97
N PHE K 16 54.57 -9.93 20.03
CA PHE K 16 54.86 -11.29 19.57
C PHE K 16 56.33 -11.70 19.76
N GLN K 17 56.99 -11.17 20.82
CA GLN K 17 58.39 -11.45 21.08
C GLN K 17 58.63 -12.94 21.36
N GLN K 18 57.70 -13.58 22.09
CA GLN K 18 57.84 -14.99 22.44
C GLN K 18 57.64 -15.91 21.24
N GLU K 19 56.63 -15.66 20.41
CA GLU K 19 56.32 -16.50 19.27
C GLU K 19 57.36 -16.33 18.16
N ILE K 20 57.98 -15.11 18.05
CA ILE K 20 59.05 -14.87 17.08
C ILE K 20 60.26 -15.72 17.49
N ALA K 21 60.56 -15.74 18.81
CA ALA K 21 61.64 -16.53 19.38
C ALA K 21 61.38 -18.03 19.18
N ASN K 22 60.11 -18.49 19.38
CA ASN K 22 59.71 -19.90 19.19
C ASN K 22 59.90 -20.34 17.74
N ALA K 23 59.49 -19.47 16.77
CA ALA K 23 59.60 -19.71 15.33
C ALA K 23 61.06 -19.95 14.90
N ALA K 24 61.99 -19.09 15.37
CA ALA K 24 63.42 -19.17 15.09
C ALA K 24 64.00 -20.46 15.65
N GLN K 25 63.56 -20.84 16.86
CA GLN K 25 64.02 -22.06 17.53
C GLN K 25 63.50 -23.30 16.79
N ILE K 26 62.22 -23.28 16.33
CA ILE K 26 61.58 -24.38 15.59
C ILE K 26 62.37 -24.63 14.30
N TRP K 27 62.61 -23.56 13.51
CA TRP K 27 63.31 -23.64 12.24
C TRP K 27 64.79 -23.98 12.38
N ASN K 28 65.52 -23.36 13.33
CA ASN K 28 66.95 -23.64 13.53
C ASN K 28 67.20 -25.11 13.89
N SER K 29 66.27 -25.74 14.63
CA SER K 29 66.34 -27.15 15.03
C SER K 29 65.73 -28.10 13.96
N SER K 30 65.11 -27.54 12.89
CA SER K 30 64.48 -28.32 11.82
C SER K 30 65.30 -28.38 10.54
N VAL K 31 66.10 -27.33 10.24
CA VAL K 31 66.93 -27.26 9.02
C VAL K 31 68.40 -27.02 9.39
N ARG K 32 69.34 -27.52 8.58
CA ARG K 32 70.78 -27.40 8.85
C ARG K 32 71.53 -26.42 7.91
N ASN K 33 71.01 -26.17 6.70
CA ASN K 33 71.64 -25.32 5.69
C ASN K 33 71.39 -23.79 5.90
N VAL K 34 70.36 -23.41 6.69
CA VAL K 34 70.06 -21.99 6.99
C VAL K 34 69.76 -21.84 8.49
N GLN K 35 70.28 -20.76 9.12
CA GLN K 35 70.03 -20.46 10.53
C GLN K 35 69.50 -19.03 10.68
N LEU K 36 68.57 -18.80 11.64
CA LEU K 36 67.99 -17.48 11.91
C LEU K 36 68.63 -16.87 13.14
N ARG K 37 68.87 -15.56 13.08
CA ARG K 37 69.52 -14.79 14.14
C ARG K 37 68.82 -13.45 14.31
N ALA K 38 68.53 -13.04 15.56
CA ALA K 38 67.93 -11.73 15.83
C ALA K 38 68.99 -10.64 15.67
N GLY K 39 68.60 -9.48 15.16
CA GLY K 39 69.50 -8.35 14.97
C GLY K 39 68.95 -7.13 14.25
N GLY K 40 69.80 -6.12 14.13
CA GLY K 40 69.55 -4.85 13.45
C GLY K 40 70.10 -4.94 12.05
N ASN K 41 69.73 -3.98 11.16
CA ASN K 41 70.10 -3.98 9.73
C ASN K 41 69.79 -5.37 9.12
N ALA K 42 68.65 -5.94 9.58
CA ALA K 42 68.13 -7.27 9.27
C ALA K 42 67.77 -7.45 7.80
N ASP K 43 67.82 -8.73 7.35
CA ASP K 43 67.45 -9.14 6.00
C ASP K 43 65.93 -9.04 5.85
N PHE K 44 65.19 -9.39 6.92
CA PHE K 44 63.74 -9.33 6.99
C PHE K 44 63.28 -8.87 8.39
N SER K 45 62.06 -8.32 8.49
CA SER K 45 61.54 -7.79 9.74
C SER K 45 60.11 -8.28 10.06
N TYR K 46 59.74 -8.21 11.36
CA TYR K 46 58.41 -8.55 11.86
C TYR K 46 57.65 -7.28 12.26
N TYR K 47 56.40 -7.17 11.81
CA TYR K 47 55.50 -6.05 12.08
C TYR K 47 54.19 -6.58 12.66
N GLU K 48 53.46 -5.72 13.36
CA GLU K 48 52.19 -6.12 13.95
C GLU K 48 51.18 -4.99 13.82
N GLY K 49 49.90 -5.36 13.82
CA GLY K 49 48.82 -4.39 13.72
C GLY K 49 47.49 -5.05 13.39
N ASN K 50 46.63 -4.32 12.69
CA ASN K 50 45.34 -4.85 12.27
C ASN K 50 45.21 -4.80 10.75
N ASP K 51 44.86 -5.94 10.15
CA ASP K 51 44.62 -6.09 8.72
C ASP K 51 43.45 -7.03 8.54
N SER K 52 42.48 -6.65 7.71
CA SER K 52 41.29 -7.46 7.41
C SER K 52 41.68 -8.79 6.78
N ARG K 53 42.86 -8.85 6.15
CA ARG K 53 43.41 -10.03 5.49
C ARG K 53 44.05 -11.01 6.49
N GLY K 54 44.33 -10.54 7.68
CA GLY K 54 45.00 -11.32 8.71
C GLY K 54 46.50 -11.23 8.56
N SER K 55 47.23 -12.24 9.09
CA SER K 55 48.68 -12.32 8.99
C SER K 55 49.07 -12.75 7.57
N TYR K 56 50.26 -12.30 7.13
CA TYR K 56 50.81 -12.57 5.80
C TYR K 56 52.31 -12.25 5.80
N ALA K 57 52.98 -12.55 4.68
CA ALA K 57 54.39 -12.28 4.45
C ALA K 57 54.58 -11.75 3.03
N GLN K 58 55.41 -10.68 2.90
CA GLN K 58 55.78 -10.09 1.62
C GLN K 58 57.30 -10.33 1.50
N THR K 59 57.69 -11.35 0.70
CA THR K 59 59.07 -11.79 0.62
C THR K 59 59.50 -12.25 -0.78
N ASP K 60 60.82 -12.23 -1.02
CA ASP K 60 61.41 -12.72 -2.26
C ASP K 60 61.53 -14.27 -2.18
N GLY K 61 61.59 -14.80 -0.95
CA GLY K 61 61.66 -16.23 -0.67
C GLY K 61 63.03 -16.75 -0.27
N HIS K 62 64.04 -15.85 -0.22
CA HIS K 62 65.39 -16.23 0.16
C HIS K 62 65.90 -15.25 1.23
N GLY K 63 65.13 -15.12 2.31
CA GLY K 63 65.52 -14.34 3.48
C GLY K 63 65.19 -12.87 3.57
N ARG K 64 64.78 -12.25 2.47
CA ARG K 64 64.46 -10.81 2.43
C ARG K 64 62.96 -10.57 2.46
N GLY K 65 62.56 -9.40 2.96
CA GLY K 65 61.17 -8.99 3.05
C GLY K 65 60.68 -8.64 4.44
N TYR K 66 59.39 -8.94 4.73
CA TYR K 66 58.76 -8.70 6.02
C TYR K 66 57.57 -9.63 6.29
N ILE K 67 57.25 -9.81 7.59
CA ILE K 67 56.13 -10.61 8.06
C ILE K 67 55.22 -9.71 8.91
N PHE K 68 53.91 -9.70 8.60
CA PHE K 68 52.92 -8.94 9.32
C PHE K 68 52.04 -9.87 10.12
N LEU K 69 51.98 -9.65 11.45
CA LEU K 69 51.19 -10.45 12.37
C LEU K 69 49.96 -9.65 12.84
N ASP K 70 48.74 -10.12 12.48
CA ASP K 70 47.46 -9.49 12.83
C ASP K 70 47.03 -9.86 14.24
N TYR K 71 46.53 -8.87 14.97
CA TYR K 71 46.09 -9.01 16.36
C TYR K 71 44.95 -10.02 16.51
N GLN K 72 43.82 -9.80 15.79
CA GLN K 72 42.63 -10.66 15.88
C GLN K 72 42.89 -12.08 15.48
N GLN K 73 43.62 -12.30 14.38
CA GLN K 73 43.91 -13.63 13.87
C GLN K 73 44.72 -14.46 14.86
N ASN K 74 45.72 -13.83 15.49
CA ASN K 74 46.58 -14.51 16.45
C ASN K 74 45.89 -14.81 17.79
N GLN K 75 44.66 -14.30 17.98
CA GLN K 75 43.81 -14.58 19.14
C GLN K 75 42.90 -15.79 18.84
N GLN K 76 42.59 -16.03 17.53
CA GLN K 76 41.71 -17.11 17.08
C GLN K 76 42.53 -18.35 16.65
N TYR K 77 43.69 -18.14 16.00
CA TYR K 77 44.61 -19.20 15.55
C TYR K 77 45.82 -19.23 16.49
N ASP K 78 46.52 -20.37 16.60
CA ASP K 78 47.73 -20.49 17.45
C ASP K 78 48.83 -19.57 16.88
N SER K 79 49.29 -18.62 17.74
CA SER K 79 50.28 -17.60 17.39
C SER K 79 51.62 -18.16 16.94
N THR K 80 52.09 -19.24 17.58
CA THR K 80 53.37 -19.86 17.25
C THR K 80 53.25 -20.53 15.88
N ARG K 81 52.14 -21.26 15.59
CA ARG K 81 51.94 -21.85 14.26
C ARG K 81 51.93 -20.75 13.20
N VAL K 82 51.22 -19.62 13.46
CA VAL K 82 51.11 -18.50 12.51
C VAL K 82 52.51 -17.96 12.21
N THR K 83 53.29 -17.60 13.27
CA THR K 83 54.64 -17.03 13.15
C THR K 83 55.62 -18.02 12.48
N ALA K 84 55.61 -19.31 12.86
CA ALA K 84 56.48 -20.31 12.25
C ALA K 84 56.14 -20.50 10.76
N HIS K 85 54.83 -20.55 10.44
CA HIS K 85 54.27 -20.69 9.09
C HIS K 85 54.77 -19.58 8.19
N GLU K 86 54.61 -18.32 8.62
CA GLU K 86 55.01 -17.16 7.83
C GLU K 86 56.52 -17.08 7.64
N THR K 87 57.30 -17.51 8.65
CA THR K 87 58.77 -17.58 8.62
C THR K 87 59.19 -18.59 7.53
N GLY K 88 58.34 -19.59 7.28
CA GLY K 88 58.52 -20.61 6.25
C GLY K 88 58.51 -20.05 4.85
N HIS K 89 57.78 -18.94 4.63
CA HIS K 89 57.68 -18.28 3.34
C HIS K 89 58.97 -17.52 3.04
N VAL K 90 59.61 -16.95 4.08
CA VAL K 90 60.85 -16.18 3.98
C VAL K 90 62.01 -17.16 3.67
N LEU K 91 61.90 -18.42 4.11
CA LEU K 91 62.89 -19.46 3.83
C LEU K 91 62.66 -20.05 2.44
N GLY K 92 61.50 -19.77 1.85
CA GLY K 92 61.21 -20.21 0.49
C GLY K 92 60.11 -21.21 0.24
N LEU K 93 59.30 -21.53 1.27
CA LEU K 93 58.22 -22.48 1.08
C LEU K 93 56.92 -21.83 0.66
N PRO K 94 56.13 -22.46 -0.25
CA PRO K 94 54.83 -21.89 -0.61
C PRO K 94 53.73 -22.42 0.32
N ASP K 95 52.51 -21.93 0.15
CA ASP K 95 51.38 -22.43 0.91
C ASP K 95 50.82 -23.69 0.24
N HIS K 96 50.25 -24.61 1.03
CA HIS K 96 49.51 -25.78 0.54
C HIS K 96 48.22 -25.86 1.36
N TYR K 97 47.29 -24.93 1.07
CA TYR K 97 46.02 -24.76 1.78
C TYR K 97 45.21 -26.04 1.93
N GLN K 98 45.27 -26.96 0.95
CA GLN K 98 44.53 -28.23 1.02
C GLN K 98 45.18 -29.26 1.97
N GLY K 99 46.42 -28.97 2.39
CA GLY K 99 47.19 -29.83 3.27
C GLY K 99 46.62 -29.99 4.67
N PRO K 100 47.06 -31.03 5.40
CA PRO K 100 46.53 -31.23 6.77
C PRO K 100 47.32 -30.45 7.82
N CYS K 101 46.95 -30.61 9.08
CA CYS K 101 47.59 -29.96 10.23
C CYS K 101 49.08 -30.35 10.35
N SER K 102 49.44 -31.61 9.99
CA SER K 102 50.81 -32.14 10.02
C SER K 102 51.75 -31.37 9.08
N GLU K 103 51.18 -30.68 8.08
CA GLU K 103 51.88 -29.80 7.14
C GLU K 103 51.80 -28.39 7.70
N LEU K 104 52.93 -27.80 8.10
CA LEU K 104 52.94 -26.44 8.63
C LEU K 104 52.54 -25.41 7.56
N MET K 105 52.90 -25.66 6.30
CA MET K 105 52.58 -24.72 5.23
C MET K 105 51.13 -24.79 4.75
N SER K 106 50.28 -25.56 5.42
CA SER K 106 48.85 -25.56 5.11
C SER K 106 48.17 -24.35 5.78
N GLY K 107 48.89 -23.69 6.69
CA GLY K 107 48.45 -22.51 7.43
C GLY K 107 47.13 -22.66 8.13
N GLY K 108 46.21 -21.76 7.80
CA GLY K 108 44.85 -21.70 8.32
C GLY K 108 43.86 -22.63 7.65
N GLY K 109 44.32 -23.33 6.62
CA GLY K 109 43.54 -24.31 5.86
C GLY K 109 42.83 -25.36 6.71
N PRO K 110 43.54 -26.13 7.60
CA PRO K 110 42.84 -27.09 8.46
C PRO K 110 41.94 -26.46 9.55
N GLY K 111 41.93 -25.13 9.67
CA GLY K 111 41.11 -24.42 10.63
C GLY K 111 41.81 -23.95 11.90
N PRO K 112 41.05 -23.30 12.82
CA PRO K 112 41.67 -22.78 14.05
C PRO K 112 42.08 -23.84 15.09
N SER K 113 41.50 -25.05 15.02
CA SER K 113 41.78 -26.16 15.96
C SER K 113 43.23 -26.67 15.83
N CYS K 114 43.83 -26.45 14.67
CA CYS K 114 45.18 -26.87 14.35
C CYS K 114 46.23 -26.02 15.12
N THR K 115 47.09 -26.70 15.93
CA THR K 115 48.10 -26.04 16.78
C THR K 115 49.57 -26.47 16.48
N ASN K 116 49.79 -27.40 15.53
CA ASN K 116 51.12 -27.87 15.17
C ASN K 116 52.02 -26.75 14.57
N PRO K 117 53.16 -26.40 15.22
CA PRO K 117 54.04 -25.35 14.66
C PRO K 117 55.29 -25.88 13.92
N TYR K 118 55.45 -27.22 13.85
CA TYR K 118 56.64 -27.85 13.29
C TYR K 118 56.48 -28.29 11.84
N PRO K 119 57.51 -28.04 10.99
CA PRO K 119 57.44 -28.52 9.60
C PRO K 119 57.52 -30.04 9.51
N ASN K 120 56.84 -30.62 8.50
CA ASN K 120 56.88 -32.07 8.32
C ASN K 120 58.23 -32.49 7.60
N ALA K 121 58.38 -33.80 7.32
CA ALA K 121 59.57 -34.38 6.68
C ALA K 121 59.85 -33.80 5.29
N GLN K 122 58.84 -33.77 4.41
CA GLN K 122 58.98 -33.26 3.03
C GLN K 122 59.38 -31.77 3.02
N GLU K 123 58.72 -30.96 3.89
CA GLU K 123 58.96 -29.53 4.08
C GLU K 123 60.39 -29.24 4.52
N ARG K 124 60.96 -30.11 5.38
CA ARG K 124 62.35 -30.00 5.87
C ARG K 124 63.35 -30.23 4.73
N SER K 125 63.07 -31.26 3.87
CA SER K 125 63.87 -31.65 2.71
C SER K 125 63.92 -30.55 1.66
N ARG K 126 62.78 -29.82 1.48
CA ARG K 126 62.63 -28.71 0.54
C ARG K 126 63.44 -27.49 0.97
N VAL K 127 63.34 -27.09 2.28
CA VAL K 127 64.08 -25.93 2.82
C VAL K 127 65.58 -26.22 2.81
N ASN K 128 65.98 -27.44 3.23
CA ASN K 128 67.39 -27.84 3.26
C ASN K 128 67.99 -27.73 1.86
N ALA K 129 67.30 -28.29 0.84
CA ALA K 129 67.70 -28.25 -0.57
C ALA K 129 67.84 -26.81 -1.11
N LEU K 130 66.87 -25.92 -0.76
CA LEU K 130 66.83 -24.50 -1.19
C LEU K 130 68.07 -23.72 -0.69
N TRP K 131 68.50 -24.02 0.54
CA TRP K 131 69.60 -23.34 1.20
C TRP K 131 70.90 -24.13 1.16
N ALA K 132 71.00 -25.17 0.31
CA ALA K 132 72.22 -25.98 0.13
C ALA K 132 73.38 -25.12 -0.42
N ASN K 133 73.06 -23.89 -0.90
CA ASN K 133 73.98 -22.89 -1.44
C ASN K 133 73.44 -21.44 -1.24
N GLY K 134 74.39 -20.54 -0.98
CA GLY K 134 74.21 -19.11 -0.78
C GLY K 134 75.35 -18.37 -1.51
N SER L 2 60.53 -17.38 -6.97
CA SER L 2 59.53 -16.35 -7.34
C SER L 2 59.04 -15.58 -6.07
N ALA L 3 58.56 -14.31 -6.26
CA ALA L 3 58.05 -13.44 -5.19
C ALA L 3 56.75 -13.95 -4.57
N HIS L 4 56.70 -13.92 -3.22
CA HIS L 4 55.54 -14.34 -2.46
C HIS L 4 54.94 -13.15 -1.74
N GLY L 5 53.62 -13.08 -1.75
CA GLY L 5 52.86 -12.08 -1.03
C GLY L 5 51.40 -12.47 -0.91
N PRO L 6 50.58 -11.73 -0.12
CA PRO L 6 49.14 -12.08 -0.03
C PRO L 6 48.39 -11.69 -1.31
N SER L 7 47.31 -12.40 -1.61
CA SER L 7 46.51 -12.14 -2.81
C SER L 7 45.06 -11.90 -2.45
N ALA L 8 44.40 -10.98 -3.19
CA ALA L 8 42.98 -10.58 -3.03
C ALA L 8 42.50 -10.24 -4.42
N MET L 9 41.82 -11.17 -5.08
CA MET L 9 41.43 -11.03 -6.48
C MET L 9 39.96 -11.16 -6.73
N VAL L 10 39.54 -10.73 -7.92
CA VAL L 10 38.22 -10.92 -8.53
C VAL L 10 38.46 -11.67 -9.84
N PHE L 11 37.75 -12.78 -10.03
CA PHE L 11 37.80 -13.59 -11.26
C PHE L 11 36.47 -13.49 -11.97
N THR L 12 36.45 -13.33 -13.30
CA THR L 12 35.18 -13.25 -14.03
C THR L 12 35.21 -14.10 -15.31
N VAL L 13 34.02 -14.38 -15.83
CA VAL L 13 33.80 -14.99 -17.11
C VAL L 13 32.86 -14.02 -17.78
N ILE L 14 33.34 -13.35 -18.83
CA ILE L 14 32.61 -12.30 -19.53
C ILE L 14 32.27 -12.77 -20.93
N GLN L 15 31.05 -12.53 -21.33
CA GLN L 15 30.54 -12.84 -22.65
C GLN L 15 31.20 -11.89 -23.67
N GLY L 16 32.04 -12.45 -24.53
CA GLY L 16 32.67 -11.67 -25.59
C GLY L 16 34.15 -11.48 -25.45
N SER L 17 34.65 -10.40 -26.06
CA SER L 17 36.06 -10.01 -26.10
C SER L 17 36.62 -9.48 -24.76
N GLY L 18 35.74 -9.06 -23.85
CA GLY L 18 36.13 -8.49 -22.58
C GLY L 18 36.15 -6.96 -22.61
N GLU L 19 35.26 -6.38 -23.45
CA GLU L 19 35.05 -4.94 -23.65
C GLU L 19 34.31 -4.33 -22.44
N PRO L 20 34.31 -2.99 -22.23
CA PRO L 20 33.65 -2.42 -21.04
C PRO L 20 32.13 -2.66 -20.92
N THR L 21 31.42 -2.73 -22.05
CA THR L 21 29.96 -2.92 -22.12
C THR L 21 29.58 -4.41 -22.11
N ASP L 22 30.56 -5.31 -22.12
CA ASP L 22 30.30 -6.75 -22.17
C ASP L 22 29.67 -7.30 -20.87
N THR L 23 28.73 -8.23 -21.05
CA THR L 23 27.97 -8.87 -19.99
C THR L 23 28.85 -9.79 -19.19
N VAL L 24 28.83 -9.65 -17.86
CA VAL L 24 29.60 -10.55 -16.98
C VAL L 24 28.70 -11.80 -16.72
N LEU L 25 29.17 -12.98 -17.14
CA LEU L 25 28.43 -14.24 -16.96
C LEU L 25 28.53 -14.81 -15.52
N ARG L 26 29.74 -14.88 -14.95
CA ARG L 26 29.96 -15.35 -13.57
C ARG L 26 31.16 -14.64 -12.98
N ALA L 27 31.17 -14.43 -11.64
CA ALA L 27 32.26 -13.70 -10.95
C ALA L 27 32.38 -14.13 -9.50
N THR L 28 33.57 -14.00 -8.92
CA THR L 28 33.81 -14.40 -7.56
C THR L 28 34.99 -13.61 -6.99
N THR L 29 35.16 -13.67 -5.66
CA THR L 29 36.29 -13.05 -4.95
C THR L 29 37.08 -14.16 -4.24
N LEU L 30 38.38 -13.95 -4.11
CA LEU L 30 39.28 -14.89 -3.47
C LEU L 30 40.34 -14.15 -2.73
N SER L 31 40.64 -14.56 -1.49
CA SER L 31 41.68 -13.96 -0.66
C SER L 31 42.58 -15.05 -0.07
N CYS L 32 43.92 -14.96 -0.34
CA CYS L 32 44.91 -15.94 0.16
C CYS L 32 45.95 -15.23 0.99
N ALA L 33 46.03 -15.56 2.28
CA ALA L 33 47.00 -15.02 3.22
C ALA L 33 47.34 -16.18 4.20
N TYR L 34 47.12 -16.05 5.52
CA TYR L 34 47.34 -17.22 6.37
C TYR L 34 46.19 -18.18 6.13
N THR L 35 45.00 -17.63 5.79
CA THR L 35 43.77 -18.37 5.49
C THR L 35 43.32 -18.15 4.06
N ALA L 36 42.70 -19.16 3.46
CA ALA L 36 42.13 -19.06 2.13
C ALA L 36 40.63 -18.80 2.26
N GLU L 37 40.18 -17.63 1.84
CA GLU L 37 38.75 -17.32 1.91
C GLU L 37 38.27 -16.53 0.69
N GLY L 38 37.04 -16.06 0.74
CA GLY L 38 36.38 -15.32 -0.34
C GLY L 38 35.02 -15.89 -0.66
N THR L 39 34.38 -15.41 -1.74
CA THR L 39 33.06 -15.93 -2.12
C THR L 39 33.21 -17.16 -3.02
N HIS L 40 34.47 -17.54 -3.36
CA HIS L 40 34.79 -18.72 -4.16
C HIS L 40 34.24 -19.99 -3.45
N PRO L 41 33.51 -20.86 -4.19
CA PRO L 41 32.96 -22.08 -3.55
C PRO L 41 34.02 -23.02 -2.94
N ALA L 42 35.27 -23.06 -3.49
CA ALA L 42 36.39 -23.89 -2.98
C ALA L 42 37.66 -23.01 -2.82
N PRO L 43 37.77 -22.21 -1.73
CA PRO L 43 38.92 -21.29 -1.61
C PRO L 43 40.28 -21.97 -1.46
N ARG L 44 40.37 -23.07 -0.67
CA ARG L 44 41.63 -23.79 -0.43
C ARG L 44 42.22 -24.27 -1.74
N ALA L 45 41.41 -24.99 -2.54
CA ALA L 45 41.77 -25.49 -3.86
C ALA L 45 42.12 -24.36 -4.85
N ALA L 46 41.31 -23.26 -4.85
CA ALA L 46 41.49 -22.11 -5.73
C ALA L 46 42.80 -21.39 -5.45
N CYS L 47 43.10 -21.11 -4.19
CA CYS L 47 44.33 -20.45 -3.73
C CYS L 47 45.54 -21.30 -4.11
N ASP L 48 45.47 -22.62 -3.90
CA ASP L 48 46.56 -23.53 -4.26
C ASP L 48 46.80 -23.51 -5.79
N ALA L 49 45.72 -23.51 -6.60
CA ALA L 49 45.81 -23.47 -8.06
C ALA L 49 46.38 -22.12 -8.55
N LEU L 50 45.99 -21.02 -7.87
CA LEU L 50 46.50 -19.68 -8.17
C LEU L 50 48.01 -19.60 -7.85
N ASN L 51 48.46 -20.21 -6.74
CA ASN L 51 49.88 -20.13 -6.36
C ASN L 51 50.78 -20.97 -7.27
N ALA L 52 50.22 -22.05 -7.87
CA ALA L 52 50.94 -22.94 -8.78
C ALA L 52 51.45 -22.23 -10.05
N THR L 53 50.79 -21.11 -10.42
CA THR L 53 51.13 -20.32 -11.62
C THR L 53 52.45 -19.55 -11.46
N ASP L 54 52.87 -19.32 -10.20
CA ASP L 54 54.09 -18.61 -9.81
C ASP L 54 54.11 -17.18 -10.42
N GLY L 55 52.96 -16.50 -10.34
CA GLY L 55 52.82 -15.15 -10.83
C GLY L 55 52.40 -14.99 -12.28
N GLU L 56 52.63 -16.02 -13.14
CA GLU L 56 52.27 -15.98 -14.56
C GLU L 56 50.88 -16.59 -14.71
N LEU L 57 49.84 -15.75 -14.84
CA LEU L 57 48.49 -16.28 -14.92
C LEU L 57 48.22 -17.05 -16.20
N ASN L 58 49.09 -16.91 -17.24
CA ASN L 58 48.94 -17.67 -18.48
C ASN L 58 49.16 -19.18 -18.25
N ARG L 59 49.79 -19.53 -17.11
CA ARG L 59 50.03 -20.91 -16.72
C ARG L 59 48.70 -21.60 -16.24
N LEU L 60 47.57 -20.83 -16.13
CA LEU L 60 46.25 -21.38 -15.79
C LEU L 60 45.70 -22.21 -16.97
N LEU L 61 46.19 -21.91 -18.18
CA LEU L 61 45.79 -22.56 -19.41
C LEU L 61 46.67 -23.79 -19.62
N ALA L 62 46.11 -24.94 -19.22
CA ALA L 62 46.76 -26.24 -19.32
C ALA L 62 46.50 -26.83 -20.70
N ALA L 63 47.11 -28.00 -20.95
CA ALA L 63 46.94 -28.75 -22.18
C ALA L 63 45.54 -29.37 -22.17
N PRO L 64 44.75 -29.33 -23.28
CA PRO L 64 43.43 -29.99 -23.24
C PRO L 64 43.59 -31.52 -23.28
N ASP L 65 42.59 -32.24 -22.76
CA ASP L 65 42.59 -33.71 -22.77
C ASP L 65 42.85 -34.15 -24.22
N PRO L 66 43.76 -35.14 -24.45
CA PRO L 66 44.03 -35.55 -25.85
C PRO L 66 42.77 -35.90 -26.63
N SER L 67 41.78 -36.54 -25.96
CA SER L 67 40.53 -36.99 -26.57
C SER L 67 39.60 -35.85 -26.98
N LEU L 68 39.50 -34.79 -26.15
CA LEU L 68 38.57 -33.68 -26.41
C LEU L 68 38.66 -33.12 -27.81
N VAL L 69 37.48 -33.01 -28.42
CA VAL L 69 37.24 -32.45 -29.74
C VAL L 69 36.17 -31.37 -29.59
N CYS L 70 36.52 -30.13 -29.90
CA CYS L 70 35.58 -29.01 -29.82
C CYS L 70 35.09 -28.62 -31.19
N PRO L 71 33.75 -28.36 -31.33
CA PRO L 71 33.22 -27.88 -32.63
C PRO L 71 33.69 -26.45 -32.95
N MET L 72 33.78 -26.10 -34.25
CA MET L 72 34.22 -24.76 -34.61
C MET L 72 33.05 -23.84 -34.94
N TYR L 73 32.57 -23.19 -33.88
CA TYR L 73 31.55 -22.17 -33.90
C TYR L 73 32.16 -20.95 -33.20
N PHE L 74 31.79 -19.75 -33.59
CA PHE L 74 32.33 -18.54 -33.00
C PHE L 74 31.33 -17.95 -31.99
N ASP L 75 31.73 -17.89 -30.72
CA ASP L 75 30.96 -17.32 -29.59
C ASP L 75 31.97 -17.02 -28.49
N PRO L 76 32.78 -15.95 -28.68
CA PRO L 76 33.89 -15.68 -27.74
C PRO L 76 33.49 -15.49 -26.30
N VAL L 77 34.35 -15.98 -25.42
CA VAL L 77 34.24 -15.87 -23.95
C VAL L 77 35.62 -15.49 -23.44
N THR L 78 35.62 -14.54 -22.51
CA THR L 78 36.84 -14.02 -21.89
C THR L 78 36.82 -14.31 -20.39
N VAL L 79 37.97 -14.74 -19.87
CA VAL L 79 38.21 -14.98 -18.46
C VAL L 79 39.16 -13.87 -18.01
N THR L 80 38.87 -13.26 -16.85
CA THR L 80 39.67 -12.19 -16.28
C THR L 80 40.09 -12.48 -14.85
N ALA L 81 41.14 -11.77 -14.39
CA ALA L 81 41.70 -11.80 -13.03
C ALA L 81 42.23 -10.40 -12.72
N ASP L 82 41.70 -9.77 -11.68
CA ASP L 82 42.05 -8.40 -11.28
C ASP L 82 42.17 -8.32 -9.79
N GLY L 83 43.10 -7.50 -9.30
CA GLY L 83 43.31 -7.34 -7.86
C GLY L 83 44.76 -7.37 -7.45
N VAL L 84 45.03 -7.95 -6.27
CA VAL L 84 46.36 -8.08 -5.71
C VAL L 84 46.81 -9.52 -5.85
N LEU L 85 47.92 -9.71 -6.53
CA LEU L 85 48.54 -11.01 -6.77
C LEU L 85 49.95 -10.95 -6.23
N ASN L 86 50.23 -11.74 -5.15
CA ASN L 86 51.52 -11.79 -4.48
C ASN L 86 52.01 -10.38 -4.09
N GLY L 87 51.09 -9.58 -3.52
CA GLY L 87 51.35 -8.24 -3.02
C GLY L 87 51.52 -7.13 -4.03
N ARG L 88 51.20 -7.41 -5.30
CA ARG L 88 51.29 -6.43 -6.36
C ARG L 88 49.97 -6.39 -7.08
N ARG L 89 49.49 -5.18 -7.42
CA ARG L 89 48.24 -4.95 -8.16
C ARG L 89 48.41 -5.45 -9.61
N VAL L 90 47.49 -6.31 -10.08
CA VAL L 90 47.57 -6.91 -11.42
C VAL L 90 46.22 -6.86 -12.16
N ALA L 91 46.29 -7.09 -13.49
CA ALA L 91 45.17 -7.23 -14.41
C ALA L 91 45.54 -8.19 -15.54
N TRP L 92 44.76 -9.24 -15.71
CA TRP L 92 44.96 -10.26 -16.73
C TRP L 92 43.63 -10.68 -17.33
N LYS L 93 43.66 -11.00 -18.63
CA LYS L 93 42.51 -11.50 -19.38
C LYS L 93 42.98 -12.42 -20.52
N HIS L 94 42.10 -13.34 -20.92
CA HIS L 94 42.34 -14.27 -22.03
C HIS L 94 40.99 -14.60 -22.68
N THR L 95 40.90 -14.40 -24.01
CA THR L 95 39.69 -14.63 -24.81
C THR L 95 39.77 -15.97 -25.57
N PHE L 96 38.70 -16.79 -25.48
CA PHE L 96 38.56 -18.08 -26.18
C PHE L 96 37.52 -17.91 -27.28
N SER L 97 37.58 -18.72 -28.36
CA SER L 97 36.67 -18.63 -29.52
C SER L 97 35.27 -19.13 -29.22
N ASN L 98 35.13 -19.99 -28.19
CA ASN L 98 33.86 -20.51 -27.69
C ASN L 98 34.09 -21.12 -26.31
N THR L 99 32.98 -21.42 -25.61
CA THR L 99 32.91 -21.98 -24.26
C THR L 99 33.55 -23.37 -24.18
N CYS L 100 33.38 -24.22 -25.22
CA CYS L 100 33.97 -25.56 -25.29
C CYS L 100 35.49 -25.47 -25.20
N VAL L 101 36.13 -24.61 -26.03
CA VAL L 101 37.58 -24.38 -26.09
C VAL L 101 38.11 -23.94 -24.67
N MET L 102 37.32 -23.07 -24.01
CA MET L 102 37.60 -22.55 -22.69
C MET L 102 37.62 -23.65 -21.65
N SER L 103 36.60 -24.53 -21.66
CA SER L 103 36.51 -25.65 -20.74
C SER L 103 37.66 -26.63 -20.97
N ALA L 104 38.00 -26.91 -22.26
CA ALA L 104 39.05 -27.80 -22.71
C ALA L 104 40.43 -27.40 -22.17
N ASN L 105 40.79 -26.09 -22.36
CA ASN L 105 42.07 -25.48 -22.05
C ASN L 105 42.28 -25.14 -20.58
N LEU L 106 41.20 -24.80 -19.84
CA LEU L 106 41.27 -24.52 -18.41
C LEU L 106 41.40 -25.87 -17.64
N ASN L 107 40.78 -26.92 -18.22
CA ASN L 107 40.86 -28.29 -17.75
C ASN L 107 40.52 -28.40 -16.24
N SER L 108 39.31 -27.94 -15.87
CA SER L 108 38.75 -27.95 -14.51
C SER L 108 39.69 -27.30 -13.45
N ASN L 109 40.45 -26.26 -13.87
CA ASN L 109 41.32 -25.51 -12.99
C ASN L 109 40.48 -24.93 -11.84
N PRO L 110 40.82 -25.26 -10.58
CA PRO L 110 40.01 -24.79 -9.44
C PRO L 110 39.77 -23.28 -9.40
N VAL L 111 40.66 -22.46 -9.98
CA VAL L 111 40.46 -21.00 -9.99
C VAL L 111 39.12 -20.64 -10.66
N TYR L 112 38.82 -21.22 -11.84
CA TYR L 112 37.57 -20.90 -12.59
C TYR L 112 36.42 -21.93 -12.35
N ALA L 113 36.51 -22.64 -11.21
CA ALA L 113 35.50 -23.60 -10.78
C ALA L 113 34.51 -22.92 -9.83
N PHE L 114 33.83 -21.88 -10.35
CA PHE L 114 32.79 -21.14 -9.61
C PHE L 114 31.53 -20.95 -10.48
#